data_3EK5
#
_entry.id   3EK5
#
_cell.length_a   111.634
_cell.length_b   119.638
_cell.length_c   125.180
_cell.angle_alpha   90.00
_cell.angle_beta   90.00
_cell.angle_gamma   90.00
#
_symmetry.space_group_name_H-M   'P 21 21 21'
#
loop_
_entity.id
_entity.type
_entity.pdbx_description
1 polymer 'Uridylate kinase'
2 non-polymer "GUANOSINE-5'-TRIPHOSPHATE"
3 water water
#
_entity_poly.entity_id   1
_entity_poly.type   'polypeptide(L)'
_entity_poly.pdbx_seq_one_letter_code
;SNAMSELSYRRILLKLSGEALMGDGDYGIDPKVINRLAHEVIEAQQAGAQVALVIGGGNIFRGAGLAASGMDRVTGDHMG
MLATVINALAMQDALEKLGAKVRVMSAIKINDVCEDFIRRRAIRHLEKGRIAIFAAGTGNPFFTTDSGAALRAIEIGADL
LLKATKVDGVYDKDPKKHSDAVRYDSLTYDEVIMQGLEVMDTAAFALARDSDLPLRIFGMSEPGVLLRILHGAQIGTLVQ
GRS
;
_entity_poly.pdbx_strand_id   A,B,C,D,E,F
#
# COMPACT_ATOMS: atom_id res chain seq x y z
N ASN A 2 -7.95 42.50 7.19
CA ASN A 2 -7.93 41.10 7.72
C ASN A 2 -9.26 40.66 8.27
N ALA A 3 -10.20 41.60 8.28
CA ALA A 3 -11.57 41.30 8.65
C ALA A 3 -12.14 40.28 7.67
N MET A 4 -12.60 39.15 8.18
CA MET A 4 -13.14 38.11 7.32
C MET A 4 -14.40 38.54 6.56
N SER A 5 -14.91 39.71 6.90
CA SER A 5 -16.04 40.28 6.19
C SER A 5 -15.57 40.88 4.86
N GLU A 6 -14.26 41.08 4.71
CA GLU A 6 -13.71 41.64 3.47
C GLU A 6 -13.43 40.59 2.38
N LEU A 7 -13.56 39.32 2.72
CA LEU A 7 -13.25 38.25 1.78
C LEU A 7 -14.24 38.10 0.61
N SER A 8 -13.76 38.31 -0.58
CA SER A 8 -14.56 38.03 -1.75
C SER A 8 -14.47 36.57 -2.19
N TYR A 9 -13.50 35.83 -1.69
CA TYR A 9 -13.32 34.40 -1.96
C TYR A 9 -12.84 33.70 -0.72
N ARG A 10 -13.44 32.56 -0.38
CA ARG A 10 -13.09 31.90 0.87
C ARG A 10 -12.01 30.82 0.76
N ARG A 11 -12.24 29.88 -0.14
CA ARG A 11 -11.34 28.77 -0.34
C ARG A 11 -10.71 28.94 -1.73
N ILE A 12 -9.39 29.05 -1.79
CA ILE A 12 -8.76 29.25 -3.09
C ILE A 12 -7.67 28.22 -3.38
N LEU A 13 -7.39 28.05 -4.67
CA LEU A 13 -6.30 27.21 -5.07
C LEU A 13 -5.48 28.09 -5.95
N LEU A 14 -4.22 28.21 -5.61
CA LEU A 14 -3.32 29.06 -6.35
C LEU A 14 -2.35 28.17 -7.13
N LYS A 15 -2.20 28.43 -8.42
CA LYS A 15 -1.41 27.58 -9.29
C LYS A 15 -0.28 28.34 -9.95
N LEU A 16 0.93 27.81 -9.87
CA LEU A 16 2.09 28.43 -10.52
C LEU A 16 2.86 27.41 -11.33
N SER A 17 3.59 27.89 -12.31
CA SER A 17 4.45 27.01 -13.04
C SER A 17 5.74 26.81 -12.24
N GLY A 18 6.34 25.63 -12.32
CA GLY A 18 7.60 25.36 -11.63
C GLY A 18 8.69 26.38 -11.92
N GLU A 19 8.69 26.91 -13.14
CA GLU A 19 9.67 27.90 -13.55
C GLU A 19 9.62 29.18 -12.70
N ALA A 20 8.48 29.45 -12.10
CA ALA A 20 8.38 30.64 -11.29
C ALA A 20 9.37 30.55 -10.16
N LEU A 21 9.51 29.40 -9.53
CA LEU A 21 10.44 29.28 -8.42
C LEU A 21 11.91 29.52 -8.84
N MET A 22 12.12 29.61 -10.14
CA MET A 22 13.48 29.74 -10.60
C MET A 22 14.05 31.12 -10.38
N GLY A 23 13.23 32.15 -10.51
CA GLY A 23 13.72 33.52 -10.43
C GLY A 23 14.74 33.78 -11.52
N ASP A 24 15.94 34.21 -11.16
CA ASP A 24 16.90 34.62 -12.18
C ASP A 24 17.80 33.46 -12.63
N GLY A 25 17.98 32.48 -11.74
CA GLY A 25 18.75 31.28 -12.02
C GLY A 25 18.14 30.49 -13.16
N ASP A 26 18.81 29.43 -13.57
CA ASP A 26 18.34 28.63 -14.71
C ASP A 26 17.88 27.28 -14.25
N TYR A 27 17.78 27.11 -12.95
CA TYR A 27 17.44 25.82 -12.40
C TYR A 27 16.96 25.88 -10.98
N GLY A 28 16.09 24.95 -10.62
CA GLY A 28 15.75 24.73 -9.23
C GLY A 28 15.04 25.88 -8.54
N ILE A 29 15.40 26.13 -7.29
CA ILE A 29 14.63 27.08 -6.50
C ILE A 29 15.40 28.32 -6.05
N ASP A 30 14.88 29.48 -6.36
CA ASP A 30 15.47 30.69 -5.86
C ASP A 30 14.90 30.94 -4.45
N PRO A 31 15.75 30.89 -3.42
CA PRO A 31 15.19 31.01 -2.07
C PRO A 31 14.56 32.39 -1.90
N LYS A 32 15.02 33.34 -2.67
CA LYS A 32 14.45 34.64 -2.61
C LYS A 32 13.00 34.56 -3.05
N VAL A 33 12.78 33.84 -4.15
CA VAL A 33 11.44 33.65 -4.73
C VAL A 33 10.53 32.81 -3.83
N ILE A 34 11.07 31.70 -3.34
CA ILE A 34 10.35 30.82 -2.44
C ILE A 34 9.86 31.54 -1.19
N ASN A 35 10.64 32.50 -0.68
CA ASN A 35 10.27 33.21 0.54
C ASN A 35 9.14 34.17 0.29
N ARG A 36 9.23 34.91 -0.81
CA ARG A 36 8.22 35.88 -1.10
C ARG A 36 6.89 35.19 -1.38
N LEU A 37 6.94 34.01 -1.98
CA LEU A 37 5.73 33.29 -2.28
C LEU A 37 5.14 32.90 -0.95
N ALA A 38 5.97 32.36 -0.07
CA ALA A 38 5.50 31.91 1.23
C ALA A 38 4.85 33.05 1.99
N HIS A 39 5.44 34.25 1.88
CA HIS A 39 4.94 35.41 2.59
C HIS A 39 3.58 35.83 2.05
N GLU A 40 3.44 35.81 0.73
CA GLU A 40 2.16 36.09 0.10
C GLU A 40 1.10 35.10 0.55
N VAL A 41 1.46 33.83 0.66
CA VAL A 41 0.50 32.79 1.00
C VAL A 41 0.00 32.95 2.42
N ILE A 42 0.95 33.13 3.33
CA ILE A 42 0.67 33.36 4.76
C ILE A 42 -0.18 34.60 4.94
N GLU A 43 0.06 35.60 4.11
CA GLU A 43 -0.71 36.81 4.18
C GLU A 43 -2.17 36.50 3.83
N ALA A 44 -2.39 35.68 2.81
CA ALA A 44 -3.72 35.26 2.43
C ALA A 44 -4.38 34.42 3.52
N GLN A 45 -3.62 33.56 4.15
CA GLN A 45 -4.19 32.74 5.17
C GLN A 45 -4.65 33.62 6.35
N GLN A 46 -3.88 34.66 6.65
CA GLN A 46 -4.22 35.54 7.75
C GLN A 46 -5.48 36.38 7.51
N ALA A 47 -5.77 36.68 6.24
CA ALA A 47 -6.98 37.37 5.90
C ALA A 47 -8.18 36.48 6.11
N GLY A 48 -7.95 35.23 6.46
CA GLY A 48 -9.04 34.24 6.65
C GLY A 48 -9.23 33.23 5.51
N ALA A 49 -8.36 33.27 4.50
CA ALA A 49 -8.49 32.33 3.38
C ALA A 49 -8.05 30.90 3.69
N GLN A 50 -8.66 29.96 2.97
CA GLN A 50 -8.24 28.58 2.99
C GLN A 50 -7.53 28.41 1.69
N VAL A 51 -6.26 28.07 1.80
CA VAL A 51 -5.35 28.13 0.67
C VAL A 51 -4.81 26.79 0.22
N ALA A 52 -5.03 26.50 -1.06
CA ALA A 52 -4.46 25.33 -1.69
C ALA A 52 -3.44 25.80 -2.72
N LEU A 53 -2.41 24.99 -2.93
CA LEU A 53 -1.26 25.39 -3.73
C LEU A 53 -0.88 24.29 -4.71
N VAL A 54 -0.54 24.69 -5.93
CA VAL A 54 -0.11 23.75 -6.94
C VAL A 54 1.02 24.34 -7.75
N ILE A 55 2.22 23.78 -7.65
CA ILE A 55 3.35 24.31 -8.38
C ILE A 55 3.92 23.25 -9.32
N GLY A 56 4.19 23.64 -10.55
CA GLY A 56 4.67 22.70 -11.52
C GLY A 56 6.10 22.31 -11.24
N GLY A 57 6.67 21.48 -12.13
CA GLY A 57 7.97 20.86 -11.87
C GLY A 57 9.01 21.28 -12.87
N GLY A 58 8.60 22.17 -13.76
CA GLY A 58 9.41 22.57 -14.90
C GLY A 58 10.75 23.15 -14.47
N ASN A 59 10.83 23.72 -13.26
CA ASN A 59 12.14 24.21 -12.78
C ASN A 59 13.18 23.10 -12.57
N ILE A 60 12.72 21.85 -12.44
CA ILE A 60 13.64 20.76 -12.08
C ILE A 60 13.74 19.74 -13.20
N PHE A 61 12.60 19.43 -13.79
CA PHE A 61 12.58 18.65 -15.01
C PHE A 61 12.82 19.58 -16.19
N ARG A 62 14.08 19.92 -16.41
CA ARG A 62 14.47 20.74 -17.53
C ARG A 62 15.93 20.45 -17.85
N GLY A 63 16.40 20.89 -19.02
CA GLY A 63 17.77 20.65 -19.48
C GLY A 63 17.76 19.55 -20.52
N ALA A 64 18.73 19.57 -21.44
CA ALA A 64 18.82 18.54 -22.49
C ALA A 64 18.85 17.12 -21.91
N GLY A 65 19.53 16.98 -20.78
CA GLY A 65 19.69 15.71 -20.11
C GLY A 65 18.44 15.11 -19.49
N LEU A 66 17.63 15.93 -18.82
CA LEU A 66 16.45 15.40 -18.17
C LEU A 66 15.31 15.40 -19.16
N ALA A 67 14.97 16.58 -19.66
CA ALA A 67 13.89 16.74 -20.62
C ALA A 67 14.41 16.67 -22.05
N ALA A 68 14.93 15.50 -22.43
CA ALA A 68 15.48 15.29 -23.79
C ALA A 68 14.38 15.04 -24.82
N SER A 69 14.40 15.83 -25.90
CA SER A 69 13.36 15.80 -26.97
C SER A 69 12.82 14.43 -27.38
N GLY A 70 13.66 13.42 -27.38
CA GLY A 70 13.22 12.10 -27.81
C GLY A 70 13.12 11.07 -26.71
N MET A 71 12.81 11.50 -25.49
CA MET A 71 12.67 10.53 -24.42
C MET A 71 11.23 10.01 -24.30
N ASP A 72 11.07 8.93 -23.56
CA ASP A 72 9.74 8.38 -23.31
C ASP A 72 8.83 9.37 -22.58
N ARG A 73 7.72 9.69 -23.22
CA ARG A 73 6.81 10.72 -22.74
C ARG A 73 6.34 10.46 -21.32
N VAL A 74 6.05 9.21 -21.00
CA VAL A 74 5.55 8.85 -19.70
C VAL A 74 6.61 8.98 -18.61
N THR A 75 7.78 8.39 -18.82
CA THR A 75 8.82 8.53 -17.83
C THR A 75 9.12 10.03 -17.67
N GLY A 76 9.08 10.79 -18.75
CA GLY A 76 9.22 12.22 -18.67
C GLY A 76 8.20 12.82 -17.69
N ASP A 77 6.94 12.38 -17.82
CA ASP A 77 5.87 12.95 -16.98
C ASP A 77 6.07 12.56 -15.53
N HIS A 78 6.52 11.33 -15.32
CA HIS A 78 6.81 10.86 -13.96
C HIS A 78 7.93 11.72 -13.40
N MET A 79 8.92 12.02 -14.22
CA MET A 79 10.00 12.89 -13.76
C MET A 79 9.38 14.19 -13.27
N GLY A 80 8.51 14.79 -14.08
CA GLY A 80 7.89 16.05 -13.67
C GLY A 80 7.11 15.90 -12.39
N MET A 81 6.40 14.79 -12.27
CA MET A 81 5.67 14.53 -11.07
C MET A 81 6.58 14.54 -9.87
N LEU A 82 7.73 13.86 -9.97
CA LEU A 82 8.66 13.79 -8.85
C LEU A 82 9.29 15.17 -8.58
N ALA A 83 9.48 15.97 -9.62
CA ALA A 83 9.97 17.34 -9.47
C ALA A 83 8.99 18.14 -8.62
N THR A 84 7.73 17.92 -8.92
CA THR A 84 6.64 18.56 -8.22
C THR A 84 6.64 18.21 -6.76
N VAL A 85 7.08 17.00 -6.42
CA VAL A 85 7.06 16.63 -5.02
C VAL A 85 8.18 17.36 -4.32
N ILE A 86 9.27 17.59 -5.03
CA ILE A 86 10.42 18.27 -4.44
C ILE A 86 10.07 19.72 -4.15
N ASN A 87 9.49 20.41 -5.12
CA ASN A 87 9.03 21.81 -4.93
C ASN A 87 8.13 21.96 -3.72
N ALA A 88 7.17 21.05 -3.60
CA ALA A 88 6.17 21.08 -2.53
C ALA A 88 6.81 20.94 -1.15
N LEU A 89 7.81 20.08 -1.04
CA LEU A 89 8.56 19.93 0.19
C LEU A 89 9.34 21.21 0.51
N ALA A 90 9.95 21.80 -0.51
CA ALA A 90 10.61 23.07 -0.28
C ALA A 90 9.60 24.07 0.30
N MET A 91 8.39 24.10 -0.28
CA MET A 91 7.38 25.06 0.13
C MET A 91 6.96 24.73 1.54
N GLN A 92 6.92 23.44 1.81
CA GLN A 92 6.48 23.02 3.11
C GLN A 92 7.43 23.54 4.19
N ASP A 93 8.72 23.51 3.89
CA ASP A 93 9.72 23.90 4.84
C ASP A 93 9.77 25.42 5.04
N ALA A 94 9.59 26.19 3.97
CA ALA A 94 9.56 27.64 4.05
C ALA A 94 8.33 28.17 4.77
N LEU A 95 7.17 27.58 4.46
CA LEU A 95 5.94 27.97 5.13
C LEU A 95 5.91 27.59 6.62
N GLU A 96 6.50 26.46 6.95
CA GLU A 96 6.42 26.00 8.32
C GLU A 96 7.32 26.81 9.22
N LYS A 97 8.42 27.26 8.64
CA LYS A 97 9.37 28.12 9.31
C LYS A 97 8.80 29.48 9.63
N LEU A 98 7.76 29.90 8.90
CA LEU A 98 7.02 31.12 9.23
C LEU A 98 5.76 30.84 10.05
N GLY A 99 5.68 29.64 10.63
CA GLY A 99 4.57 29.32 11.54
C GLY A 99 3.29 28.72 10.95
N ALA A 100 3.24 28.60 9.62
CA ALA A 100 2.09 27.99 8.96
C ALA A 100 2.05 26.48 9.21
N LYS A 101 0.86 25.90 9.20
CA LYS A 101 0.75 24.45 9.27
C LYS A 101 0.42 23.91 7.88
N VAL A 102 1.28 23.04 7.37
CA VAL A 102 1.20 22.64 5.98
C VAL A 102 0.91 21.16 5.84
N ARG A 103 0.27 20.79 4.74
CA ARG A 103 0.05 19.38 4.44
C ARG A 103 0.27 19.15 2.96
N VAL A 104 1.35 18.47 2.61
CA VAL A 104 1.61 18.12 1.22
C VAL A 104 0.84 16.86 0.90
N MET A 105 0.13 16.84 -0.23
CA MET A 105 -0.63 15.66 -0.66
C MET A 105 -0.34 15.34 -2.12
N SER A 106 -0.03 14.09 -2.41
CA SER A 106 0.44 13.70 -3.72
C SER A 106 -0.55 12.83 -4.48
N ALA A 107 -0.67 13.01 -5.77
CA ALA A 107 -1.60 12.21 -6.56
C ALA A 107 -1.09 10.79 -6.80
N ILE A 108 0.21 10.57 -6.60
CA ILE A 108 0.76 9.21 -6.60
C ILE A 108 1.37 8.92 -5.23
N LYS A 109 1.20 7.68 -4.75
CA LYS A 109 1.59 7.33 -3.38
C LYS A 109 3.08 7.38 -3.14
N ILE A 110 3.52 8.26 -2.24
CA ILE A 110 4.92 8.33 -1.81
C ILE A 110 4.90 8.56 -0.32
N ASN A 111 4.28 7.64 0.39
CA ASN A 111 3.97 7.85 1.81
C ASN A 111 5.00 8.11 2.77
N ASP A 112 6.31 7.68 2.49
CA ASP A 112 7.40 8.06 3.35
C ASP A 112 7.29 9.63 3.31
N VAL A 113 7.22 10.15 2.14
CA VAL A 113 7.56 11.54 1.87
C VAL A 113 6.41 12.53 2.15
N CYS A 114 5.17 12.09 2.03
CA CYS A 114 4.04 12.95 2.27
C CYS A 114 2.81 12.11 2.15
N GLU A 115 1.69 12.62 2.65
CA GLU A 115 0.46 11.85 2.58
C GLU A 115 -0.09 11.88 1.18
N ASP A 116 -0.92 10.91 0.82
CA ASP A 116 -1.43 10.96 -0.54
C ASP A 116 -2.75 11.69 -0.58
N PHE A 117 -3.06 12.24 -1.73
CA PHE A 117 -4.30 12.94 -1.85
C PHE A 117 -5.56 12.10 -1.54
N ILE A 118 -6.32 12.51 -0.55
CA ILE A 118 -7.67 12.02 -0.31
C ILE A 118 -8.62 13.22 -0.20
N ARG A 119 -9.60 13.31 -1.10
CA ARG A 119 -10.50 14.46 -1.14
C ARG A 119 -11.01 14.88 0.24
N ARG A 120 -11.68 13.95 0.92
CA ARG A 120 -12.27 14.27 2.20
C ARG A 120 -11.23 14.72 3.20
N ARG A 121 -10.01 14.16 3.14
CA ARG A 121 -8.94 14.63 4.01
C ARG A 121 -8.49 16.04 3.65
N ALA A 122 -8.30 16.28 2.36
CA ALA A 122 -7.81 17.55 1.91
C ALA A 122 -8.75 18.65 2.38
N ILE A 123 -10.04 18.36 2.34
CA ILE A 123 -11.04 19.35 2.70
C ILE A 123 -10.92 19.62 4.19
N ARG A 124 -10.90 18.57 4.99
CA ARG A 124 -10.77 18.73 6.43
C ARG A 124 -9.55 19.58 6.82
N HIS A 125 -8.45 19.42 6.09
CA HIS A 125 -7.24 20.20 6.36
C HIS A 125 -7.50 21.66 6.07
N LEU A 126 -8.20 21.93 4.98
CA LEU A 126 -8.59 23.31 4.69
C LEU A 126 -9.47 23.86 5.82
N GLU A 127 -10.42 23.05 6.28
CA GLU A 127 -11.26 23.48 7.37
C GLU A 127 -10.43 23.83 8.61
N LYS A 128 -9.49 22.99 8.96
CA LYS A 128 -8.71 23.19 10.16
C LYS A 128 -7.71 24.32 10.02
N GLY A 129 -7.72 25.01 8.89
CA GLY A 129 -6.85 26.15 8.69
C GLY A 129 -5.46 25.84 8.13
N ARG A 130 -5.28 24.62 7.62
CA ARG A 130 -4.01 24.23 7.00
C ARG A 130 -3.89 24.62 5.55
N ILE A 131 -2.67 24.86 5.11
CA ILE A 131 -2.37 25.11 3.70
C ILE A 131 -2.17 23.74 3.02
N ALA A 132 -2.92 23.51 1.95
CA ALA A 132 -2.81 22.26 1.20
C ALA A 132 -1.91 22.48 -0.01
N ILE A 133 -0.90 21.63 -0.16
CA ILE A 133 0.01 21.69 -1.33
C ILE A 133 -0.12 20.38 -2.12
N PHE A 134 -0.57 20.46 -3.37
CA PHE A 134 -0.92 19.28 -4.14
C PHE A 134 0.15 19.02 -5.14
N ALA A 135 0.67 17.80 -5.14
CA ALA A 135 1.77 17.47 -6.03
C ALA A 135 1.39 16.34 -7.00
N ALA A 136 2.14 16.25 -8.11
CA ALA A 136 1.98 15.19 -9.11
C ALA A 136 0.69 15.17 -9.96
N GLY A 137 0.12 16.35 -10.22
CA GLY A 137 -1.02 16.50 -11.10
C GLY A 137 -2.17 15.61 -10.71
N THR A 138 -2.68 14.81 -11.67
CA THR A 138 -3.83 13.95 -11.46
C THR A 138 -3.30 12.55 -11.23
N GLY A 139 -1.99 12.46 -11.28
CA GLY A 139 -1.41 11.14 -11.11
C GLY A 139 -1.31 10.37 -12.41
N ASN A 140 -1.79 10.93 -13.51
CA ASN A 140 -1.65 10.32 -14.85
C ASN A 140 -0.77 11.14 -15.76
N PRO A 141 -0.02 10.45 -16.64
CA PRO A 141 0.75 11.12 -17.69
C PRO A 141 -0.18 11.76 -18.72
N PHE A 142 0.36 12.62 -19.59
CA PHE A 142 -0.45 13.29 -20.61
C PHE A 142 -1.42 14.33 -20.07
N PHE A 143 -1.42 14.58 -18.78
CA PHE A 143 -2.27 15.65 -18.26
C PHE A 143 -1.37 16.79 -17.80
N THR A 144 -1.72 18.03 -18.15
CA THR A 144 -0.91 19.20 -17.73
C THR A 144 -1.07 19.51 -16.24
N THR A 145 -0.18 20.33 -15.71
CA THR A 145 -0.33 20.81 -14.37
C THR A 145 -1.65 21.49 -14.23
N ASP A 146 -2.01 22.30 -15.22
CA ASP A 146 -3.28 23.02 -15.17
C ASP A 146 -4.43 22.05 -14.95
N SER A 147 -4.35 20.87 -15.56
CA SER A 147 -5.40 19.86 -15.41
C SER A 147 -5.54 19.36 -13.98
N GLY A 148 -4.40 19.04 -13.34
CA GLY A 148 -4.38 18.67 -11.92
C GLY A 148 -4.91 19.81 -11.07
N ALA A 149 -4.59 21.03 -11.48
CA ALA A 149 -5.02 22.17 -10.67
C ALA A 149 -6.54 22.31 -10.71
N ALA A 150 -7.13 22.20 -11.90
CA ALA A 150 -8.58 22.37 -11.98
C ALA A 150 -9.29 21.22 -11.28
N LEU A 151 -8.78 20.00 -11.45
CA LEU A 151 -9.34 18.86 -10.76
C LEU A 151 -9.38 19.10 -9.24
N ARG A 152 -8.24 19.51 -8.67
CA ARG A 152 -8.15 19.67 -7.22
C ARG A 152 -9.11 20.77 -6.79
N ALA A 153 -9.18 21.83 -7.58
CA ALA A 153 -10.05 22.96 -7.24
C ALA A 153 -11.50 22.52 -7.12
N ILE A 154 -11.96 21.78 -8.13
CA ILE A 154 -13.31 21.29 -8.10
C ILE A 154 -13.47 20.36 -6.93
N GLU A 155 -12.51 19.47 -6.73
CA GLU A 155 -12.60 18.47 -5.67
C GLU A 155 -12.65 19.05 -4.27
N ILE A 156 -11.97 20.16 -4.03
CA ILE A 156 -12.03 20.78 -2.71
C ILE A 156 -13.11 21.86 -2.58
N GLY A 157 -13.91 22.08 -3.62
CA GLY A 157 -14.99 23.05 -3.56
C GLY A 157 -14.49 24.50 -3.58
N ALA A 158 -13.29 24.73 -4.11
CA ALA A 158 -12.73 26.08 -4.19
C ALA A 158 -13.68 27.10 -4.79
N ASP A 159 -13.63 28.32 -4.26
CA ASP A 159 -14.38 29.47 -4.79
C ASP A 159 -13.67 30.13 -5.94
N LEU A 160 -12.41 29.76 -6.17
CA LEU A 160 -11.60 30.38 -7.20
C LEU A 160 -10.31 29.63 -7.46
N LEU A 161 -9.99 29.46 -8.75
CA LEU A 161 -8.67 28.97 -9.17
C LEU A 161 -7.90 30.13 -9.77
N LEU A 162 -6.79 30.44 -9.12
CA LEU A 162 -5.93 31.54 -9.55
C LEU A 162 -4.74 30.94 -10.27
N LYS A 163 -4.63 31.23 -11.56
CA LYS A 163 -3.46 30.81 -12.32
C LYS A 163 -2.57 32.02 -12.56
N ALA A 164 -1.37 31.98 -12.00
CA ALA A 164 -0.38 33.02 -12.17
C ALA A 164 0.45 32.75 -13.44
N THR A 165 0.59 33.75 -14.31
CA THR A 165 1.34 33.59 -15.56
C THR A 165 2.24 34.82 -15.78
N LYS A 166 2.89 34.92 -16.95
CA LYS A 166 3.74 36.09 -17.25
C LYS A 166 2.87 37.27 -17.56
N VAL A 167 1.92 37.07 -18.46
CA VAL A 167 0.95 38.12 -18.82
C VAL A 167 -0.08 38.38 -17.71
N ASP A 168 -0.43 39.65 -17.50
CA ASP A 168 -1.23 40.06 -16.34
C ASP A 168 -2.74 39.98 -16.55
N GLY A 169 -3.17 39.05 -17.39
CA GLY A 169 -4.60 38.86 -17.64
C GLY A 169 -4.83 38.26 -19.02
N VAL A 170 -6.05 38.40 -19.53
CA VAL A 170 -6.37 38.00 -20.89
C VAL A 170 -6.77 39.21 -21.69
N TYR A 171 -6.02 39.52 -22.74
CA TYR A 171 -6.29 40.70 -23.55
C TYR A 171 -7.12 40.36 -24.78
N ASP A 172 -7.86 41.34 -25.28
CA ASP A 172 -8.65 41.15 -26.49
C ASP A 172 -7.74 40.86 -27.69
N LYS A 173 -6.52 41.38 -27.64
CA LYS A 173 -5.56 41.17 -28.71
C LYS A 173 -4.14 41.12 -28.14
N ASP A 174 -3.21 40.56 -28.91
CA ASP A 174 -1.81 40.47 -28.49
C ASP A 174 -1.27 41.89 -28.22
N PRO A 175 -0.99 42.20 -26.94
CA PRO A 175 -0.57 43.55 -26.54
C PRO A 175 0.83 43.88 -27.06
N LYS A 176 1.63 42.84 -27.27
CA LYS A 176 2.95 42.93 -27.90
C LYS A 176 2.82 43.22 -29.39
N LYS A 177 1.59 43.28 -29.89
CA LYS A 177 1.38 43.52 -31.32
C LYS A 177 0.31 44.57 -31.56
N HIS A 178 -0.45 44.90 -30.52
CA HIS A 178 -1.45 45.93 -30.66
C HIS A 178 -1.49 46.86 -29.46
N SER A 179 -1.24 48.14 -29.71
CA SER A 179 -1.14 49.15 -28.68
C SER A 179 -2.51 49.48 -28.09
N ASP A 180 -3.56 49.12 -28.82
CA ASP A 180 -4.92 49.41 -28.42
C ASP A 180 -5.52 48.25 -27.62
N ALA A 181 -4.80 47.12 -27.61
CA ALA A 181 -5.19 45.94 -26.85
C ALA A 181 -5.64 46.27 -25.43
N VAL A 182 -6.69 45.59 -24.96
CA VAL A 182 -7.20 45.83 -23.62
C VAL A 182 -7.34 44.55 -22.77
N ARG A 183 -7.16 44.69 -21.47
CA ARG A 183 -7.29 43.56 -20.60
C ARG A 183 -8.76 43.41 -20.16
N TYR A 184 -9.35 42.26 -20.41
CA TYR A 184 -10.69 41.98 -19.90
C TYR A 184 -10.72 41.94 -18.38
N ASP A 185 -11.79 42.47 -17.79
CA ASP A 185 -11.98 42.34 -16.35
C ASP A 185 -12.57 40.96 -16.14
N SER A 186 -13.35 40.51 -17.11
CA SER A 186 -13.99 39.22 -17.00
C SER A 186 -14.42 38.71 -18.36
N LEU A 187 -14.68 37.41 -18.42
CA LEU A 187 -15.06 36.73 -19.65
C LEU A 187 -15.83 35.49 -19.25
N THR A 188 -16.82 35.10 -20.06
CA THR A 188 -17.44 33.81 -19.82
C THR A 188 -16.58 32.74 -20.46
N TYR A 189 -16.79 31.49 -20.03
CA TYR A 189 -16.05 30.35 -20.56
C TYR A 189 -16.27 30.30 -22.05
N ASP A 190 -17.48 30.66 -22.45
CA ASP A 190 -17.87 30.60 -23.84
C ASP A 190 -17.16 31.64 -24.68
N GLU A 191 -17.16 32.87 -24.22
CA GLU A 191 -16.53 33.96 -24.93
C GLU A 191 -15.06 33.62 -25.19
N VAL A 192 -14.42 32.88 -24.27
CA VAL A 192 -13.02 32.50 -24.47
C VAL A 192 -12.86 31.56 -25.68
N ILE A 193 -13.71 30.54 -25.73
CA ILE A 193 -13.71 29.57 -26.80
C ILE A 193 -13.98 30.29 -28.10
N MET A 194 -15.06 31.04 -28.11
CA MET A 194 -15.50 31.77 -29.29
C MET A 194 -14.39 32.68 -29.84
N GLN A 195 -13.74 33.42 -28.97
CA GLN A 195 -12.69 34.33 -29.42
C GLN A 195 -11.33 33.66 -29.60
N GLY A 196 -11.29 32.33 -29.58
CA GLY A 196 -10.04 31.58 -29.65
C GLY A 196 -8.92 32.08 -28.74
N LEU A 197 -9.23 32.39 -27.48
CA LEU A 197 -8.20 32.85 -26.57
C LEU A 197 -7.61 31.69 -25.77
N GLU A 198 -6.30 31.68 -25.62
CA GLU A 198 -5.63 30.69 -24.80
C GLU A 198 -5.72 30.98 -23.29
N VAL A 199 -6.25 30.05 -22.51
CA VAL A 199 -6.28 30.24 -21.07
C VAL A 199 -5.66 29.03 -20.37
N MET A 200 -6.08 27.83 -20.79
CA MET A 200 -5.46 26.57 -20.38
C MET A 200 -5.55 25.69 -21.59
N ASP A 201 -4.80 24.59 -21.64
CA ASP A 201 -4.99 23.60 -22.71
C ASP A 201 -6.42 23.09 -22.76
N THR A 202 -6.87 22.71 -23.95
CA THR A 202 -8.24 22.28 -24.15
C THR A 202 -8.85 21.36 -23.07
N ALA A 203 -8.16 20.26 -22.73
CA ALA A 203 -8.64 19.32 -21.70
C ALA A 203 -8.86 19.94 -20.28
N ALA A 204 -7.91 20.74 -19.80
CA ALA A 204 -8.05 21.40 -18.51
C ALA A 204 -9.14 22.48 -18.52
N PHE A 205 -9.28 23.17 -19.65
CA PHE A 205 -10.30 24.22 -19.77
C PHE A 205 -11.68 23.58 -19.70
N ALA A 206 -11.89 22.50 -20.44
CA ALA A 206 -13.18 21.82 -20.42
C ALA A 206 -13.64 21.37 -19.03
N LEU A 207 -12.68 20.86 -18.25
CA LEU A 207 -12.91 20.30 -16.93
C LEU A 207 -13.32 21.40 -15.98
N ALA A 208 -12.63 22.53 -16.11
CA ALA A 208 -12.96 23.75 -15.39
C ALA A 208 -14.31 24.25 -15.83
N ARG A 209 -14.51 24.32 -17.13
CA ARG A 209 -15.78 24.73 -17.69
C ARG A 209 -16.95 23.81 -17.30
N ASP A 210 -16.70 22.50 -17.24
CA ASP A 210 -17.77 21.58 -16.89
C ASP A 210 -18.36 21.93 -15.54
N SER A 211 -17.53 22.27 -14.58
CA SER A 211 -17.99 22.56 -13.24
C SER A 211 -18.15 24.06 -12.94
N ASP A 212 -18.06 24.91 -13.96
CA ASP A 212 -18.07 26.35 -13.78
C ASP A 212 -17.12 26.84 -12.68
N LEU A 213 -15.89 26.35 -12.73
CA LEU A 213 -14.91 26.80 -11.79
C LEU A 213 -14.52 28.24 -12.11
N PRO A 214 -14.69 29.14 -11.16
CA PRO A 214 -14.20 30.48 -11.41
C PRO A 214 -12.69 30.48 -11.55
N LEU A 215 -12.20 31.09 -12.61
CA LEU A 215 -10.78 31.18 -12.86
C LEU A 215 -10.38 32.62 -12.83
N ARG A 216 -9.20 32.89 -12.28
CA ARG A 216 -8.60 34.21 -12.34
C ARG A 216 -7.15 34.13 -12.84
N ILE A 217 -6.95 34.68 -14.03
CA ILE A 217 -5.68 34.66 -14.72
C ILE A 217 -5.01 35.98 -14.43
N PHE A 218 -3.87 35.93 -13.75
CA PHE A 218 -3.22 37.17 -13.40
C PHE A 218 -1.75 36.97 -13.29
N GLY A 219 -1.05 38.08 -13.10
CA GLY A 219 0.38 38.05 -12.88
C GLY A 219 0.75 38.48 -11.48
N MET A 220 1.48 37.62 -10.76
CA MET A 220 2.08 37.96 -9.45
C MET A 220 3.31 38.87 -9.53
N SER A 221 3.20 39.97 -10.26
CA SER A 221 4.27 40.94 -10.42
C SER A 221 4.75 41.60 -9.11
N GLU A 222 3.82 42.16 -8.33
CA GLU A 222 4.23 42.87 -7.11
C GLU A 222 3.60 42.31 -5.85
N PRO A 223 4.29 42.47 -4.71
CA PRO A 223 3.71 42.04 -3.44
C PRO A 223 2.31 42.61 -3.17
N GLY A 224 1.47 41.81 -2.54
CA GLY A 224 0.18 42.25 -2.09
C GLY A 224 -0.92 41.99 -3.09
N VAL A 225 -0.58 41.50 -4.28
CA VAL A 225 -1.58 41.36 -5.31
C VAL A 225 -2.64 40.29 -5.00
N LEU A 226 -2.20 39.24 -4.33
CA LEU A 226 -3.07 38.16 -3.92
C LEU A 226 -4.08 38.56 -2.82
N LEU A 227 -3.63 39.33 -1.85
CA LEU A 227 -4.50 39.81 -0.83
C LEU A 227 -5.53 40.82 -1.42
N ARG A 228 -5.10 41.66 -2.35
CA ARG A 228 -6.01 42.53 -3.04
C ARG A 228 -7.05 41.75 -3.83
N ILE A 229 -6.62 40.75 -4.58
CA ILE A 229 -7.59 39.93 -5.28
C ILE A 229 -8.64 39.36 -4.31
N LEU A 230 -8.18 38.83 -3.20
CA LEU A 230 -9.04 38.25 -2.21
C LEU A 230 -10.02 39.26 -1.60
N HIS A 231 -9.64 40.54 -1.61
CA HIS A 231 -10.52 41.57 -1.09
C HIS A 231 -11.40 42.19 -2.19
N GLY A 232 -11.38 41.63 -3.38
CA GLY A 232 -12.28 42.04 -4.43
C GLY A 232 -11.68 42.81 -5.60
N ALA A 233 -10.37 43.06 -5.54
CA ALA A 233 -9.73 43.85 -6.57
C ALA A 233 -9.93 43.26 -7.96
N GLN A 234 -10.17 44.12 -8.93
CA GLN A 234 -10.29 43.66 -10.31
C GLN A 234 -8.90 43.49 -10.96
N ILE A 235 -8.18 42.44 -10.60
CA ILE A 235 -6.84 42.27 -11.11
C ILE A 235 -6.80 41.03 -11.95
N GLY A 236 -6.09 41.11 -13.07
CA GLY A 236 -6.11 40.06 -14.05
C GLY A 236 -7.46 39.96 -14.74
N THR A 237 -7.82 38.75 -15.16
CA THR A 237 -9.06 38.48 -15.83
C THR A 237 -9.80 37.38 -15.11
N LEU A 238 -11.11 37.53 -15.00
CA LEU A 238 -11.94 36.54 -14.35
C LEU A 238 -12.71 35.76 -15.41
N VAL A 239 -12.57 34.44 -15.39
CA VAL A 239 -13.32 33.60 -16.31
C VAL A 239 -14.35 32.84 -15.54
N GLN A 240 -15.60 32.97 -15.94
CA GLN A 240 -16.68 32.35 -15.23
C GLN A 240 -17.98 32.46 -16.00
N GLY A 241 -18.82 31.45 -15.93
CA GLY A 241 -20.17 31.52 -16.50
C GLY A 241 -20.28 31.02 -17.93
N ARG A 242 -21.45 31.21 -18.54
CA ARG A 242 -21.65 30.84 -19.93
C ARG A 242 -22.46 31.87 -20.72
N SER A 243 -23.17 32.67 -20.11
N SER B 5 32.55 -15.41 -19.68
CA SER B 5 33.62 -16.42 -19.57
C SER B 5 34.57 -16.09 -18.42
N GLU B 6 35.78 -15.65 -18.75
CA GLU B 6 36.80 -15.14 -17.80
C GLU B 6 36.21 -14.46 -16.56
N LEU B 7 36.37 -13.13 -16.45
CA LEU B 7 35.66 -12.35 -15.42
C LEU B 7 36.09 -12.64 -13.99
N SER B 8 36.78 -11.69 -13.37
CA SER B 8 37.19 -11.88 -11.98
C SER B 8 36.12 -11.49 -11.00
N TYR B 9 34.99 -11.02 -11.52
CA TYR B 9 33.87 -10.55 -10.69
C TYR B 9 32.56 -10.81 -11.42
N ARG B 10 31.69 -11.65 -10.85
CA ARG B 10 30.41 -11.93 -11.49
C ARG B 10 29.36 -10.85 -11.25
N ARG B 11 29.18 -10.47 -10.00
CA ARG B 11 28.07 -9.59 -9.63
C ARG B 11 28.62 -8.33 -9.01
N ILE B 12 28.41 -7.20 -9.66
CA ILE B 12 28.92 -5.92 -9.15
C ILE B 12 27.87 -4.85 -8.93
N LEU B 13 28.28 -3.89 -8.11
CA LEU B 13 27.52 -2.70 -7.84
C LEU B 13 28.44 -1.50 -8.11
N LEU B 14 28.09 -0.73 -9.13
CA LEU B 14 28.84 0.46 -9.46
C LEU B 14 28.10 1.68 -8.92
N LYS B 15 28.78 2.46 -8.10
CA LYS B 15 28.19 3.59 -7.42
C LYS B 15 28.78 4.92 -7.92
N LEU B 16 27.90 5.83 -8.34
CA LEU B 16 28.32 7.14 -8.83
C LEU B 16 27.81 8.30 -8.01
N SER B 17 28.50 9.41 -8.11
CA SER B 17 28.16 10.61 -7.36
C SER B 17 26.83 11.27 -7.73
N GLY B 18 26.46 11.35 -8.99
CA GLY B 18 25.27 12.16 -9.27
C GLY B 18 25.66 13.41 -10.02
N GLU B 19 26.43 14.30 -9.38
CA GLU B 19 27.11 15.37 -10.11
C GLU B 19 27.94 14.77 -11.23
N ALA B 20 28.44 13.57 -11.03
CA ALA B 20 29.13 12.89 -12.11
C ALA B 20 28.30 12.90 -13.38
N LEU B 21 26.97 13.05 -13.25
CA LEU B 21 26.11 13.12 -14.44
C LEU B 21 26.03 14.52 -15.05
N MET B 22 26.54 15.52 -14.35
CA MET B 22 26.39 16.90 -14.82
C MET B 22 27.28 17.22 -16.01
N GLY B 23 28.52 16.74 -15.96
CA GLY B 23 29.50 17.06 -16.99
C GLY B 23 29.85 18.51 -16.86
N ASP B 24 29.81 19.21 -17.99
CA ASP B 24 30.13 20.64 -18.05
C ASP B 24 29.00 21.54 -17.57
N GLY B 25 27.97 20.94 -16.99
CA GLY B 25 26.85 21.72 -16.53
C GLY B 25 26.95 22.01 -15.04
N ASP B 26 26.09 22.92 -14.57
CA ASP B 26 26.02 23.22 -13.14
C ASP B 26 24.78 22.58 -12.50
N TYR B 27 24.04 21.84 -13.30
CA TYR B 27 22.90 21.11 -12.79
C TYR B 27 22.41 20.08 -13.78
N GLY B 28 21.57 19.18 -13.29
CA GLY B 28 20.92 18.25 -14.18
C GLY B 28 21.85 17.18 -14.68
N ILE B 29 21.60 16.78 -15.92
CA ILE B 29 22.27 15.69 -16.56
C ILE B 29 22.79 16.11 -17.92
N ASP B 30 24.09 15.99 -18.13
CA ASP B 30 24.71 16.15 -19.45
C ASP B 30 24.46 14.89 -20.29
N PRO B 31 23.71 15.00 -21.40
CA PRO B 31 23.39 13.74 -22.12
C PRO B 31 24.64 12.99 -22.64
N LYS B 32 25.75 13.69 -22.80
CA LYS B 32 27.00 13.04 -23.20
C LYS B 32 27.46 12.10 -22.11
N VAL B 33 27.59 12.62 -20.89
CA VAL B 33 28.11 11.83 -19.78
C VAL B 33 27.24 10.61 -19.52
N ILE B 34 25.96 10.74 -19.81
CA ILE B 34 25.00 9.71 -19.47
C ILE B 34 25.08 8.58 -20.50
N ASN B 35 25.36 8.94 -21.75
CA ASN B 35 25.42 7.95 -22.82
C ASN B 35 26.64 7.05 -22.86
N ARG B 36 27.79 7.62 -22.58
CA ARG B 36 29.01 6.86 -22.59
C ARG B 36 29.03 6.00 -21.34
N LEU B 37 28.30 6.44 -20.31
CA LEU B 37 28.12 5.66 -19.09
C LEU B 37 27.25 4.45 -19.37
N ALA B 38 26.09 4.68 -19.98
CA ALA B 38 25.23 3.58 -20.42
C ALA B 38 26.08 2.54 -21.16
N HIS B 39 26.87 3.04 -22.11
CA HIS B 39 27.79 2.25 -22.91
C HIS B 39 28.72 1.39 -22.03
N GLU B 40 29.40 2.03 -21.09
CA GLU B 40 30.26 1.30 -20.17
C GLU B 40 29.50 0.18 -19.50
N VAL B 41 28.30 0.49 -18.99
CA VAL B 41 27.48 -0.50 -18.27
C VAL B 41 27.08 -1.68 -19.16
N ILE B 42 26.61 -1.34 -20.36
CA ILE B 42 26.16 -2.28 -21.37
C ILE B 42 27.29 -3.20 -21.82
N GLU B 43 28.48 -2.63 -21.92
CA GLU B 43 29.67 -3.41 -22.23
C GLU B 43 29.94 -4.40 -21.09
N ALA B 44 29.94 -3.92 -19.85
CA ALA B 44 30.16 -4.79 -18.72
C ALA B 44 29.12 -5.90 -18.70
N GLN B 45 27.91 -5.56 -19.15
CA GLN B 45 26.81 -6.51 -19.28
C GLN B 45 27.10 -7.57 -20.33
N GLN B 46 27.47 -7.14 -21.52
CA GLN B 46 27.68 -8.03 -22.64
C GLN B 46 28.87 -8.93 -22.46
N ALA B 47 29.49 -8.85 -21.28
CA ALA B 47 30.66 -9.67 -20.99
C ALA B 47 30.35 -10.70 -19.91
N GLY B 48 29.09 -10.75 -19.50
CA GLY B 48 28.64 -11.71 -18.49
C GLY B 48 28.46 -11.20 -17.08
N ALA B 49 28.84 -9.96 -16.82
CA ALA B 49 28.66 -9.41 -15.49
C ALA B 49 27.18 -9.16 -15.21
N GLN B 50 26.78 -9.36 -13.96
CA GLN B 50 25.46 -8.94 -13.51
C GLN B 50 25.66 -7.60 -12.81
N VAL B 51 25.02 -6.55 -13.35
CA VAL B 51 25.34 -5.17 -12.96
C VAL B 51 24.21 -4.45 -12.23
N ALA B 52 24.54 -3.89 -11.05
CA ALA B 52 23.64 -3.05 -10.27
C ALA B 52 24.29 -1.71 -10.17
N LEU B 53 23.51 -0.65 -10.34
CA LEU B 53 24.10 0.67 -10.25
C LEU B 53 23.32 1.59 -9.34
N VAL B 54 24.04 2.51 -8.71
CA VAL B 54 23.48 3.39 -7.73
C VAL B 54 24.03 4.76 -8.10
N ILE B 55 23.16 5.76 -8.26
CA ILE B 55 23.62 7.10 -8.59
C ILE B 55 23.06 8.08 -7.60
N GLY B 56 23.89 8.98 -7.10
CA GLY B 56 23.41 10.00 -6.15
C GLY B 56 22.51 11.04 -6.82
N GLY B 57 22.08 12.02 -6.04
CA GLY B 57 21.16 13.03 -6.56
C GLY B 57 21.68 14.46 -6.53
N GLY B 58 22.99 14.59 -6.29
CA GLY B 58 23.62 15.88 -6.08
C GLY B 58 23.55 16.78 -7.29
N ASN B 59 23.36 16.18 -8.46
CA ASN B 59 23.16 16.97 -9.68
C ASN B 59 21.84 17.75 -9.69
N ILE B 60 20.87 17.32 -8.87
CA ILE B 60 19.51 17.82 -8.90
C ILE B 60 19.12 18.52 -7.58
N PHE B 61 19.46 17.90 -6.46
CA PHE B 61 19.15 18.49 -5.17
C PHE B 61 20.33 19.35 -4.71
N ARG B 62 20.39 20.57 -5.28
CA ARG B 62 21.46 21.54 -5.07
C ARG B 62 20.94 22.94 -5.31
N GLY B 63 21.74 23.94 -4.93
CA GLY B 63 21.32 25.33 -4.97
C GLY B 63 20.57 25.65 -3.70
N ALA B 64 20.95 26.75 -3.04
CA ALA B 64 20.38 27.15 -1.76
C ALA B 64 18.87 26.96 -1.69
N GLY B 65 18.22 26.98 -2.86
CA GLY B 65 16.78 26.86 -2.95
C GLY B 65 16.34 25.47 -2.56
N LEU B 66 17.02 24.46 -3.09
CA LEU B 66 16.65 23.07 -2.84
C LEU B 66 17.46 22.51 -1.68
N ALA B 67 18.80 22.61 -1.77
CA ALA B 67 19.70 22.12 -0.72
C ALA B 67 20.05 23.19 0.34
N ALA B 68 19.00 23.87 0.84
CA ALA B 68 19.14 24.92 1.85
C ALA B 68 19.76 24.41 3.14
N SER B 69 20.95 24.92 3.45
CA SER B 69 21.63 24.65 4.71
C SER B 69 20.73 24.73 5.99
N GLY B 70 19.83 25.71 6.06
CA GLY B 70 18.96 25.84 7.24
C GLY B 70 17.70 24.99 7.21
N MET B 71 17.57 24.15 6.18
CA MET B 71 16.36 23.38 5.99
C MET B 71 16.30 22.11 6.83
N ASP B 72 15.09 21.70 7.20
CA ASP B 72 14.90 20.45 7.92
C ASP B 72 15.65 19.33 7.20
N ARG B 73 16.46 18.63 7.95
CA ARG B 73 17.37 17.66 7.40
C ARG B 73 16.62 16.46 6.80
N VAL B 74 15.62 15.96 7.51
CA VAL B 74 14.79 14.87 6.98
C VAL B 74 14.19 15.26 5.64
N THR B 75 13.45 16.37 5.59
CA THR B 75 12.81 16.71 4.34
C THR B 75 13.82 17.01 3.22
N GLY B 76 15.04 17.38 3.58
CA GLY B 76 16.10 17.56 2.59
C GLY B 76 16.59 16.23 2.06
N ASP B 77 16.77 15.27 2.97
CA ASP B 77 17.13 13.92 2.59
C ASP B 77 16.05 13.29 1.69
N HIS B 78 14.79 13.62 1.95
CA HIS B 78 13.69 13.17 1.11
C HIS B 78 13.77 13.77 -0.30
N MET B 79 14.01 15.07 -0.38
CA MET B 79 14.22 15.71 -1.66
C MET B 79 15.35 15.03 -2.43
N GLY B 80 16.41 14.68 -1.70
CA GLY B 80 17.53 13.96 -2.31
C GLY B 80 17.11 12.58 -2.83
N MET B 81 16.36 11.85 -2.03
CA MET B 81 15.93 10.56 -2.47
C MET B 81 15.11 10.69 -3.78
N LEU B 82 14.29 11.74 -3.85
CA LEU B 82 13.49 11.92 -5.05
C LEU B 82 14.37 12.28 -6.27
N ALA B 83 15.35 13.12 -6.04
CA ALA B 83 16.26 13.42 -7.11
C ALA B 83 16.89 12.10 -7.60
N THR B 84 17.26 11.18 -6.70
CA THR B 84 17.84 9.93 -7.19
C THR B 84 16.88 9.08 -7.99
N VAL B 85 15.58 9.19 -7.79
CA VAL B 85 14.64 8.45 -8.62
C VAL B 85 14.67 9.04 -10.03
N ILE B 86 14.72 10.36 -10.08
CA ILE B 86 14.78 11.05 -11.37
C ILE B 86 16.00 10.57 -12.17
N ASN B 87 17.18 10.65 -11.55
CA ASN B 87 18.40 10.12 -12.15
C ASN B 87 18.23 8.66 -12.63
N ALA B 88 17.77 7.80 -11.74
CA ALA B 88 17.50 6.42 -12.09
C ALA B 88 16.59 6.28 -13.31
N LEU B 89 15.49 7.04 -13.36
CA LEU B 89 14.58 7.06 -14.51
C LEU B 89 15.25 7.49 -15.82
N ALA B 90 16.25 8.37 -15.74
CA ALA B 90 16.95 8.78 -16.94
C ALA B 90 17.96 7.70 -17.40
N MET B 91 18.65 7.09 -16.44
CA MET B 91 19.53 6.00 -16.82
C MET B 91 18.75 4.89 -17.52
N GLN B 92 17.68 4.44 -16.87
CA GLN B 92 16.78 3.45 -17.43
C GLN B 92 16.39 3.74 -18.88
N ASP B 93 16.08 5.00 -19.19
CA ASP B 93 15.69 5.35 -20.55
C ASP B 93 16.85 5.18 -21.52
N ALA B 94 18.04 5.56 -21.07
CA ALA B 94 19.16 5.59 -21.96
C ALA B 94 19.64 4.18 -22.24
N LEU B 95 19.63 3.34 -21.20
CA LEU B 95 20.06 1.95 -21.28
C LEU B 95 19.10 1.12 -22.11
N GLU B 96 17.81 1.36 -21.96
CA GLU B 96 16.82 0.68 -22.78
C GLU B 96 16.87 1.11 -24.24
N LYS B 97 17.33 2.33 -24.48
CA LYS B 97 17.48 2.84 -25.82
C LYS B 97 18.55 2.02 -26.52
N LEU B 98 19.64 1.75 -25.80
CA LEU B 98 20.70 0.85 -26.25
C LEU B 98 20.35 -0.64 -26.13
N GLY B 99 19.10 -0.97 -25.82
CA GLY B 99 18.64 -2.35 -25.87
C GLY B 99 18.73 -3.19 -24.61
N ALA B 100 19.25 -2.63 -23.51
CA ALA B 100 19.34 -3.34 -22.23
C ALA B 100 17.99 -3.48 -21.55
N LYS B 101 17.86 -4.55 -20.73
CA LYS B 101 16.68 -4.71 -19.88
C LYS B 101 16.99 -4.14 -18.51
N VAL B 102 16.13 -3.25 -18.01
CA VAL B 102 16.43 -2.53 -16.80
C VAL B 102 15.34 -2.61 -15.73
N ARG B 103 15.73 -2.75 -14.47
CA ARG B 103 14.80 -2.75 -13.36
C ARG B 103 15.24 -1.72 -12.33
N VAL B 104 14.46 -0.64 -12.27
CA VAL B 104 14.65 0.40 -11.30
C VAL B 104 13.88 0.09 -10.02
N MET B 105 14.62 -0.03 -8.93
CA MET B 105 14.02 -0.31 -7.63
C MET B 105 14.41 0.75 -6.60
N SER B 106 13.39 1.25 -5.91
CA SER B 106 13.52 2.36 -5.02
C SER B 106 13.33 1.90 -3.58
N ALA B 107 14.02 2.52 -2.63
CA ALA B 107 14.00 2.08 -1.25
C ALA B 107 12.76 2.58 -0.54
N ILE B 108 12.08 3.54 -1.16
CA ILE B 108 10.80 4.01 -0.62
C ILE B 108 9.76 3.74 -1.67
N LYS B 109 8.61 3.27 -1.25
CA LYS B 109 7.54 2.92 -2.16
C LYS B 109 7.12 4.11 -3.04
N ILE B 110 7.17 3.91 -4.35
CA ILE B 110 6.62 4.83 -5.37
C ILE B 110 6.17 4.03 -6.59
N ASN B 111 5.22 3.12 -6.38
CA ASN B 111 4.88 2.17 -7.44
C ASN B 111 4.46 2.69 -8.81
N ASP B 112 3.90 3.88 -8.84
CA ASP B 112 3.48 4.41 -10.11
C ASP B 112 4.73 4.37 -11.03
N VAL B 113 5.86 4.88 -10.42
CA VAL B 113 7.03 5.33 -11.17
C VAL B 113 8.08 4.23 -11.39
N CYS B 114 8.25 3.35 -10.42
CA CYS B 114 9.16 2.23 -10.54
C CYS B 114 8.80 1.19 -9.48
N GLU B 115 9.49 0.06 -9.45
CA GLU B 115 9.16 -0.93 -8.43
C GLU B 115 9.89 -0.71 -7.13
N ASP B 116 9.33 -1.31 -6.09
CA ASP B 116 9.93 -1.41 -4.80
C ASP B 116 11.19 -2.24 -4.78
N PHE B 117 12.07 -1.94 -3.85
CA PHE B 117 13.19 -2.84 -3.66
C PHE B 117 12.80 -4.03 -2.80
N ILE B 118 12.97 -5.22 -3.37
CA ILE B 118 12.78 -6.44 -2.63
C ILE B 118 13.96 -7.31 -2.96
N ARG B 119 14.73 -7.65 -1.93
CA ARG B 119 15.99 -8.36 -2.13
C ARG B 119 15.88 -9.59 -3.03
N ARG B 120 14.89 -10.45 -2.77
CA ARG B 120 14.71 -11.62 -3.62
C ARG B 120 14.37 -11.25 -5.06
N ARG B 121 13.57 -10.19 -5.27
CA ARG B 121 13.25 -9.73 -6.62
C ARG B 121 14.49 -9.19 -7.36
N ALA B 122 15.25 -8.34 -6.67
CA ALA B 122 16.50 -7.83 -7.20
C ALA B 122 17.49 -8.94 -7.57
N ILE B 123 17.65 -9.95 -6.73
CA ILE B 123 18.50 -11.07 -7.08
C ILE B 123 18.02 -11.72 -8.39
N ARG B 124 16.72 -11.97 -8.46
CA ARG B 124 16.11 -12.64 -9.60
C ARG B 124 16.38 -11.87 -10.87
N HIS B 125 16.13 -10.57 -10.83
CA HIS B 125 16.39 -9.70 -11.97
C HIS B 125 17.83 -9.79 -12.40
N LEU B 126 18.72 -9.91 -11.44
CA LEU B 126 20.13 -9.91 -11.74
C LEU B 126 20.53 -11.23 -12.39
N GLU B 127 19.82 -12.30 -12.02
CA GLU B 127 20.04 -13.63 -12.61
C GLU B 127 19.47 -13.75 -14.03
N LYS B 128 18.49 -12.92 -14.36
CA LYS B 128 17.94 -12.93 -15.70
C LYS B 128 18.62 -11.95 -16.63
N GLY B 129 19.73 -11.34 -16.17
CA GLY B 129 20.53 -10.46 -17.02
C GLY B 129 20.07 -9.00 -17.11
N ARG B 130 19.17 -8.59 -16.23
CA ARG B 130 18.73 -7.21 -16.21
C ARG B 130 19.69 -6.32 -15.40
N ILE B 131 19.75 -5.04 -15.78
CA ILE B 131 20.50 -4.08 -15.00
C ILE B 131 19.57 -3.58 -13.90
N ALA B 132 20.05 -3.65 -12.66
CA ALA B 132 19.32 -3.23 -11.49
C ALA B 132 19.74 -1.80 -11.15
N ILE B 133 18.79 -0.88 -11.07
CA ILE B 133 19.15 0.46 -10.63
C ILE B 133 18.46 0.81 -9.31
N PHE B 134 19.29 1.02 -8.29
CA PHE B 134 18.80 1.29 -6.96
C PHE B 134 18.71 2.77 -6.64
N ALA B 135 17.53 3.22 -6.20
CA ALA B 135 17.33 4.63 -5.91
C ALA B 135 16.82 4.83 -4.46
N ALA B 136 17.12 6.00 -3.88
CA ALA B 136 16.66 6.41 -2.53
C ALA B 136 17.44 5.79 -1.37
N GLY B 137 18.66 5.38 -1.67
CA GLY B 137 19.53 4.80 -0.67
C GLY B 137 18.90 3.74 0.18
N THR B 138 18.81 4.03 1.47
CA THR B 138 18.40 3.02 2.41
C THR B 138 16.97 3.26 2.75
N GLY B 139 16.44 4.39 2.28
CA GLY B 139 15.10 4.81 2.65
C GLY B 139 15.03 5.58 3.97
N ASN B 140 16.16 5.86 4.59
CA ASN B 140 16.18 6.63 5.83
C ASN B 140 16.99 7.89 5.67
N PRO B 141 16.57 8.97 6.33
CA PRO B 141 17.32 10.19 6.39
C PRO B 141 18.55 9.95 7.23
N PHE B 142 19.54 10.82 7.14
CA PHE B 142 20.80 10.71 7.90
C PHE B 142 21.74 9.60 7.42
N PHE B 143 21.46 9.05 6.23
CA PHE B 143 22.31 7.99 5.62
C PHE B 143 22.81 8.41 4.24
N THR B 144 24.08 8.15 3.95
CA THR B 144 24.69 8.62 2.70
C THR B 144 24.32 7.73 1.53
N THR B 145 24.62 8.17 0.33
CA THR B 145 24.51 7.26 -0.80
C THR B 145 25.45 6.07 -0.65
N ASP B 146 26.68 6.32 -0.18
CA ASP B 146 27.59 5.22 0.12
C ASP B 146 26.90 4.15 0.98
N SER B 147 26.34 4.58 2.11
CA SER B 147 25.60 3.66 2.99
C SER B 147 24.60 2.83 2.20
N GLY B 148 23.83 3.50 1.35
CA GLY B 148 22.88 2.78 0.54
C GLY B 148 23.55 1.82 -0.43
N ALA B 149 24.62 2.27 -1.09
CA ALA B 149 25.28 1.39 -2.07
C ALA B 149 25.88 0.15 -1.38
N ALA B 150 26.51 0.33 -0.22
CA ALA B 150 27.08 -0.76 0.56
C ALA B 150 26.01 -1.82 0.96
N LEU B 151 24.87 -1.33 1.43
CA LEU B 151 23.74 -2.15 1.86
C LEU B 151 23.32 -3.03 0.70
N ARG B 152 22.96 -2.39 -0.40
CA ARG B 152 22.44 -3.12 -1.54
C ARG B 152 23.46 -4.15 -2.02
N ALA B 153 24.73 -3.76 -2.00
CA ALA B 153 25.78 -4.63 -2.47
C ALA B 153 25.83 -5.90 -1.63
N ILE B 154 25.75 -5.72 -0.32
CA ILE B 154 25.75 -6.84 0.57
C ILE B 154 24.48 -7.64 0.29
N GLU B 155 23.34 -6.97 0.34
CA GLU B 155 22.04 -7.66 0.23
C GLU B 155 22.03 -8.54 -1.00
N ILE B 156 22.57 -8.06 -2.12
CA ILE B 156 22.51 -8.85 -3.36
C ILE B 156 23.69 -9.79 -3.56
N GLY B 157 24.58 -9.84 -2.57
CA GLY B 157 25.73 -10.75 -2.65
C GLY B 157 26.73 -10.30 -3.70
N ALA B 158 26.87 -8.98 -3.88
CA ALA B 158 27.81 -8.49 -4.88
C ALA B 158 29.22 -9.03 -4.58
N ASP B 159 29.97 -9.28 -5.65
CA ASP B 159 31.34 -9.75 -5.58
C ASP B 159 32.28 -8.56 -5.48
N LEU B 160 31.80 -7.37 -5.85
CA LEU B 160 32.60 -6.19 -5.81
C LEU B 160 31.73 -4.94 -5.85
N LEU B 161 32.06 -3.97 -4.99
CA LEU B 161 31.43 -2.67 -4.99
C LEU B 161 32.41 -1.67 -5.53
N LEU B 162 32.16 -1.16 -6.73
CA LEU B 162 32.98 -0.13 -7.32
C LEU B 162 32.42 1.21 -6.94
N LYS B 163 33.31 2.12 -6.57
CA LYS B 163 32.93 3.47 -6.26
C LYS B 163 33.75 4.40 -7.11
N ALA B 164 33.11 5.05 -8.07
CA ALA B 164 33.76 5.98 -8.99
C ALA B 164 33.84 7.33 -8.31
N THR B 165 35.02 7.95 -8.30
CA THR B 165 35.18 9.29 -7.70
C THR B 165 36.02 10.23 -8.54
N LYS B 166 36.37 11.37 -7.94
CA LYS B 166 37.06 12.41 -8.69
C LYS B 166 38.46 11.96 -9.01
N VAL B 167 39.12 11.28 -8.09
CA VAL B 167 40.48 10.83 -8.37
C VAL B 167 40.52 9.34 -8.59
N ASP B 168 41.59 8.88 -9.20
CA ASP B 168 41.68 7.49 -9.62
C ASP B 168 42.26 6.59 -8.52
N GLY B 169 41.56 6.51 -7.40
CA GLY B 169 41.95 5.68 -6.26
C GLY B 169 42.06 6.43 -4.95
N VAL B 170 42.71 5.81 -3.96
CA VAL B 170 43.04 6.42 -2.68
C VAL B 170 44.51 6.82 -2.63
N TYR B 171 44.79 8.06 -2.28
CA TYR B 171 46.15 8.58 -2.28
C TYR B 171 46.56 9.08 -0.91
N ASP B 172 47.86 9.23 -0.71
CA ASP B 172 48.36 9.65 0.59
C ASP B 172 48.27 11.16 0.72
N LYS B 173 47.87 11.81 -0.36
CA LYS B 173 47.62 13.22 -0.38
C LYS B 173 46.98 13.55 -1.71
N ASP B 174 46.54 14.79 -1.86
CA ASP B 174 45.76 15.22 -3.01
C ASP B 174 46.55 15.23 -4.33
N PRO B 175 46.24 14.29 -5.23
CA PRO B 175 47.02 14.14 -6.45
C PRO B 175 46.85 15.23 -7.50
N LYS B 176 45.88 16.13 -7.34
CA LYS B 176 45.67 17.19 -8.34
C LYS B 176 46.58 18.40 -8.18
N LYS B 177 47.09 18.60 -6.97
CA LYS B 177 48.08 19.63 -6.79
C LYS B 177 49.44 19.06 -6.42
N HIS B 178 49.57 17.75 -6.43
CA HIS B 178 50.79 17.10 -6.01
C HIS B 178 51.12 15.92 -6.91
N SER B 179 52.11 16.08 -7.78
CA SER B 179 52.60 14.99 -8.61
C SER B 179 53.36 14.00 -7.75
N ASP B 180 53.73 14.46 -6.57
CA ASP B 180 54.29 13.67 -5.48
C ASP B 180 53.46 12.48 -5.05
N ALA B 181 52.15 12.64 -5.12
CA ALA B 181 51.24 11.74 -4.46
C ALA B 181 51.44 10.24 -4.77
N VAL B 182 51.21 9.41 -3.76
CA VAL B 182 51.36 7.97 -3.89
C VAL B 182 50.00 7.28 -3.83
N ARG B 183 49.61 6.64 -4.92
CA ARG B 183 48.40 5.82 -4.95
C ARG B 183 48.61 4.42 -4.35
N TYR B 184 47.76 4.02 -3.41
CA TYR B 184 47.78 2.66 -2.84
C TYR B 184 47.08 1.69 -3.77
N ASP B 185 47.72 0.59 -4.09
CA ASP B 185 47.09 -0.40 -4.97
C ASP B 185 46.02 -1.23 -4.27
N SER B 186 46.22 -1.47 -2.98
CA SER B 186 45.28 -2.24 -2.20
C SER B 186 45.49 -1.95 -0.71
N LEU B 187 44.41 -2.02 0.05
CA LEU B 187 44.40 -1.70 1.48
C LEU B 187 43.45 -2.63 2.22
N THR B 188 43.72 -2.89 3.48
CA THR B 188 42.77 -3.62 4.28
C THR B 188 41.94 -2.60 4.99
N TYR B 189 40.73 -2.99 5.38
CA TYR B 189 39.82 -2.09 6.08
C TYR B 189 40.49 -1.44 7.28
N ASP B 190 41.26 -2.22 8.04
CA ASP B 190 41.89 -1.74 9.26
C ASP B 190 43.04 -0.80 8.95
N GLU B 191 43.64 -0.97 7.78
CA GLU B 191 44.66 -0.05 7.33
C GLU B 191 44.08 1.34 7.06
N VAL B 192 42.91 1.39 6.43
CA VAL B 192 42.27 2.64 6.11
C VAL B 192 41.97 3.43 7.38
N ILE B 193 41.48 2.72 8.39
CA ILE B 193 41.12 3.33 9.66
C ILE B 193 42.32 3.92 10.37
N MET B 194 43.41 3.15 10.47
CA MET B 194 44.59 3.60 11.20
C MET B 194 45.38 4.69 10.45
N GLN B 195 45.38 4.61 9.12
CA GLN B 195 46.00 5.65 8.30
C GLN B 195 45.08 6.87 8.06
N GLY B 196 43.88 6.84 8.64
CA GLY B 196 42.97 7.97 8.60
C GLY B 196 42.57 8.43 7.21
N LEU B 197 42.58 7.49 6.26
CA LEU B 197 42.22 7.81 4.89
C LEU B 197 40.71 7.75 4.69
N GLU B 198 40.20 8.77 4.01
CA GLU B 198 38.78 8.86 3.73
C GLU B 198 38.40 8.04 2.51
N VAL B 199 37.54 7.06 2.73
CA VAL B 199 37.09 6.21 1.64
C VAL B 199 35.57 6.40 1.51
N MET B 200 34.87 6.17 2.62
CA MET B 200 33.44 6.44 2.77
C MET B 200 33.22 7.05 4.16
N ASP B 201 32.02 7.58 4.42
CA ASP B 201 31.70 8.06 5.77
C ASP B 201 31.66 6.88 6.72
N THR B 202 31.89 7.14 8.00
CA THR B 202 32.09 6.06 8.98
C THR B 202 31.05 4.94 8.97
N ALA B 203 29.77 5.28 9.06
CA ALA B 203 28.75 4.23 9.07
C ALA B 203 28.82 3.34 7.82
N ALA B 204 29.00 3.96 6.65
CA ALA B 204 28.98 3.23 5.41
C ALA B 204 30.12 2.25 5.46
N PHE B 205 31.27 2.74 5.89
CA PHE B 205 32.47 1.94 5.91
C PHE B 205 32.30 0.78 6.87
N ALA B 206 31.72 1.03 8.03
CA ALA B 206 31.56 -0.04 9.02
C ALA B 206 30.59 -1.07 8.48
N LEU B 207 29.60 -0.59 7.74
CA LEU B 207 28.61 -1.47 7.17
C LEU B 207 29.35 -2.31 6.16
N ALA B 208 30.28 -1.70 5.45
CA ALA B 208 31.01 -2.39 4.41
C ALA B 208 32.09 -3.32 5.00
N ARG B 209 32.69 -2.87 6.10
CA ARG B 209 33.69 -3.63 6.81
C ARG B 209 33.13 -4.97 7.35
N ASP B 210 32.02 -4.90 8.09
CA ASP B 210 31.42 -6.08 8.72
C ASP B 210 31.18 -7.26 7.80
N SER B 211 30.85 -7.01 6.55
CA SER B 211 30.58 -8.12 5.64
C SER B 211 31.76 -8.36 4.74
N ASP B 212 32.86 -7.71 5.06
CA ASP B 212 34.05 -7.78 4.25
C ASP B 212 33.76 -7.61 2.77
N LEU B 213 33.11 -6.50 2.43
CA LEU B 213 32.77 -6.24 1.05
C LEU B 213 33.97 -5.66 0.34
N PRO B 214 34.41 -6.32 -0.74
CA PRO B 214 35.50 -5.81 -1.54
C PRO B 214 35.11 -4.49 -2.20
N LEU B 215 35.88 -3.44 -1.90
CA LEU B 215 35.69 -2.12 -2.50
C LEU B 215 36.75 -1.86 -3.54
N ARG B 216 36.36 -1.20 -4.62
CA ARG B 216 37.31 -0.79 -5.64
C ARG B 216 37.05 0.69 -5.96
N ILE B 217 37.87 1.56 -5.36
CA ILE B 217 37.80 3.01 -5.54
C ILE B 217 38.56 3.40 -6.78
N PHE B 218 37.88 3.97 -7.76
CA PHE B 218 38.53 4.20 -9.06
C PHE B 218 37.94 5.43 -9.75
N GLY B 219 38.58 5.91 -10.81
CA GLY B 219 38.03 7.02 -11.61
C GLY B 219 37.64 6.53 -12.99
N MET B 220 36.42 6.82 -13.41
CA MET B 220 35.98 6.47 -14.77
C MET B 220 36.43 7.45 -15.83
N SER B 221 37.70 7.83 -15.78
CA SER B 221 38.30 8.77 -16.72
C SER B 221 38.12 8.35 -18.18
N GLU B 222 38.60 7.16 -18.51
CA GLU B 222 38.66 6.72 -19.90
C GLU B 222 37.77 5.53 -20.14
N PRO B 223 37.08 5.53 -21.28
CA PRO B 223 36.17 4.45 -21.64
C PRO B 223 36.85 3.07 -21.70
N GLY B 224 36.26 2.08 -21.04
CA GLY B 224 36.84 0.74 -21.00
C GLY B 224 37.42 0.31 -19.66
N VAL B 225 37.48 1.23 -18.71
CA VAL B 225 38.02 0.92 -17.38
C VAL B 225 37.19 -0.12 -16.65
N LEU B 226 35.88 -0.01 -16.77
CA LEU B 226 34.96 -0.97 -16.17
C LEU B 226 35.25 -2.37 -16.68
N LEU B 227 35.25 -2.52 -17.98
CA LEU B 227 35.50 -3.81 -18.61
C LEU B 227 36.83 -4.38 -18.15
N ARG B 228 37.90 -3.56 -18.24
CA ARG B 228 39.22 -3.99 -17.81
C ARG B 228 39.19 -4.49 -16.39
N ILE B 229 38.50 -3.76 -15.52
CA ILE B 229 38.47 -4.14 -14.13
C ILE B 229 37.81 -5.49 -13.95
N LEU B 230 36.70 -5.68 -14.65
CA LEU B 230 36.02 -6.93 -14.63
C LEU B 230 36.93 -8.09 -14.98
N HIS B 231 37.93 -7.80 -15.81
CA HIS B 231 38.86 -8.81 -16.32
C HIS B 231 40.14 -8.92 -15.48
N GLY B 232 40.08 -8.54 -14.21
CA GLY B 232 41.24 -8.56 -13.31
C GLY B 232 42.09 -7.30 -13.20
N ALA B 233 42.07 -6.46 -14.23
CA ALA B 233 42.95 -5.27 -14.25
C ALA B 233 42.98 -4.53 -12.92
N GLN B 234 44.18 -4.11 -12.52
CA GLN B 234 44.41 -3.50 -11.21
C GLN B 234 44.39 -1.96 -11.29
N ILE B 235 43.19 -1.40 -11.43
CA ILE B 235 43.02 0.04 -11.60
C ILE B 235 42.43 0.69 -10.35
N GLY B 236 42.90 1.90 -10.02
CA GLY B 236 42.47 2.56 -8.80
C GLY B 236 42.98 1.83 -7.56
N THR B 237 42.21 1.85 -6.49
CA THR B 237 42.58 1.19 -5.23
C THR B 237 41.58 0.07 -4.89
N LEU B 238 42.09 -0.98 -4.27
CA LEU B 238 41.25 -2.08 -3.84
C LEU B 238 41.22 -2.07 -2.32
N VAL B 239 40.03 -2.13 -1.72
CA VAL B 239 39.93 -2.26 -0.28
C VAL B 239 39.31 -3.60 0.07
N GLN B 240 39.89 -4.30 1.04
CA GLN B 240 39.51 -5.69 1.33
C GLN B 240 40.37 -6.32 2.44
N GLY B 241 39.81 -7.28 3.15
CA GLY B 241 40.62 -7.98 4.12
C GLY B 241 40.61 -7.31 5.48
N ARG B 242 41.02 -8.08 6.49
CA ARG B 242 40.85 -7.67 7.88
C ARG B 242 42.14 -7.58 8.68
N SER B 243 43.29 -7.77 8.05
CA SER B 243 44.57 -7.65 8.78
C SER B 243 44.80 -6.24 9.37
N SER C 5 0.49 -9.99 -40.11
CA SER C 5 0.98 -9.61 -41.47
C SER C 5 -0.14 -9.04 -42.32
N GLU C 6 -1.25 -9.76 -42.34
CA GLU C 6 -2.44 -9.32 -43.03
C GLU C 6 -3.14 -8.15 -42.32
N LEU C 7 -2.66 -7.77 -41.12
CA LEU C 7 -3.34 -6.76 -40.30
C LEU C 7 -2.97 -5.30 -40.62
N SER C 8 -3.97 -4.42 -40.58
CA SER C 8 -3.76 -3.00 -40.75
C SER C 8 -3.49 -2.33 -39.43
N TYR C 9 -3.63 -3.09 -38.34
CA TYR C 9 -3.57 -2.57 -36.98
C TYR C 9 -3.20 -3.71 -36.05
N ARG C 10 -2.11 -3.59 -35.30
CA ARG C 10 -1.67 -4.69 -34.44
C ARG C 10 -2.13 -4.54 -33.00
N ARG C 11 -2.02 -3.34 -32.45
CA ARG C 11 -2.43 -3.12 -31.08
C ARG C 11 -3.62 -2.21 -31.06
N ILE C 12 -4.72 -2.68 -30.50
CA ILE C 12 -5.90 -1.88 -30.46
C ILE C 12 -6.52 -1.86 -29.07
N LEU C 13 -7.28 -0.79 -28.80
CA LEU C 13 -8.08 -0.71 -27.59
C LEU C 13 -9.53 -0.50 -27.99
N LEU C 14 -10.37 -1.44 -27.58
CA LEU C 14 -11.78 -1.39 -27.86
C LEU C 14 -12.54 -0.98 -26.60
N LYS C 15 -13.29 0.12 -26.69
CA LYS C 15 -14.09 0.62 -25.58
C LYS C 15 -15.58 0.45 -25.85
N LEU C 16 -16.29 -0.14 -24.90
CA LEU C 16 -17.72 -0.29 -25.00
C LEU C 16 -18.36 0.36 -23.78
N SER C 17 -19.58 0.85 -23.96
CA SER C 17 -20.31 1.34 -22.82
C SER C 17 -20.76 0.13 -21.98
N GLY C 18 -21.20 0.36 -20.75
CA GLY C 18 -21.64 -0.72 -19.88
C GLY C 18 -22.99 -1.23 -20.29
N GLU C 19 -23.81 -0.36 -20.85
CA GLU C 19 -25.15 -0.75 -21.28
C GLU C 19 -25.03 -1.81 -22.40
N ALA C 20 -23.90 -1.83 -23.07
CA ALA C 20 -23.69 -2.78 -24.14
C ALA C 20 -23.71 -4.24 -23.66
N LEU C 21 -23.63 -4.41 -22.35
CA LEU C 21 -23.60 -5.71 -21.74
C LEU C 21 -24.99 -6.21 -21.36
N MET C 22 -25.97 -5.33 -21.26
CA MET C 22 -27.23 -5.71 -20.65
C MET C 22 -28.08 -6.49 -21.59
N GLY C 23 -27.95 -6.23 -22.88
CA GLY C 23 -28.84 -6.85 -23.83
C GLY C 23 -30.24 -6.25 -23.76
N ASP C 24 -31.23 -7.10 -23.57
CA ASP C 24 -32.62 -6.66 -23.53
C ASP C 24 -33.03 -6.36 -22.11
N GLY C 25 -32.22 -6.88 -21.18
CA GLY C 25 -32.47 -6.74 -19.75
C GLY C 25 -32.34 -5.30 -19.31
N ASP C 26 -32.77 -4.99 -18.10
CA ASP C 26 -32.64 -3.61 -17.69
C ASP C 26 -31.60 -3.38 -16.61
N TYR C 27 -30.74 -4.37 -16.42
CA TYR C 27 -29.71 -4.28 -15.42
C TYR C 27 -28.74 -5.45 -15.53
N GLY C 28 -27.49 -5.21 -15.18
CA GLY C 28 -26.55 -6.29 -15.04
C GLY C 28 -26.01 -6.78 -16.37
N ILE C 29 -25.83 -8.09 -16.46
CA ILE C 29 -25.23 -8.65 -17.66
C ILE C 29 -26.06 -9.78 -18.21
N ASP C 30 -26.28 -9.74 -19.51
CA ASP C 30 -26.87 -10.85 -20.24
C ASP C 30 -25.77 -11.83 -20.63
N PRO C 31 -25.86 -13.07 -20.15
CA PRO C 31 -24.87 -14.09 -20.44
C PRO C 31 -24.57 -14.21 -21.92
N LYS C 32 -25.59 -14.07 -22.76
CA LYS C 32 -25.47 -14.27 -24.22
C LYS C 32 -24.74 -13.13 -24.94
N VAL C 33 -24.88 -11.93 -24.40
CA VAL C 33 -24.26 -10.77 -24.98
C VAL C 33 -22.79 -10.78 -24.61
N ILE C 34 -22.48 -11.04 -23.34
CA ILE C 34 -21.08 -11.06 -22.93
C ILE C 34 -20.35 -12.18 -23.64
N ASN C 35 -21.09 -13.22 -23.99
CA ASN C 35 -20.50 -14.31 -24.76
C ASN C 35 -20.17 -13.96 -26.21
N ARG C 36 -21.11 -13.39 -26.95
CA ARG C 36 -20.81 -12.90 -28.27
C ARG C 36 -19.56 -12.03 -28.26
N LEU C 37 -19.56 -11.07 -27.35
CA LEU C 37 -18.52 -10.08 -27.25
C LEU C 37 -17.21 -10.80 -26.99
N ALA C 38 -17.24 -11.74 -26.07
CA ALA C 38 -16.04 -12.51 -25.75
C ALA C 38 -15.50 -13.23 -27.00
N HIS C 39 -16.42 -13.83 -27.75
CA HIS C 39 -16.11 -14.57 -28.96
C HIS C 39 -15.46 -13.67 -29.99
N GLU C 40 -16.08 -12.52 -30.24
CA GLU C 40 -15.50 -11.50 -31.13
C GLU C 40 -14.09 -11.05 -30.72
N VAL C 41 -13.84 -10.93 -29.41
CA VAL C 41 -12.52 -10.54 -28.89
C VAL C 41 -11.45 -11.63 -29.10
N ILE C 42 -11.85 -12.87 -28.88
CA ILE C 42 -11.00 -14.02 -29.15
C ILE C 42 -10.67 -14.11 -30.66
N GLU C 43 -11.67 -13.95 -31.50
CA GLU C 43 -11.45 -14.00 -32.93
C GLU C 43 -10.36 -13.01 -33.31
N ALA C 44 -10.45 -11.81 -32.77
CA ALA C 44 -9.40 -10.80 -33.02
C ALA C 44 -8.05 -11.21 -32.47
N GLN C 45 -8.03 -11.73 -31.26
CA GLN C 45 -6.76 -11.98 -30.64
C GLN C 45 -6.05 -13.15 -31.34
N GLN C 46 -6.84 -14.08 -31.85
CA GLN C 46 -6.27 -15.20 -32.59
C GLN C 46 -5.79 -14.81 -33.97
N ALA C 47 -6.38 -13.80 -34.58
CA ALA C 47 -5.83 -13.31 -35.83
C ALA C 47 -4.53 -12.53 -35.63
N GLY C 48 -4.03 -12.48 -34.39
CA GLY C 48 -2.73 -11.86 -34.09
C GLY C 48 -2.84 -10.40 -33.69
N ALA C 49 -3.98 -10.00 -33.15
CA ALA C 49 -4.11 -8.66 -32.64
C ALA C 49 -3.80 -8.67 -31.14
N GLN C 50 -3.27 -7.57 -30.65
CA GLN C 50 -3.10 -7.39 -29.24
C GLN C 50 -4.22 -6.47 -28.78
N VAL C 51 -5.04 -6.99 -27.86
CA VAL C 51 -6.30 -6.38 -27.51
C VAL C 51 -6.40 -5.89 -26.06
N ALA C 52 -6.73 -4.60 -25.93
CA ALA C 52 -7.07 -4.04 -24.66
C ALA C 52 -8.53 -3.70 -24.71
N LEU C 53 -9.25 -3.99 -23.64
CA LEU C 53 -10.65 -3.66 -23.54
C LEU C 53 -10.91 -2.64 -22.48
N VAL C 54 -11.92 -1.79 -22.73
CA VAL C 54 -12.43 -0.90 -21.72
C VAL C 54 -13.95 -0.89 -21.75
N ILE C 55 -14.56 -1.44 -20.72
CA ILE C 55 -16.00 -1.44 -20.58
C ILE C 55 -16.45 -0.49 -19.45
N GLY C 56 -17.46 0.31 -19.73
CA GLY C 56 -18.00 1.25 -18.79
C GLY C 56 -18.81 0.53 -17.74
N GLY C 57 -19.56 1.27 -16.93
CA GLY C 57 -20.28 0.68 -15.82
C GLY C 57 -21.75 1.02 -15.72
N GLY C 58 -22.29 1.73 -16.70
CA GLY C 58 -23.67 2.20 -16.63
C GLY C 58 -24.71 1.08 -16.54
N ASN C 59 -24.32 -0.15 -16.87
CA ASN C 59 -25.21 -1.31 -16.65
C ASN C 59 -25.41 -1.68 -15.16
N ILE C 60 -24.49 -1.26 -14.32
CA ILE C 60 -24.54 -1.55 -12.91
C ILE C 60 -24.86 -0.25 -12.16
N PHE C 61 -24.18 0.82 -12.53
CA PHE C 61 -24.46 2.11 -11.93
C PHE C 61 -25.63 2.80 -12.66
N ARG C 62 -26.84 2.36 -12.34
CA ARG C 62 -28.08 2.85 -12.94
C ARG C 62 -29.22 2.75 -11.93
N GLY C 63 -30.35 3.37 -12.24
CA GLY C 63 -31.52 3.39 -11.36
C GLY C 63 -31.46 4.61 -10.45
N ALA C 64 -32.62 5.19 -10.16
CA ALA C 64 -32.66 6.38 -9.34
C ALA C 64 -31.96 6.19 -7.97
N GLY C 65 -31.93 4.96 -7.47
CA GLY C 65 -31.24 4.68 -6.21
C GLY C 65 -29.74 4.92 -6.28
N LEU C 66 -29.06 4.27 -7.23
CA LEU C 66 -27.63 4.48 -7.37
C LEU C 66 -27.33 5.82 -8.04
N ALA C 67 -27.74 6.00 -9.29
CA ALA C 67 -27.45 7.22 -10.01
C ALA C 67 -28.37 8.36 -9.60
N ALA C 68 -28.50 8.57 -8.29
CA ALA C 68 -29.29 9.67 -7.76
C ALA C 68 -28.98 11.02 -8.43
N SER C 69 -30.05 11.79 -8.65
CA SER C 69 -29.98 13.08 -9.36
C SER C 69 -28.98 14.08 -8.75
N GLY C 70 -29.03 14.30 -7.44
CA GLY C 70 -28.19 15.30 -6.80
C GLY C 70 -27.17 14.73 -5.84
N MET C 71 -26.69 13.53 -6.16
CA MET C 71 -25.69 12.88 -5.33
C MET C 71 -24.30 13.46 -5.51
N ASP C 72 -23.46 13.32 -4.51
CA ASP C 72 -22.10 13.77 -4.61
C ASP C 72 -21.39 13.14 -5.82
N ARG C 73 -20.92 13.99 -6.72
CA ARG C 73 -20.38 13.53 -7.98
C ARG C 73 -19.13 12.65 -7.84
N VAL C 74 -18.32 12.93 -6.83
CA VAL C 74 -17.13 12.11 -6.57
C VAL C 74 -17.56 10.73 -6.10
N THR C 75 -18.49 10.68 -5.17
CA THR C 75 -19.07 9.42 -4.74
C THR C 75 -19.71 8.68 -5.91
N GLY C 76 -20.42 9.43 -6.76
CA GLY C 76 -21.03 8.88 -7.95
C GLY C 76 -20.01 8.19 -8.85
N ASP C 77 -18.96 8.91 -9.18
CA ASP C 77 -17.91 8.41 -10.03
C ASP C 77 -17.18 7.18 -9.44
N HIS C 78 -16.95 7.20 -8.13
CA HIS C 78 -16.31 6.04 -7.48
C HIS C 78 -17.19 4.77 -7.61
N MET C 79 -18.49 4.96 -7.45
CA MET C 79 -19.46 3.88 -7.61
C MET C 79 -19.38 3.30 -9.01
N GLY C 80 -19.37 4.18 -9.99
CA GLY C 80 -19.14 3.78 -11.36
C GLY C 80 -17.85 3.04 -11.56
N MET C 81 -16.77 3.49 -10.95
CA MET C 81 -15.50 2.83 -11.17
C MET C 81 -15.57 1.42 -10.67
N LEU C 82 -16.32 1.22 -9.58
CA LEU C 82 -16.43 -0.09 -8.97
C LEU C 82 -17.32 -0.94 -9.87
N ALA C 83 -18.30 -0.29 -10.50
CA ALA C 83 -19.17 -0.96 -11.44
C ALA C 83 -18.28 -1.58 -12.54
N THR C 84 -17.29 -0.83 -13.02
CA THR C 84 -16.44 -1.37 -14.08
C THR C 84 -15.56 -2.54 -13.61
N VAL C 85 -15.10 -2.52 -12.38
CA VAL C 85 -14.32 -3.66 -11.93
C VAL C 85 -15.15 -4.93 -11.97
N ILE C 86 -16.39 -4.86 -11.52
CA ILE C 86 -17.36 -5.96 -11.64
C ILE C 86 -17.53 -6.44 -13.08
N ASN C 87 -17.76 -5.51 -14.03
CA ASN C 87 -17.81 -5.88 -15.47
C ASN C 87 -16.50 -6.55 -15.96
N ALA C 88 -15.34 -5.96 -15.64
CA ALA C 88 -14.09 -6.53 -16.12
C ALA C 88 -13.95 -7.95 -15.59
N LEU C 89 -14.32 -8.14 -14.33
CA LEU C 89 -14.26 -9.46 -13.73
C LEU C 89 -15.14 -10.42 -14.51
N ALA C 90 -16.34 -10.00 -14.86
CA ALA C 90 -17.23 -10.88 -15.61
C ALA C 90 -16.66 -11.17 -16.97
N MET C 91 -16.05 -10.16 -17.59
CA MET C 91 -15.44 -10.36 -18.92
C MET C 91 -14.30 -11.32 -18.81
N GLN C 92 -13.54 -11.22 -17.71
CA GLN C 92 -12.39 -12.08 -17.55
C GLN C 92 -12.85 -13.52 -17.56
N ASP C 93 -13.73 -13.89 -16.63
CA ASP C 93 -14.36 -15.21 -16.63
C ASP C 93 -14.76 -15.70 -18.03
N ALA C 94 -15.65 -14.97 -18.65
CA ALA C 94 -16.15 -15.34 -19.96
C ALA C 94 -14.99 -15.69 -20.85
N LEU C 95 -14.08 -14.74 -21.04
CA LEU C 95 -12.90 -14.96 -21.87
C LEU C 95 -12.10 -16.21 -21.44
N GLU C 96 -11.90 -16.37 -20.14
CA GLU C 96 -11.03 -17.44 -19.64
C GLU C 96 -11.67 -18.79 -19.89
N LYS C 97 -13.00 -18.84 -19.84
CA LYS C 97 -13.71 -20.09 -20.05
C LYS C 97 -13.38 -20.62 -21.42
N LEU C 98 -13.20 -19.68 -22.34
CA LEU C 98 -12.89 -20.01 -23.72
C LEU C 98 -11.40 -20.02 -23.99
N GLY C 99 -10.60 -20.32 -22.96
CA GLY C 99 -9.14 -20.46 -23.11
C GLY C 99 -8.31 -19.20 -23.33
N ALA C 100 -8.91 -18.02 -23.29
CA ALA C 100 -8.11 -16.83 -23.50
C ALA C 100 -7.34 -16.51 -22.22
N LYS C 101 -6.17 -15.93 -22.37
CA LYS C 101 -5.40 -15.49 -21.22
C LYS C 101 -5.69 -14.01 -20.99
N VAL C 102 -5.97 -13.64 -19.75
CA VAL C 102 -6.47 -12.31 -19.46
C VAL C 102 -5.85 -11.64 -18.21
N ARG C 103 -5.75 -10.32 -18.25
CA ARG C 103 -5.22 -9.58 -17.11
C ARG C 103 -6.14 -8.40 -16.89
N VAL C 104 -6.87 -8.42 -15.77
CA VAL C 104 -7.61 -7.25 -15.39
C VAL C 104 -6.71 -6.26 -14.65
N MET C 105 -6.78 -5.00 -15.05
CA MET C 105 -5.90 -3.98 -14.53
C MET C 105 -6.68 -2.73 -14.12
N SER C 106 -6.63 -2.43 -12.84
CA SER C 106 -7.45 -1.36 -12.28
C SER C 106 -6.67 -0.07 -12.06
N ALA C 107 -7.34 1.05 -12.25
CA ALA C 107 -6.75 2.38 -12.19
C ALA C 107 -6.62 2.84 -10.74
N ILE C 108 -7.42 2.25 -9.85
CA ILE C 108 -7.27 2.43 -8.43
C ILE C 108 -6.97 1.07 -7.79
N LYS C 109 -6.18 1.05 -6.71
CA LYS C 109 -5.71 -0.23 -6.16
C LYS C 109 -6.76 -1.05 -5.45
N ILE C 110 -6.95 -2.27 -5.93
CA ILE C 110 -7.84 -3.25 -5.32
C ILE C 110 -7.16 -4.56 -5.55
N ASN C 111 -5.97 -4.70 -4.97
CA ASN C 111 -5.14 -5.84 -5.29
C ASN C 111 -5.79 -7.19 -4.97
N ASP C 112 -6.66 -7.23 -3.98
CA ASP C 112 -7.30 -8.48 -3.61
C ASP C 112 -7.94 -8.99 -4.94
N VAL C 113 -8.63 -8.07 -5.55
CA VAL C 113 -9.59 -8.37 -6.56
C VAL C 113 -8.98 -8.45 -7.96
N CYS C 114 -7.97 -7.64 -8.22
CA CYS C 114 -7.38 -7.59 -9.55
C CYS C 114 -6.07 -6.80 -9.48
N GLU C 115 -5.21 -6.99 -10.45
CA GLU C 115 -3.93 -6.32 -10.36
C GLU C 115 -4.03 -4.82 -10.67
N ASP C 116 -3.09 -4.08 -10.12
CA ASP C 116 -3.01 -2.65 -10.26
C ASP C 116 -2.65 -2.32 -11.70
N PHE C 117 -3.04 -1.15 -12.20
CA PHE C 117 -2.51 -0.75 -13.50
C PHE C 117 -1.09 -0.14 -13.46
N ILE C 118 -0.23 -0.64 -14.32
CA ILE C 118 1.15 -0.17 -14.43
C ILE C 118 1.54 -0.28 -15.91
N ARG C 119 1.81 0.86 -16.53
CA ARG C 119 1.98 0.91 -17.96
C ARG C 119 2.96 -0.13 -18.52
N ARG C 120 4.13 -0.25 -17.93
CA ARG C 120 5.11 -1.22 -18.38
C ARG C 120 4.61 -2.65 -18.24
N ARG C 121 3.90 -2.95 -17.15
CA ARG C 121 3.35 -4.29 -16.97
C ARG C 121 2.35 -4.57 -18.07
N ALA C 122 1.50 -3.58 -18.33
CA ALA C 122 0.43 -3.73 -19.28
C ALA C 122 0.95 -3.98 -20.70
N ILE C 123 1.94 -3.20 -21.11
CA ILE C 123 2.49 -3.34 -22.42
C ILE C 123 3.06 -4.75 -22.50
N ARG C 124 3.78 -5.13 -21.46
CA ARG C 124 4.30 -6.48 -21.43
C ARG C 124 3.20 -7.54 -21.58
N HIS C 125 2.12 -7.45 -20.80
CA HIS C 125 1.03 -8.44 -20.90
C HIS C 125 0.54 -8.58 -22.34
N LEU C 126 0.52 -7.45 -23.04
CA LEU C 126 0.09 -7.39 -24.42
C LEU C 126 1.07 -8.12 -25.32
N GLU C 127 2.37 -7.91 -25.08
CA GLU C 127 3.38 -8.61 -25.89
C GLU C 127 3.31 -10.12 -25.75
N LYS C 128 2.95 -10.60 -24.58
CA LYS C 128 2.85 -12.05 -24.35
C LYS C 128 1.58 -12.67 -24.95
N GLY C 129 0.68 -11.86 -25.48
CA GLY C 129 -0.55 -12.38 -26.10
C GLY C 129 -1.79 -12.36 -25.21
N ARG C 130 -1.70 -11.68 -24.07
CA ARG C 130 -2.78 -11.62 -23.11
C ARG C 130 -3.72 -10.51 -23.48
N ILE C 131 -4.98 -10.68 -23.15
CA ILE C 131 -5.97 -9.63 -23.34
C ILE C 131 -5.97 -8.75 -22.10
N ALA C 132 -5.78 -7.46 -22.32
CA ALA C 132 -5.75 -6.50 -21.26
C ALA C 132 -7.14 -5.86 -21.05
N ILE C 133 -7.66 -5.97 -19.83
CA ILE C 133 -8.94 -5.37 -19.51
C ILE C 133 -8.75 -4.30 -18.44
N PHE C 134 -9.00 -3.03 -18.79
CA PHE C 134 -8.69 -1.87 -17.93
C PHE C 134 -9.94 -1.40 -17.22
N ALA C 135 -9.87 -1.24 -15.91
CA ALA C 135 -11.04 -0.82 -15.14
C ALA C 135 -10.77 0.49 -14.40
N ALA C 136 -11.85 1.20 -14.05
CA ALA C 136 -11.78 2.42 -13.22
C ALA C 136 -11.20 3.67 -13.91
N GLY C 137 -11.34 3.76 -15.22
CA GLY C 137 -10.99 4.95 -16.00
C GLY C 137 -9.62 5.51 -15.73
N THR C 138 -9.56 6.81 -15.48
CA THR C 138 -8.30 7.42 -15.14
C THR C 138 -7.99 7.30 -13.64
N GLY C 139 -8.95 6.86 -12.83
CA GLY C 139 -8.74 6.82 -11.38
C GLY C 139 -9.13 8.15 -10.72
N ASN C 140 -9.69 9.06 -11.52
CA ASN C 140 -10.15 10.35 -11.04
C ASN C 140 -11.59 10.67 -11.37
N PRO C 141 -12.24 11.38 -10.45
CA PRO C 141 -13.62 11.80 -10.69
C PRO C 141 -13.65 12.85 -11.80
N PHE C 142 -14.82 13.22 -12.28
CA PHE C 142 -14.96 14.26 -13.30
C PHE C 142 -14.34 13.93 -14.66
N PHE C 143 -13.89 12.69 -14.84
CA PHE C 143 -13.39 12.20 -16.12
C PHE C 143 -14.25 11.04 -16.59
N THR C 144 -14.50 10.98 -17.88
CA THR C 144 -15.35 9.96 -18.45
C THR C 144 -14.60 8.68 -18.76
N THR C 145 -15.35 7.62 -19.03
CA THR C 145 -14.79 6.40 -19.51
C THR C 145 -14.08 6.66 -20.84
N ASP C 146 -14.62 7.51 -21.69
CA ASP C 146 -13.92 7.79 -22.94
C ASP C 146 -12.51 8.30 -22.66
N SER C 147 -12.37 9.18 -21.67
CA SER C 147 -11.06 9.74 -21.34
C SER C 147 -10.14 8.64 -20.87
N GLY C 148 -10.67 7.72 -20.09
CA GLY C 148 -9.86 6.61 -19.62
C GLY C 148 -9.43 5.70 -20.76
N ALA C 149 -10.31 5.52 -21.75
CA ALA C 149 -9.92 4.68 -22.85
C ALA C 149 -8.84 5.39 -23.67
N ALA C 150 -9.02 6.69 -23.93
CA ALA C 150 -8.01 7.42 -24.71
C ALA C 150 -6.66 7.39 -24.02
N LEU C 151 -6.68 7.50 -22.69
CA LEU C 151 -5.48 7.56 -21.90
C LEU C 151 -4.74 6.22 -22.04
N ARG C 152 -5.49 5.13 -21.84
CA ARG C 152 -4.94 3.81 -21.88
C ARG C 152 -4.35 3.50 -23.26
N ALA C 153 -5.05 3.98 -24.29
CA ALA C 153 -4.65 3.76 -25.66
C ALA C 153 -3.25 4.35 -25.90
N ILE C 154 -3.06 5.62 -25.54
CA ILE C 154 -1.76 6.23 -25.69
C ILE C 154 -0.68 5.55 -24.86
N GLU C 155 -0.96 5.27 -23.60
CA GLU C 155 0.01 4.63 -22.73
C GLU C 155 0.52 3.28 -23.29
N ILE C 156 -0.35 2.51 -23.95
CA ILE C 156 0.05 1.22 -24.48
C ILE C 156 0.49 1.32 -25.93
N GLY C 157 0.46 2.53 -26.49
CA GLY C 157 0.86 2.70 -27.89
C GLY C 157 -0.09 1.99 -28.83
N ALA C 158 -1.39 2.19 -28.65
CA ALA C 158 -2.33 1.54 -29.55
C ALA C 158 -2.22 2.07 -31.00
N ASP C 159 -2.43 1.19 -31.98
CA ASP C 159 -2.46 1.63 -33.37
C ASP C 159 -3.85 2.21 -33.70
N LEU C 160 -4.84 1.85 -32.90
CA LEU C 160 -6.22 2.26 -33.16
C LEU C 160 -7.05 2.25 -31.89
N LEU C 161 -7.91 3.27 -31.72
CA LEU C 161 -8.89 3.33 -30.63
C LEU C 161 -10.26 3.14 -31.26
N LEU C 162 -11.01 2.16 -30.75
CA LEU C 162 -12.32 1.91 -31.34
C LEU C 162 -13.30 2.23 -30.26
N LYS C 163 -14.40 2.87 -30.63
CA LYS C 163 -15.46 3.11 -29.68
C LYS C 163 -16.75 2.56 -30.27
N ALA C 164 -17.17 1.41 -29.71
CA ALA C 164 -18.39 0.74 -30.14
C ALA C 164 -19.61 1.51 -29.69
N THR C 165 -20.51 1.83 -30.61
CA THR C 165 -21.73 2.48 -30.19
C THR C 165 -22.96 1.81 -30.82
N LYS C 166 -24.13 2.34 -30.46
CA LYS C 166 -25.40 1.84 -30.96
C LYS C 166 -25.52 2.16 -32.45
N VAL C 167 -25.26 3.42 -32.79
CA VAL C 167 -25.27 3.88 -34.17
C VAL C 167 -23.94 3.54 -34.84
N ASP C 168 -24.00 2.86 -35.98
CA ASP C 168 -22.79 2.47 -36.69
C ASP C 168 -22.09 3.66 -37.35
N GLY C 169 -21.28 4.35 -36.56
CA GLY C 169 -20.55 5.52 -37.04
C GLY C 169 -21.15 6.85 -36.64
N VAL C 170 -20.66 7.90 -37.29
CA VAL C 170 -21.14 9.24 -37.04
C VAL C 170 -22.00 9.71 -38.21
N TYR C 171 -23.27 10.00 -37.92
CA TYR C 171 -24.16 10.54 -38.94
C TYR C 171 -24.37 12.03 -38.73
N ASP C 172 -24.65 12.75 -39.82
CA ASP C 172 -24.90 14.19 -39.76
C ASP C 172 -26.04 14.54 -38.79
N LYS C 173 -27.17 13.87 -38.95
CA LYS C 173 -28.33 14.01 -38.05
C LYS C 173 -28.65 12.61 -37.55
N ASP C 174 -29.16 12.50 -36.32
CA ASP C 174 -29.47 11.17 -35.77
C ASP C 174 -30.29 10.33 -36.76
N PRO C 175 -29.84 9.08 -37.03
CA PRO C 175 -30.51 8.22 -38.01
C PRO C 175 -31.94 7.86 -37.62
N LYS C 176 -32.62 8.78 -36.93
CA LYS C 176 -34.08 8.69 -36.67
C LYS C 176 -34.82 9.99 -37.03
N LYS C 177 -34.14 11.13 -36.95
CA LYS C 177 -34.75 12.43 -37.23
C LYS C 177 -35.01 12.61 -38.71
N HIS C 178 -34.04 13.10 -39.45
CA HIS C 178 -34.25 13.19 -40.89
C HIS C 178 -33.76 11.90 -41.55
N SER C 179 -34.68 11.24 -42.22
CA SER C 179 -34.47 9.92 -42.78
C SER C 179 -33.30 9.86 -43.78
N ASP C 180 -32.84 11.04 -44.23
CA ASP C 180 -31.71 11.12 -45.17
C ASP C 180 -30.40 11.39 -44.43
N ALA C 181 -30.33 10.92 -43.19
CA ALA C 181 -29.12 11.00 -42.40
C ALA C 181 -27.95 10.35 -43.15
N VAL C 182 -26.91 11.12 -43.42
CA VAL C 182 -25.73 10.57 -44.10
C VAL C 182 -24.59 10.30 -43.11
N ARG C 183 -23.97 9.14 -43.28
CA ARG C 183 -22.89 8.70 -42.43
C ARG C 183 -21.61 9.28 -43.00
N TYR C 184 -20.70 9.73 -42.13
CA TYR C 184 -19.38 10.14 -42.59
C TYR C 184 -18.49 8.94 -42.61
N ASP C 185 -17.65 8.85 -43.63
CA ASP C 185 -16.71 7.75 -43.71
C ASP C 185 -15.40 8.11 -43.00
N SER C 186 -14.93 9.34 -43.20
CA SER C 186 -13.74 9.85 -42.53
C SER C 186 -14.01 11.28 -42.14
N LEU C 187 -13.43 11.69 -41.01
CA LEU C 187 -13.49 13.09 -40.55
C LEU C 187 -12.21 13.42 -39.84
N THR C 188 -11.71 14.63 -40.02
CA THR C 188 -10.59 15.06 -39.21
C THR C 188 -11.13 15.36 -37.83
N TYR C 189 -10.26 15.40 -36.83
CA TYR C 189 -10.68 15.87 -35.51
C TYR C 189 -11.31 17.27 -35.58
N ASP C 190 -10.73 18.15 -36.38
CA ASP C 190 -11.21 19.51 -36.49
C ASP C 190 -12.57 19.62 -37.18
N GLU C 191 -12.85 18.69 -38.10
CA GLU C 191 -14.10 18.71 -38.87
C GLU C 191 -15.26 18.39 -37.95
N VAL C 192 -15.02 17.45 -37.07
CA VAL C 192 -16.02 17.04 -36.12
C VAL C 192 -16.43 18.22 -35.23
N ILE C 193 -15.44 18.82 -34.59
CA ILE C 193 -15.65 19.95 -33.73
C ILE C 193 -16.32 21.07 -34.52
N MET C 194 -15.88 21.27 -35.75
CA MET C 194 -16.42 22.31 -36.63
C MET C 194 -17.88 22.06 -36.92
N GLN C 195 -18.23 20.83 -37.24
CA GLN C 195 -19.61 20.54 -37.56
C GLN C 195 -20.46 20.39 -36.31
N GLY C 196 -19.87 20.71 -35.16
CA GLY C 196 -20.55 20.52 -33.87
C GLY C 196 -21.05 19.09 -33.60
N LEU C 197 -20.40 18.10 -34.22
CA LEU C 197 -20.74 16.70 -34.04
C LEU C 197 -20.27 16.15 -32.70
N GLU C 198 -21.05 15.23 -32.14
CA GLU C 198 -20.78 14.77 -30.77
C GLU C 198 -20.23 13.36 -30.64
N VAL C 199 -18.92 13.22 -30.77
CA VAL C 199 -18.27 11.93 -30.77
C VAL C 199 -17.81 11.45 -29.38
N MET C 200 -17.03 12.28 -28.67
CA MET C 200 -16.59 12.03 -27.28
C MET C 200 -16.74 13.35 -26.53
N ASP C 201 -16.55 13.34 -25.20
CA ASP C 201 -16.57 14.60 -24.46
C ASP C 201 -15.28 15.35 -24.78
N THR C 202 -15.36 16.68 -24.77
CA THR C 202 -14.23 17.57 -25.10
C THR C 202 -12.86 17.10 -24.63
N ALA C 203 -12.70 16.82 -23.34
CA ALA C 203 -11.38 16.47 -22.82
C ALA C 203 -10.81 15.20 -23.42
N ALA C 204 -11.61 14.14 -23.44
CA ALA C 204 -11.19 12.87 -24.04
C ALA C 204 -10.86 13.02 -25.51
N PHE C 205 -11.68 13.79 -26.22
CA PHE C 205 -11.44 14.04 -27.63
C PHE C 205 -10.12 14.73 -27.85
N ALA C 206 -9.79 15.70 -27.01
CA ALA C 206 -8.51 16.39 -27.12
C ALA C 206 -7.33 15.49 -26.81
N LEU C 207 -7.50 14.53 -25.91
CA LEU C 207 -6.39 13.65 -25.58
C LEU C 207 -6.09 12.76 -26.78
N ALA C 208 -7.14 12.28 -27.43
CA ALA C 208 -7.03 11.45 -28.59
C ALA C 208 -6.29 12.18 -29.70
N ARG C 209 -6.78 13.39 -29.97
CA ARG C 209 -6.22 14.28 -30.99
C ARG C 209 -4.77 14.59 -30.72
N ASP C 210 -4.44 15.02 -29.52
CA ASP C 210 -3.07 15.45 -29.25
C ASP C 210 -2.08 14.31 -29.28
N SER C 211 -2.55 13.10 -29.02
CA SER C 211 -1.69 11.92 -29.05
C SER C 211 -1.60 11.21 -30.39
N ASP C 212 -2.41 11.64 -31.36
CA ASP C 212 -2.36 11.19 -32.75
C ASP C 212 -2.95 9.80 -32.92
N LEU C 213 -4.10 9.63 -32.31
CA LEU C 213 -4.69 8.36 -32.16
C LEU C 213 -5.79 8.32 -33.18
N PRO C 214 -5.67 7.41 -34.15
CA PRO C 214 -6.80 7.21 -35.02
C PRO C 214 -7.93 6.62 -34.20
N LEU C 215 -9.14 7.06 -34.51
CA LEU C 215 -10.30 6.69 -33.75
C LEU C 215 -11.45 6.26 -34.67
N ARG C 216 -11.92 5.03 -34.49
CA ARG C 216 -13.00 4.48 -35.30
C ARG C 216 -14.26 4.31 -34.49
N ILE C 217 -15.30 5.06 -34.81
CA ILE C 217 -16.58 4.93 -34.16
C ILE C 217 -17.45 4.03 -35.01
N PHE C 218 -17.87 2.90 -34.46
CA PHE C 218 -18.67 1.95 -35.18
C PHE C 218 -19.58 1.22 -34.22
N GLY C 219 -20.54 0.51 -34.81
CA GLY C 219 -21.43 -0.37 -34.06
C GLY C 219 -21.06 -1.82 -34.26
N MET C 220 -21.10 -2.63 -33.20
CA MET C 220 -20.87 -4.04 -33.40
C MET C 220 -22.13 -4.74 -33.83
N SER C 221 -22.48 -4.49 -35.08
CA SER C 221 -23.76 -4.87 -35.68
C SER C 221 -23.93 -6.34 -36.03
N GLU C 222 -22.83 -7.08 -36.10
CA GLU C 222 -22.87 -8.47 -36.52
C GLU C 222 -21.51 -9.15 -36.30
N PRO C 223 -21.49 -10.49 -36.22
CA PRO C 223 -20.22 -11.20 -36.01
C PRO C 223 -19.17 -10.91 -37.09
N GLY C 224 -17.91 -10.82 -36.67
CA GLY C 224 -16.81 -10.63 -37.59
C GLY C 224 -16.50 -9.19 -37.93
N VAL C 225 -17.29 -8.26 -37.41
CA VAL C 225 -17.04 -6.84 -37.64
C VAL C 225 -15.67 -6.38 -37.12
N LEU C 226 -15.37 -6.72 -35.88
CA LEU C 226 -14.11 -6.33 -35.30
C LEU C 226 -12.92 -6.81 -36.15
N LEU C 227 -12.89 -8.09 -36.49
CA LEU C 227 -11.85 -8.66 -37.36
C LEU C 227 -11.71 -7.98 -38.73
N ARG C 228 -12.84 -7.62 -39.34
CA ARG C 228 -12.79 -6.99 -40.64
C ARG C 228 -12.09 -5.64 -40.53
N ILE C 229 -12.57 -4.82 -39.60
CA ILE C 229 -12.00 -3.54 -39.36
C ILE C 229 -10.52 -3.71 -39.12
N LEU C 230 -10.18 -4.78 -38.44
CA LEU C 230 -8.79 -5.08 -38.19
C LEU C 230 -8.02 -5.28 -39.50
N HIS C 231 -8.69 -5.79 -40.52
CA HIS C 231 -8.06 -6.00 -41.84
C HIS C 231 -8.16 -4.79 -42.77
N GLY C 232 -8.59 -3.64 -42.25
CA GLY C 232 -8.71 -2.43 -43.07
C GLY C 232 -10.10 -2.06 -43.57
N ALA C 233 -11.10 -2.92 -43.32
CA ALA C 233 -12.46 -2.64 -43.76
C ALA C 233 -12.91 -1.29 -43.24
N GLN C 234 -13.64 -0.54 -44.05
CA GLN C 234 -14.10 0.79 -43.66
C GLN C 234 -15.53 0.76 -43.13
N ILE C 235 -15.65 0.35 -41.87
CA ILE C 235 -16.96 0.24 -41.26
C ILE C 235 -17.17 1.31 -40.23
N GLY C 236 -18.25 2.06 -40.39
CA GLY C 236 -18.53 3.16 -39.48
C GLY C 236 -17.73 4.38 -39.89
N THR C 237 -17.26 5.14 -38.91
CA THR C 237 -16.56 6.38 -39.17
C THR C 237 -15.11 6.37 -38.63
N LEU C 238 -14.20 6.93 -39.43
CA LEU C 238 -12.81 7.08 -39.02
C LEU C 238 -12.54 8.56 -38.70
N VAL C 239 -12.21 8.83 -37.45
CA VAL C 239 -11.78 10.17 -37.04
C VAL C 239 -10.26 10.14 -36.99
N GLN C 240 -9.61 10.85 -37.91
CA GLN C 240 -8.14 10.88 -37.98
C GLN C 240 -7.59 12.18 -38.54
N GLY C 241 -6.40 12.58 -38.10
CA GLY C 241 -5.77 13.79 -38.64
C GLY C 241 -6.40 15.11 -38.21
N ARG C 242 -5.81 16.20 -38.63
CA ARG C 242 -6.37 17.51 -38.32
C ARG C 242 -6.71 18.27 -39.59
N SER C 243 -7.30 19.45 -39.42
CA SER C 243 -7.57 20.35 -40.52
C SER C 243 -6.51 21.44 -40.60
N SER D 5 -26.52 7.40 29.25
CA SER D 5 -27.41 7.43 28.06
C SER D 5 -28.86 7.25 28.47
N GLU D 6 -29.77 7.47 27.54
CA GLU D 6 -31.21 7.29 27.77
C GLU D 6 -31.71 6.04 27.00
N LEU D 7 -30.79 5.10 26.76
CA LEU D 7 -31.11 3.83 26.10
C LEU D 7 -30.17 2.71 26.51
N SER D 8 -30.77 1.54 26.75
CA SER D 8 -30.07 0.34 27.16
C SER D 8 -28.78 -0.03 26.40
N TYR D 9 -28.88 -0.25 25.10
CA TYR D 9 -27.68 -0.54 24.29
C TYR D 9 -27.18 0.74 23.65
N ARG D 10 -25.87 0.95 23.66
CA ARG D 10 -25.34 2.18 23.10
C ARG D 10 -24.56 1.94 21.80
N ARG D 11 -23.73 0.91 21.79
CA ARG D 11 -22.92 0.66 20.62
C ARG D 11 -23.49 -0.56 19.91
N ILE D 12 -24.15 -0.33 18.78
CA ILE D 12 -24.83 -1.44 18.10
C ILE D 12 -24.39 -1.58 16.67
N LEU D 13 -24.60 -2.77 16.10
CA LEU D 13 -24.27 -3.02 14.70
C LEU D 13 -25.50 -3.54 13.97
N LEU D 14 -26.06 -2.74 13.04
CA LEU D 14 -27.28 -3.17 12.31
C LEU D 14 -26.91 -3.80 10.98
N LYS D 15 -27.41 -4.99 10.74
CA LYS D 15 -27.03 -5.70 9.55
C LYS D 15 -28.26 -5.96 8.72
N LEU D 16 -28.22 -5.56 7.45
CA LEU D 16 -29.29 -5.92 6.49
C LEU D 16 -28.71 -6.71 5.35
N SER D 17 -29.61 -7.36 4.59
CA SER D 17 -29.23 -8.08 3.38
C SER D 17 -28.95 -7.20 2.14
N GLY D 18 -29.43 -5.98 2.07
CA GLY D 18 -29.05 -5.20 0.86
C GLY D 18 -29.99 -5.51 -0.29
N GLU D 19 -30.37 -6.77 -0.42
CA GLU D 19 -31.55 -7.06 -1.19
C GLU D 19 -32.72 -6.31 -0.53
N ALA D 20 -32.57 -6.02 0.76
CA ALA D 20 -33.56 -5.25 1.50
C ALA D 20 -33.36 -3.77 1.21
N LEU D 21 -32.64 -3.46 0.13
CA LEU D 21 -32.53 -2.06 -0.29
C LEU D 21 -33.32 -1.81 -1.58
N MET D 22 -33.74 -2.86 -2.28
CA MET D 22 -34.36 -2.59 -3.59
C MET D 22 -35.83 -2.35 -3.49
N GLY D 23 -36.39 -2.49 -2.28
CA GLY D 23 -37.84 -2.32 -2.11
C GLY D 23 -38.62 -3.06 -3.19
N ASP D 24 -39.26 -2.36 -4.10
CA ASP D 24 -40.18 -3.02 -5.02
C ASP D 24 -39.59 -3.11 -6.41
N GLY D 25 -38.42 -2.52 -6.56
CA GLY D 25 -37.63 -2.71 -7.77
C GLY D 25 -36.98 -4.09 -7.75
N ASP D 26 -36.26 -4.41 -8.82
CA ASP D 26 -35.64 -5.73 -8.87
C ASP D 26 -34.15 -5.65 -9.11
N TYR D 27 -33.54 -4.51 -8.79
CA TYR D 27 -32.09 -4.49 -8.75
C TYR D 27 -31.41 -3.34 -8.03
N GLY D 28 -31.99 -2.16 -8.07
CA GLY D 28 -31.11 -1.08 -7.62
C GLY D 28 -31.09 -0.87 -6.12
N ILE D 29 -31.09 0.41 -5.78
CA ILE D 29 -31.43 0.84 -4.48
C ILE D 29 -32.72 1.61 -4.67
N ASP D 30 -33.63 1.46 -3.72
CA ASP D 30 -34.89 2.18 -3.75
C ASP D 30 -34.81 3.45 -2.90
N PRO D 31 -34.88 4.64 -3.51
CA PRO D 31 -34.82 5.90 -2.74
C PRO D 31 -35.75 5.89 -1.51
N LYS D 32 -36.90 5.29 -1.65
CA LYS D 32 -37.78 5.15 -0.50
C LYS D 32 -37.00 4.41 0.61
N VAL D 33 -36.62 3.19 0.32
CA VAL D 33 -36.06 2.33 1.35
C VAL D 33 -34.83 2.92 2.01
N ILE D 34 -34.01 3.64 1.23
CA ILE D 34 -32.72 4.09 1.76
C ILE D 34 -32.92 5.36 2.57
N ASN D 35 -33.82 6.21 2.11
CA ASN D 35 -34.18 7.36 2.93
C ASN D 35 -34.85 6.94 4.26
N ARG D 36 -35.78 5.99 4.16
CA ARG D 36 -36.40 5.43 5.36
C ARG D 36 -35.36 4.85 6.34
N LEU D 37 -34.44 4.03 5.85
CA LEU D 37 -33.39 3.45 6.72
C LEU D 37 -32.43 4.53 7.24
N ALA D 38 -32.13 5.54 6.43
CA ALA D 38 -31.31 6.66 6.91
C ALA D 38 -31.89 7.33 8.16
N HIS D 39 -33.21 7.51 8.18
CA HIS D 39 -33.81 8.21 9.30
C HIS D 39 -33.71 7.39 10.56
N GLU D 40 -34.16 6.14 10.48
CA GLU D 40 -33.97 5.23 11.59
C GLU D 40 -32.56 5.37 12.18
N VAL D 41 -31.55 5.32 11.33
CA VAL D 41 -30.17 5.34 11.78
C VAL D 41 -29.78 6.70 12.37
N ILE D 42 -30.22 7.78 11.72
CA ILE D 42 -29.89 9.12 12.17
C ILE D 42 -30.53 9.32 13.53
N GLU D 43 -31.73 8.75 13.71
CA GLU D 43 -32.50 8.89 14.96
C GLU D 43 -31.76 8.26 16.12
N ALA D 44 -31.43 6.98 15.99
CA ALA D 44 -30.69 6.30 17.03
C ALA D 44 -29.44 7.12 17.41
N GLN D 45 -28.71 7.59 16.40
CA GLN D 45 -27.45 8.27 16.65
C GLN D 45 -27.72 9.53 17.47
N GLN D 46 -28.74 10.27 17.07
CA GLN D 46 -29.15 11.46 17.82
C GLN D 46 -29.52 11.18 19.27
N ALA D 47 -29.78 9.90 19.58
CA ALA D 47 -30.07 9.50 20.97
C ALA D 47 -28.86 8.90 21.69
N GLY D 48 -27.67 9.10 21.16
CA GLY D 48 -26.46 8.56 21.82
C GLY D 48 -25.97 7.19 21.34
N ALA D 49 -26.64 6.62 20.35
CA ALA D 49 -26.22 5.33 19.83
C ALA D 49 -24.94 5.48 18.98
N GLN D 50 -23.99 4.57 19.16
CA GLN D 50 -22.81 4.48 18.34
C GLN D 50 -23.11 3.36 17.37
N VAL D 51 -23.40 3.75 16.13
CA VAL D 51 -24.00 2.85 15.16
C VAL D 51 -23.04 2.36 14.11
N ALA D 52 -23.02 1.06 13.91
CA ALA D 52 -22.31 0.50 12.77
C ALA D 52 -23.27 -0.26 11.84
N LEU D 53 -23.14 -0.06 10.53
CA LEU D 53 -23.97 -0.75 9.54
C LEU D 53 -23.19 -1.77 8.75
N VAL D 54 -23.87 -2.87 8.41
CA VAL D 54 -23.37 -3.82 7.44
C VAL D 54 -24.54 -4.17 6.53
N ILE D 55 -24.40 -3.89 5.25
CA ILE D 55 -25.49 -4.15 4.31
C ILE D 55 -24.98 -5.04 3.23
N GLY D 56 -25.73 -6.08 2.89
CA GLY D 56 -25.20 -7.05 1.93
C GLY D 56 -25.19 -6.48 0.52
N GLY D 57 -24.97 -7.34 -0.46
CA GLY D 57 -24.80 -6.84 -1.85
C GLY D 57 -25.65 -7.56 -2.88
N GLY D 58 -26.57 -8.42 -2.39
CA GLY D 58 -27.50 -9.18 -3.24
C GLY D 58 -28.41 -8.35 -4.14
N ASN D 59 -28.46 -7.03 -3.91
CA ASN D 59 -29.26 -6.18 -4.81
C ASN D 59 -28.43 -5.71 -5.98
N ILE D 60 -27.10 -5.77 -5.89
CA ILE D 60 -26.24 -5.42 -7.04
C ILE D 60 -25.74 -6.66 -7.75
N PHE D 61 -25.31 -7.63 -6.97
CA PHE D 61 -24.70 -8.83 -7.48
C PHE D 61 -25.81 -9.83 -7.77
N ARG D 62 -26.71 -9.47 -8.68
CA ARG D 62 -27.87 -10.29 -9.00
C ARG D 62 -28.02 -10.40 -10.53
N GLY D 63 -28.83 -11.36 -10.98
CA GLY D 63 -29.05 -11.56 -12.41
C GLY D 63 -28.20 -12.69 -12.95
N ALA D 64 -28.71 -13.37 -13.98
CA ALA D 64 -28.02 -14.54 -14.53
C ALA D 64 -26.58 -14.21 -14.95
N GLY D 65 -26.41 -13.07 -15.63
CA GLY D 65 -25.09 -12.60 -16.04
C GLY D 65 -24.09 -12.42 -14.88
N LEU D 66 -24.57 -11.93 -13.74
CA LEU D 66 -23.67 -11.65 -12.64
C LEU D 66 -23.50 -12.78 -11.62
N ALA D 67 -24.60 -13.38 -11.20
CA ALA D 67 -24.53 -14.50 -10.27
C ALA D 67 -24.72 -15.84 -11.02
N ALA D 68 -23.97 -16.02 -12.11
CA ALA D 68 -24.14 -17.24 -12.88
C ALA D 68 -23.96 -18.46 -11.98
N SER D 69 -24.92 -19.36 -12.03
CA SER D 69 -24.83 -20.66 -11.38
C SER D 69 -23.39 -21.22 -11.31
N GLY D 70 -22.80 -21.50 -12.48
CA GLY D 70 -21.39 -21.93 -12.53
C GLY D 70 -20.50 -20.83 -11.95
N MET D 71 -19.72 -20.17 -12.81
CA MET D 71 -18.83 -19.05 -12.42
C MET D 71 -17.94 -19.32 -11.20
N ASP D 72 -16.69 -18.90 -11.31
CA ASP D 72 -15.74 -19.03 -10.24
C ASP D 72 -16.37 -18.46 -8.94
N ARG D 73 -16.61 -19.31 -7.96
CA ARG D 73 -17.17 -18.81 -6.72
C ARG D 73 -16.34 -17.66 -6.11
N VAL D 74 -15.02 -17.76 -6.19
CA VAL D 74 -14.19 -16.70 -5.62
C VAL D 74 -14.41 -15.36 -6.32
N THR D 75 -14.37 -15.34 -7.65
CA THR D 75 -14.66 -14.10 -8.39
C THR D 75 -16.11 -13.59 -8.16
N GLY D 76 -17.05 -14.49 -7.85
CA GLY D 76 -18.41 -14.04 -7.49
C GLY D 76 -18.39 -13.36 -6.14
N ASP D 77 -17.72 -13.97 -5.18
CA ASP D 77 -17.62 -13.34 -3.89
C ASP D 77 -16.96 -11.98 -4.05
N HIS D 78 -16.04 -11.83 -5.01
CA HIS D 78 -15.39 -10.52 -5.16
C HIS D 78 -16.35 -9.45 -5.71
N MET D 79 -17.28 -9.88 -6.57
CA MET D 79 -18.32 -8.98 -7.06
C MET D 79 -19.29 -8.59 -5.93
N GLY D 80 -19.62 -9.54 -5.08
CA GLY D 80 -20.50 -9.24 -3.97
C GLY D 80 -19.84 -8.22 -3.08
N MET D 81 -18.54 -8.44 -2.79
CA MET D 81 -17.77 -7.52 -1.98
C MET D 81 -17.82 -6.12 -2.57
N LEU D 82 -17.54 -5.98 -3.87
CA LEU D 82 -17.58 -4.65 -4.47
C LEU D 82 -19.00 -4.15 -4.43
N ALA D 83 -19.96 -5.05 -4.59
CA ALA D 83 -21.36 -4.61 -4.52
C ALA D 83 -21.60 -3.88 -3.17
N THR D 84 -21.08 -4.46 -2.07
CA THR D 84 -21.31 -3.87 -0.74
C THR D 84 -20.59 -2.54 -0.61
N VAL D 85 -19.48 -2.36 -1.33
CA VAL D 85 -18.79 -1.08 -1.29
C VAL D 85 -19.65 0.03 -1.91
N ILE D 86 -20.37 -0.31 -2.99
CA ILE D 86 -21.27 0.60 -3.67
C ILE D 86 -22.45 0.91 -2.78
N ASN D 87 -23.03 -0.10 -2.15
CA ASN D 87 -24.16 0.19 -1.26
C ASN D 87 -23.75 1.13 -0.13
N ALA D 88 -22.60 0.82 0.47
CA ALA D 88 -22.08 1.60 1.60
C ALA D 88 -21.83 3.05 1.18
N LEU D 89 -21.32 3.23 -0.02
CA LEU D 89 -21.07 4.56 -0.56
C LEU D 89 -22.40 5.31 -0.67
N ALA D 90 -23.45 4.59 -1.07
CA ALA D 90 -24.79 5.19 -1.16
C ALA D 90 -25.37 5.49 0.23
N MET D 91 -25.10 4.62 1.17
CA MET D 91 -25.59 4.84 2.51
C MET D 91 -24.85 6.01 3.10
N GLN D 92 -23.65 6.26 2.61
CA GLN D 92 -22.85 7.35 3.15
C GLN D 92 -23.46 8.66 2.72
N ASP D 93 -23.66 8.78 1.43
CA ASP D 93 -24.13 10.02 0.84
C ASP D 93 -25.52 10.35 1.34
N ALA D 94 -26.30 9.31 1.67
CA ALA D 94 -27.64 9.55 2.18
C ALA D 94 -27.59 10.04 3.62
N LEU D 95 -26.69 9.46 4.41
CA LEU D 95 -26.57 9.82 5.81
C LEU D 95 -25.95 11.18 5.98
N GLU D 96 -25.02 11.51 5.10
CA GLU D 96 -24.36 12.79 5.18
C GLU D 96 -25.28 13.89 4.72
N LYS D 97 -26.25 13.57 3.87
CA LYS D 97 -27.24 14.58 3.47
C LYS D 97 -28.03 15.05 4.66
N LEU D 98 -28.14 14.18 5.66
CA LEU D 98 -28.86 14.48 6.88
C LEU D 98 -27.97 14.94 8.05
N GLY D 99 -26.74 15.33 7.75
CA GLY D 99 -25.89 15.95 8.75
C GLY D 99 -25.09 14.96 9.57
N ALA D 100 -25.10 13.68 9.16
CA ALA D 100 -24.34 12.68 9.90
C ALA D 100 -22.91 12.62 9.42
N LYS D 101 -22.03 12.26 10.33
CA LYS D 101 -20.65 12.01 9.96
C LYS D 101 -20.47 10.51 9.74
N VAL D 102 -19.91 10.16 8.60
CA VAL D 102 -19.83 8.77 8.24
C VAL D 102 -18.41 8.37 7.94
N ARG D 103 -18.06 7.13 8.22
CA ARG D 103 -16.76 6.58 7.84
C ARG D 103 -17.03 5.20 7.26
N VAL D 104 -16.93 5.08 5.94
CA VAL D 104 -17.05 3.77 5.34
C VAL D 104 -15.70 3.11 5.46
N MET D 105 -15.71 1.84 5.82
CA MET D 105 -14.46 1.13 6.04
C MET D 105 -14.56 -0.25 5.41
N SER D 106 -13.69 -0.53 4.47
CA SER D 106 -13.79 -1.77 3.74
C SER D 106 -12.79 -2.78 4.26
N ALA D 107 -13.15 -4.05 4.17
CA ALA D 107 -12.27 -5.14 4.61
C ALA D 107 -11.21 -5.50 3.55
N ILE D 108 -11.34 -4.95 2.35
CA ILE D 108 -10.27 -5.10 1.37
C ILE D 108 -9.83 -3.71 0.95
N LYS D 109 -8.55 -3.55 0.65
CA LYS D 109 -8.01 -2.22 0.40
C LYS D 109 -8.47 -1.59 -0.91
N ILE D 110 -9.13 -0.46 -0.77
CA ILE D 110 -9.63 0.32 -1.88
C ILE D 110 -9.53 1.79 -1.49
N ASN D 111 -8.34 2.18 -1.05
CA ASN D 111 -8.23 3.49 -0.36
C ASN D 111 -8.62 4.71 -1.16
N ASP D 112 -8.57 4.64 -2.48
CA ASP D 112 -8.98 5.80 -3.25
C ASP D 112 -10.35 6.14 -2.48
N VAL D 113 -11.16 5.05 -2.49
CA VAL D 113 -12.62 5.04 -2.50
C VAL D 113 -13.25 5.16 -1.10
N CYS D 114 -12.56 4.63 -0.10
CA CYS D 114 -13.06 4.58 1.25
C CYS D 114 -11.93 4.09 2.14
N GLU D 115 -12.03 4.35 3.44
CA GLU D 115 -10.88 4.06 4.28
C GLU D 115 -10.80 2.59 4.60
N ASP D 116 -9.57 2.12 4.74
CA ASP D 116 -9.25 0.76 5.08
C ASP D 116 -9.88 0.40 6.41
N PHE D 117 -10.21 -0.87 6.65
CA PHE D 117 -10.71 -1.21 7.97
C PHE D 117 -9.60 -1.56 8.97
N ILE D 118 -9.63 -0.86 10.09
CA ILE D 118 -8.65 -1.00 11.16
C ILE D 118 -9.33 -0.89 12.52
N ARG D 119 -9.28 -1.99 13.25
CA ARG D 119 -10.10 -2.08 14.42
C ARG D 119 -9.97 -0.82 15.29
N ARG D 120 -8.73 -0.43 15.58
CA ARG D 120 -8.54 0.68 16.49
C ARG D 120 -9.16 1.96 15.94
N ARG D 121 -8.91 2.25 14.68
CA ARG D 121 -9.51 3.40 14.00
C ARG D 121 -11.04 3.36 14.12
N ALA D 122 -11.64 2.19 13.85
CA ALA D 122 -13.11 2.10 13.86
C ALA D 122 -13.77 2.48 15.20
N ILE D 123 -13.19 1.99 16.29
CA ILE D 123 -13.66 2.28 17.63
C ILE D 123 -13.62 3.78 17.86
N ARG D 124 -12.44 4.35 17.65
CA ARG D 124 -12.25 5.80 17.71
C ARG D 124 -13.40 6.47 17.00
N HIS D 125 -13.59 6.15 15.73
CA HIS D 125 -14.65 6.77 14.99
C HIS D 125 -15.96 6.70 15.78
N LEU D 126 -16.26 5.50 16.30
CA LEU D 126 -17.54 5.29 16.97
C LEU D 126 -17.63 6.22 18.18
N GLU D 127 -16.58 6.27 19.00
CA GLU D 127 -16.66 7.04 20.25
C GLU D 127 -16.50 8.52 19.93
N LYS D 128 -16.69 8.86 18.66
CA LYS D 128 -16.66 10.26 18.22
C LYS D 128 -18.01 10.66 17.64
N GLY D 129 -18.98 9.76 17.70
CA GLY D 129 -20.31 10.09 17.21
C GLY D 129 -20.48 9.83 15.73
N ARG D 130 -19.52 9.16 15.11
CA ARG D 130 -19.68 8.86 13.68
C ARG D 130 -20.36 7.50 13.42
N ILE D 131 -20.99 7.35 12.25
CA ILE D 131 -21.63 6.10 11.83
C ILE D 131 -20.59 5.32 11.03
N ALA D 132 -20.28 4.11 11.46
CA ALA D 132 -19.32 3.27 10.77
C ALA D 132 -20.08 2.31 9.85
N ILE D 133 -19.57 2.19 8.63
CA ILE D 133 -20.20 1.34 7.64
C ILE D 133 -19.12 0.42 7.12
N PHE D 134 -19.35 -0.89 7.26
CA PHE D 134 -18.32 -1.84 6.90
C PHE D 134 -18.73 -2.51 5.65
N ALA D 135 -17.78 -2.75 4.77
CA ALA D 135 -18.08 -3.37 3.49
C ALA D 135 -17.05 -4.43 3.19
N ALA D 136 -17.45 -5.39 2.36
CA ALA D 136 -16.59 -6.47 1.90
C ALA D 136 -16.38 -7.54 2.93
N GLY D 137 -17.35 -7.67 3.85
CA GLY D 137 -17.39 -8.80 4.77
C GLY D 137 -16.13 -8.93 5.58
N THR D 138 -15.61 -10.15 5.67
CA THR D 138 -14.38 -10.42 6.42
C THR D 138 -13.17 -10.22 5.52
N GLY D 139 -13.41 -9.80 4.29
CA GLY D 139 -12.33 -9.68 3.31
C GLY D 139 -11.97 -11.03 2.68
N ASN D 140 -12.58 -12.11 3.17
CA ASN D 140 -12.31 -13.45 2.60
C ASN D 140 -13.46 -14.00 1.79
N PRO D 141 -13.17 -14.80 0.76
CA PRO D 141 -14.26 -15.49 0.05
C PRO D 141 -14.77 -16.63 0.90
N PHE D 142 -15.88 -17.22 0.48
CA PHE D 142 -16.52 -18.34 1.19
C PHE D 142 -17.00 -17.96 2.56
N PHE D 143 -17.14 -16.66 2.82
CA PHE D 143 -17.69 -16.21 4.09
C PHE D 143 -18.85 -15.28 3.85
N THR D 144 -19.93 -15.48 4.59
CA THR D 144 -21.17 -14.74 4.33
C THR D 144 -21.13 -13.38 4.99
N THR D 145 -22.12 -12.57 4.64
CA THR D 145 -22.27 -11.23 5.19
C THR D 145 -22.37 -11.26 6.70
N ASP D 146 -23.07 -12.28 7.21
CA ASP D 146 -23.22 -12.43 8.64
C ASP D 146 -21.87 -12.65 9.32
N SER D 147 -21.03 -13.51 8.78
CA SER D 147 -19.72 -13.69 9.40
C SER D 147 -19.03 -12.35 9.53
N GLY D 148 -19.11 -11.57 8.46
CA GLY D 148 -18.45 -10.29 8.43
C GLY D 148 -19.10 -9.41 9.46
N ALA D 149 -20.41 -9.60 9.66
CA ALA D 149 -21.09 -8.75 10.62
C ALA D 149 -20.74 -9.17 12.04
N ALA D 150 -20.70 -10.48 12.29
CA ALA D 150 -20.33 -10.95 13.64
C ALA D 150 -18.90 -10.52 14.03
N LEU D 151 -18.00 -10.63 13.05
CA LEU D 151 -16.61 -10.29 13.22
C LEU D 151 -16.52 -8.83 13.65
N ARG D 152 -17.16 -7.97 12.88
CA ARG D 152 -17.07 -6.55 13.14
C ARG D 152 -17.70 -6.20 14.49
N ALA D 153 -18.74 -6.93 14.86
CA ALA D 153 -19.42 -6.65 16.10
C ALA D 153 -18.50 -6.94 17.24
N ILE D 154 -17.86 -8.10 17.16
CA ILE D 154 -17.00 -8.47 18.25
C ILE D 154 -15.88 -7.43 18.30
N GLU D 155 -15.19 -7.30 17.19
CA GLU D 155 -14.09 -6.36 17.12
C GLU D 155 -14.42 -4.99 17.78
N ILE D 156 -15.58 -4.42 17.48
CA ILE D 156 -15.85 -3.06 17.96
C ILE D 156 -16.48 -3.06 19.37
N GLY D 157 -16.70 -4.26 19.90
CA GLY D 157 -17.31 -4.44 21.23
C GLY D 157 -18.72 -3.90 21.31
N ALA D 158 -19.51 -4.15 20.28
CA ALA D 158 -20.90 -3.70 20.27
C ALA D 158 -21.61 -4.45 21.37
N ASP D 159 -22.65 -3.80 21.93
CA ASP D 159 -23.50 -4.36 22.99
C ASP D 159 -24.56 -5.25 22.38
N LEU D 160 -24.76 -5.12 21.07
CA LEU D 160 -25.85 -5.83 20.43
C LEU D 160 -25.66 -5.96 18.91
N LEU D 161 -25.88 -7.14 18.38
CA LEU D 161 -25.82 -7.29 16.93
C LEU D 161 -27.24 -7.50 16.40
N LEU D 162 -27.74 -6.53 15.64
CA LEU D 162 -29.10 -6.59 15.13
C LEU D 162 -29.08 -7.13 13.70
N LYS D 163 -29.77 -8.23 13.46
CA LYS D 163 -29.85 -8.75 12.13
C LYS D 163 -31.27 -8.66 11.66
N ALA D 164 -31.54 -7.73 10.72
CA ALA D 164 -32.88 -7.49 10.15
C ALA D 164 -33.22 -8.46 9.02
N THR D 165 -34.28 -9.22 9.17
CA THR D 165 -34.63 -10.22 8.15
C THR D 165 -36.12 -10.10 7.85
N LYS D 166 -36.63 -11.01 7.02
CA LYS D 166 -38.06 -11.05 6.74
C LYS D 166 -38.86 -11.49 7.97
N VAL D 167 -38.69 -12.74 8.40
CA VAL D 167 -39.43 -13.28 9.55
C VAL D 167 -39.03 -12.59 10.85
N ASP D 168 -39.99 -11.91 11.49
CA ASP D 168 -39.72 -11.14 12.70
C ASP D 168 -39.40 -12.00 13.93
N GLY D 169 -38.14 -12.33 14.12
CA GLY D 169 -37.73 -13.19 15.23
C GLY D 169 -37.61 -14.66 14.86
N VAL D 170 -37.65 -15.53 15.86
CA VAL D 170 -37.57 -16.96 15.63
C VAL D 170 -38.78 -17.64 16.22
N TYR D 171 -39.34 -18.60 15.51
CA TYR D 171 -40.52 -19.32 16.00
C TYR D 171 -40.18 -20.80 16.09
N ASP D 172 -40.80 -21.51 17.04
CA ASP D 172 -40.69 -22.98 17.09
C ASP D 172 -41.07 -23.60 15.74
N LYS D 173 -42.35 -23.48 15.39
CA LYS D 173 -42.87 -23.99 14.13
C LYS D 173 -42.75 -22.92 13.06
N ASP D 174 -42.67 -23.34 11.80
CA ASP D 174 -42.56 -22.41 10.68
C ASP D 174 -43.76 -21.49 10.65
N PRO D 175 -43.51 -20.17 10.69
CA PRO D 175 -44.63 -19.22 10.72
C PRO D 175 -45.48 -19.20 9.45
N LYS D 176 -44.94 -19.70 8.34
CA LYS D 176 -45.72 -19.78 7.09
C LYS D 176 -46.36 -21.14 6.88
N LYS D 177 -46.13 -22.05 7.83
CA LYS D 177 -46.67 -23.40 7.77
C LYS D 177 -47.85 -23.49 8.73
N HIS D 178 -47.66 -22.92 9.91
CA HIS D 178 -48.65 -22.96 10.98
C HIS D 178 -49.10 -21.57 11.40
N SER D 179 -50.40 -21.42 11.63
CA SER D 179 -50.90 -20.18 12.18
C SER D 179 -50.62 -20.13 13.66
N ASP D 180 -50.30 -21.30 14.22
CA ASP D 180 -50.06 -21.44 15.66
C ASP D 180 -48.57 -21.37 15.98
N ALA D 181 -47.81 -20.78 15.04
CA ALA D 181 -46.40 -20.47 15.26
C ALA D 181 -46.26 -19.48 16.43
N VAL D 182 -45.43 -19.83 17.40
CA VAL D 182 -45.18 -18.97 18.56
C VAL D 182 -43.81 -18.30 18.42
N ARG D 183 -43.76 -17.00 18.69
CA ARG D 183 -42.52 -16.24 18.57
C ARG D 183 -41.84 -16.19 19.94
N TYR D 184 -40.60 -16.66 20.02
CA TYR D 184 -39.85 -16.59 21.28
C TYR D 184 -39.42 -15.15 21.53
N ASP D 185 -39.35 -14.77 22.81
CA ASP D 185 -38.79 -13.48 23.21
C ASP D 185 -37.27 -13.53 23.24
N SER D 186 -36.74 -14.67 23.67
CA SER D 186 -35.30 -14.88 23.82
C SER D 186 -34.93 -16.37 23.74
N LEU D 187 -33.63 -16.66 23.66
CA LEU D 187 -33.21 -18.03 23.38
C LEU D 187 -31.72 -18.02 23.61
N THR D 188 -31.14 -19.15 23.98
CA THR D 188 -29.68 -19.22 24.14
C THR D 188 -29.04 -19.94 22.94
N TYR D 189 -27.76 -19.67 22.70
CA TYR D 189 -27.09 -20.31 21.57
C TYR D 189 -27.33 -21.83 21.58
N ASP D 190 -27.27 -22.44 22.75
CA ASP D 190 -27.57 -23.87 22.80
C ASP D 190 -29.00 -24.17 22.38
N GLU D 191 -29.96 -23.55 23.04
CA GLU D 191 -31.37 -23.73 22.67
C GLU D 191 -31.60 -23.62 21.16
N VAL D 192 -30.89 -22.71 20.49
CA VAL D 192 -31.04 -22.60 19.04
C VAL D 192 -30.43 -23.77 18.29
N ILE D 193 -29.16 -24.05 18.59
CA ILE D 193 -28.47 -25.23 18.04
C ILE D 193 -29.30 -26.50 18.23
N MET D 194 -29.62 -26.79 19.49
CA MET D 194 -30.37 -28.00 19.83
C MET D 194 -31.68 -28.11 19.09
N GLN D 195 -32.46 -27.03 19.09
CA GLN D 195 -33.73 -27.04 18.36
C GLN D 195 -33.53 -27.00 16.85
N GLY D 196 -32.26 -26.98 16.43
CA GLY D 196 -31.94 -26.96 15.00
C GLY D 196 -32.64 -25.85 14.24
N LEU D 197 -32.65 -24.67 14.85
CA LEU D 197 -33.29 -23.49 14.27
C LEU D 197 -32.19 -22.71 13.58
N GLU D 198 -32.52 -22.00 12.50
CA GLU D 198 -31.46 -21.33 11.75
C GLU D 198 -31.52 -19.80 11.83
N VAL D 199 -30.45 -19.17 12.30
CA VAL D 199 -30.44 -17.71 12.40
C VAL D 199 -29.28 -17.08 11.62
N MET D 200 -28.19 -17.84 11.52
CA MET D 200 -27.07 -17.50 10.68
C MET D 200 -26.48 -18.84 10.25
N ASP D 201 -25.62 -18.84 9.23
CA ASP D 201 -24.94 -20.05 8.80
C ASP D 201 -24.07 -20.57 9.95
N THR D 202 -23.72 -21.84 9.92
CA THR D 202 -22.92 -22.44 11.00
C THR D 202 -21.73 -21.58 11.42
N ALA D 203 -20.82 -21.31 10.49
CA ALA D 203 -19.62 -20.48 10.80
C ALA D 203 -19.96 -19.16 11.54
N ALA D 204 -20.77 -18.32 10.90
CA ALA D 204 -21.13 -17.03 11.48
C ALA D 204 -21.70 -17.25 12.85
N PHE D 205 -22.57 -18.24 12.97
CA PHE D 205 -23.27 -18.43 14.23
C PHE D 205 -22.25 -18.85 15.26
N ALA D 206 -21.26 -19.63 14.83
CA ALA D 206 -20.26 -20.12 15.79
C ALA D 206 -19.39 -18.98 16.31
N LEU D 207 -19.00 -18.09 15.40
CA LEU D 207 -18.11 -16.97 15.74
C LEU D 207 -18.72 -16.16 16.87
N ALA D 208 -20.00 -15.84 16.71
CA ALA D 208 -20.71 -15.04 17.69
C ALA D 208 -20.89 -15.85 18.94
N ARG D 209 -20.96 -17.18 18.74
CA ARG D 209 -21.08 -18.12 19.86
C ARG D 209 -19.86 -18.12 20.76
N ASP D 210 -18.66 -17.90 20.21
CA ASP D 210 -17.48 -17.91 21.08
C ASP D 210 -17.34 -16.59 21.84
N SER D 211 -18.07 -15.55 21.42
CA SER D 211 -18.02 -14.30 22.17
C SER D 211 -19.37 -13.94 22.83
N ASP D 212 -20.27 -14.92 22.93
CA ASP D 212 -21.57 -14.64 23.56
C ASP D 212 -22.11 -13.31 23.00
N LEU D 213 -21.96 -13.09 21.70
CA LEU D 213 -22.47 -11.86 21.09
C LEU D 213 -23.97 -11.83 21.23
N PRO D 214 -24.52 -10.86 21.94
CA PRO D 214 -25.98 -10.71 22.03
C PRO D 214 -26.56 -10.42 20.66
N LEU D 215 -27.16 -11.43 20.06
CA LEU D 215 -27.82 -11.31 18.77
C LEU D 215 -29.26 -10.89 18.96
N ARG D 216 -29.81 -10.18 17.99
CA ARG D 216 -31.21 -9.86 17.96
C ARG D 216 -31.72 -9.98 16.51
N ILE D 217 -32.56 -10.99 16.29
CA ILE D 217 -33.15 -11.24 15.00
C ILE D 217 -34.51 -10.59 15.03
N PHE D 218 -34.81 -9.81 14.00
CA PHE D 218 -36.04 -9.05 14.00
C PHE D 218 -36.37 -8.61 12.60
N GLY D 219 -37.58 -8.07 12.45
CA GLY D 219 -38.04 -7.57 11.15
C GLY D 219 -38.18 -6.07 11.21
N MET D 220 -37.59 -5.38 10.26
CA MET D 220 -37.59 -3.93 10.26
C MET D 220 -38.79 -3.43 9.45
N SER D 221 -39.97 -3.96 9.76
CA SER D 221 -41.20 -3.57 9.07
C SER D 221 -41.48 -2.04 9.14
N GLU D 222 -41.79 -1.55 10.33
CA GLU D 222 -42.29 -0.18 10.50
C GLU D 222 -41.29 0.73 11.24
N PRO D 223 -41.31 2.04 10.94
CA PRO D 223 -40.39 2.99 11.54
C PRO D 223 -40.44 2.97 13.05
N GLY D 224 -39.44 3.57 13.69
CA GLY D 224 -39.38 3.63 15.15
C GLY D 224 -38.70 2.42 15.73
N VAL D 225 -38.82 1.27 15.05
CA VAL D 225 -38.50 -0.01 15.69
C VAL D 225 -37.09 -0.11 16.20
N LEU D 226 -36.15 0.42 15.43
CA LEU D 226 -34.80 0.45 15.87
C LEU D 226 -34.65 1.16 17.22
N LEU D 227 -35.29 2.30 17.38
CA LEU D 227 -35.15 3.07 18.62
C LEU D 227 -35.78 2.34 19.81
N ARG D 228 -36.92 1.71 19.58
CA ARG D 228 -37.61 0.98 20.64
C ARG D 228 -36.68 -0.10 21.20
N ILE D 229 -36.01 -0.79 20.27
CA ILE D 229 -35.13 -1.88 20.64
C ILE D 229 -33.99 -1.38 21.56
N LEU D 230 -33.41 -0.23 21.23
CA LEU D 230 -32.29 0.30 22.01
C LEU D 230 -32.73 0.66 23.44
N HIS D 231 -34.04 0.82 23.60
CA HIS D 231 -34.61 1.17 24.89
C HIS D 231 -34.89 -0.09 25.73
N GLY D 232 -35.09 -1.21 25.06
CA GLY D 232 -35.25 -2.48 25.74
C GLY D 232 -36.42 -3.27 25.20
N ALA D 233 -37.01 -2.79 24.11
CA ALA D 233 -38.21 -3.44 23.58
C ALA D 233 -37.95 -4.91 23.27
N GLN D 234 -38.87 -5.77 23.75
CA GLN D 234 -38.82 -7.19 23.44
C GLN D 234 -39.36 -7.45 22.05
N ILE D 235 -38.68 -6.92 21.05
CA ILE D 235 -39.03 -7.17 19.66
C ILE D 235 -38.11 -8.20 19.04
N GLY D 236 -38.66 -8.95 18.11
CA GLY D 236 -37.93 -10.05 17.51
C GLY D 236 -37.55 -11.07 18.56
N THR D 237 -36.38 -11.65 18.39
CA THR D 237 -35.87 -12.60 19.35
C THR D 237 -34.43 -12.28 19.70
N LEU D 238 -34.17 -12.10 20.99
CA LEU D 238 -32.83 -12.01 21.52
C LEU D 238 -32.21 -13.42 21.59
N VAL D 239 -30.99 -13.55 21.08
CA VAL D 239 -30.23 -14.78 21.29
C VAL D 239 -28.95 -14.45 22.05
N GLN D 240 -28.80 -15.03 23.24
CA GLN D 240 -27.72 -14.65 24.15
C GLN D 240 -27.63 -15.70 25.25
N GLY D 241 -26.41 -16.07 25.61
CA GLY D 241 -26.21 -17.06 26.67
C GLY D 241 -25.70 -18.42 26.25
N ARG D 242 -24.87 -19.00 27.11
CA ARG D 242 -24.31 -20.33 26.95
C ARG D 242 -25.19 -21.43 27.58
N SER D 243 -26.46 -21.12 27.84
CA SER D 243 -27.30 -22.02 28.63
C SER D 243 -28.02 -23.09 27.79
N SER E 5 6.40 19.75 34.83
CA SER E 5 6.88 20.41 36.08
C SER E 5 8.31 20.96 35.90
N GLU E 6 9.31 20.19 36.31
CA GLU E 6 10.71 20.59 36.15
C GLU E 6 11.62 19.48 35.57
N LEU E 7 11.49 19.24 34.27
CA LEU E 7 12.21 18.16 33.61
C LEU E 7 13.55 18.62 33.05
N SER E 8 14.56 17.77 33.14
CA SER E 8 15.86 18.10 32.53
C SER E 8 15.93 17.57 31.08
N TYR E 9 14.94 16.75 30.71
CA TYR E 9 14.83 16.22 29.36
C TYR E 9 13.34 16.13 29.01
N ARG E 10 12.91 16.88 27.99
CA ARG E 10 11.49 17.00 27.67
C ARG E 10 10.94 15.75 26.94
N ARG E 11 11.69 15.30 25.94
CA ARG E 11 11.31 14.16 25.11
C ARG E 11 12.45 13.14 25.13
N ILE E 12 12.17 11.91 25.49
CA ILE E 12 13.22 10.91 25.59
C ILE E 12 12.90 9.63 24.85
N LEU E 13 13.93 8.85 24.58
CA LEU E 13 13.75 7.57 23.96
C LEU E 13 14.53 6.52 24.74
N LEU E 14 13.80 5.56 25.30
CA LEU E 14 14.38 4.49 26.10
C LEU E 14 14.44 3.24 25.26
N LYS E 15 15.64 2.69 25.12
CA LYS E 15 15.86 1.48 24.35
C LYS E 15 16.32 0.38 25.29
N LEU E 16 15.81 -0.82 25.07
CA LEU E 16 16.27 -2.01 25.80
C LEU E 16 16.38 -3.25 24.89
N SER E 17 17.30 -4.17 25.24
CA SER E 17 17.55 -5.37 24.46
C SER E 17 16.37 -6.36 24.36
N GLY E 18 15.52 -6.41 25.36
CA GLY E 18 14.36 -7.28 25.19
C GLY E 18 14.64 -8.67 25.72
N GLU E 19 15.88 -9.13 25.59
CA GLU E 19 16.33 -10.16 26.48
C GLU E 19 16.02 -9.65 27.90
N ALA E 20 16.20 -8.36 28.12
CA ALA E 20 15.83 -7.75 29.40
C ALA E 20 14.35 -7.97 29.75
N LEU E 21 13.50 -8.19 28.75
CA LEU E 21 12.11 -8.53 29.02
C LEU E 21 11.97 -9.92 29.62
N MET E 22 12.76 -10.86 29.13
CA MET E 22 12.71 -12.25 29.60
C MET E 22 12.72 -12.40 31.11
N GLY E 23 13.57 -11.60 31.76
CA GLY E 23 13.74 -11.67 33.18
C GLY E 23 14.57 -12.88 33.51
N ASP E 24 14.11 -13.64 34.51
CA ASP E 24 14.77 -14.87 34.91
C ASP E 24 14.30 -16.02 34.06
N GLY E 25 13.26 -15.77 33.26
CA GLY E 25 12.83 -16.71 32.25
C GLY E 25 13.94 -17.00 31.25
N ASP E 26 13.69 -17.97 30.38
CA ASP E 26 14.67 -18.30 29.37
C ASP E 26 14.15 -17.93 27.99
N TYR E 27 13.01 -17.28 27.94
CA TYR E 27 12.34 -17.05 26.69
C TYR E 27 11.12 -16.20 26.85
N GLY E 28 10.71 -15.53 25.77
CA GLY E 28 9.48 -14.74 25.77
C GLY E 28 9.53 -13.58 26.73
N ILE E 29 8.40 -13.27 27.36
CA ILE E 29 8.36 -12.16 28.28
C ILE E 29 8.11 -12.66 29.69
N ASP E 30 8.68 -11.96 30.67
CA ASP E 30 8.34 -12.25 32.05
C ASP E 30 7.38 -11.18 32.58
N PRO E 31 6.12 -11.57 32.85
CA PRO E 31 5.11 -10.60 33.28
C PRO E 31 5.61 -9.70 34.40
N LYS E 32 6.54 -10.19 35.21
CA LYS E 32 7.11 -9.36 36.28
C LYS E 32 7.91 -8.17 35.76
N VAL E 33 8.78 -8.41 34.79
CA VAL E 33 9.68 -7.37 34.30
C VAL E 33 8.92 -6.31 33.50
N ILE E 34 8.03 -6.78 32.64
CA ILE E 34 7.28 -5.90 31.76
C ILE E 34 6.35 -5.02 32.59
N ASN E 35 5.92 -5.55 33.73
CA ASN E 35 5.06 -4.83 34.66
C ASN E 35 5.80 -3.67 35.34
N ARG E 36 7.04 -3.92 35.75
CA ARG E 36 7.86 -2.86 36.29
C ARG E 36 8.23 -1.83 35.23
N LEU E 37 8.58 -2.31 34.04
CA LEU E 37 8.99 -1.40 32.98
C LEU E 37 7.87 -0.48 32.56
N ALA E 38 6.68 -1.05 32.40
CA ALA E 38 5.51 -0.27 32.06
C ALA E 38 5.24 0.79 33.13
N HIS E 39 5.43 0.41 34.39
CA HIS E 39 5.25 1.32 35.50
C HIS E 39 6.27 2.45 35.49
N GLU E 40 7.55 2.12 35.30
CA GLU E 40 8.61 3.12 35.12
C GLU E 40 8.21 4.09 34.04
N VAL E 41 7.88 3.54 32.88
CA VAL E 41 7.45 4.36 31.76
C VAL E 41 6.27 5.29 32.13
N ILE E 42 5.23 4.73 32.74
CA ILE E 42 4.07 5.54 33.12
C ILE E 42 4.43 6.69 34.09
N GLU E 43 5.36 6.46 35.01
CA GLU E 43 5.82 7.55 35.88
C GLU E 43 6.49 8.66 35.08
N ALA E 44 7.43 8.26 34.23
CA ALA E 44 8.08 9.18 33.29
C ALA E 44 7.04 10.01 32.57
N GLN E 45 6.08 9.34 31.93
CA GLN E 45 5.05 10.04 31.18
C GLN E 45 4.27 11.02 32.04
N GLN E 46 3.78 10.57 33.19
CA GLN E 46 3.04 11.44 34.09
C GLN E 46 3.86 12.63 34.55
N ALA E 47 5.15 12.42 34.75
CA ALA E 47 6.04 13.48 35.20
C ALA E 47 6.12 14.64 34.21
N GLY E 48 5.65 14.39 32.98
CA GLY E 48 5.66 15.42 31.92
C GLY E 48 6.49 15.06 30.69
N ALA E 49 7.21 13.95 30.78
CA ALA E 49 8.05 13.51 29.69
C ALA E 49 7.28 12.77 28.58
N GLN E 50 7.43 13.26 27.36
CA GLN E 50 7.01 12.56 26.17
C GLN E 50 8.00 11.45 25.96
N VAL E 51 7.54 10.21 26.01
CA VAL E 51 8.41 9.03 26.00
C VAL E 51 8.32 8.17 24.73
N ALA E 52 9.46 7.69 24.24
CA ALA E 52 9.46 6.76 23.13
C ALA E 52 10.18 5.50 23.55
N LEU E 53 9.72 4.34 23.09
CA LEU E 53 10.37 3.09 23.44
C LEU E 53 10.89 2.33 22.23
N VAL E 54 12.08 1.76 22.40
CA VAL E 54 12.59 0.76 21.48
C VAL E 54 12.98 -0.49 22.27
N ILE E 55 12.51 -1.65 21.84
CA ILE E 55 12.85 -2.91 22.50
C ILE E 55 13.24 -3.95 21.47
N GLY E 56 14.44 -4.50 21.63
CA GLY E 56 14.97 -5.50 20.71
C GLY E 56 14.14 -6.76 20.78
N GLY E 57 14.42 -7.73 19.95
CA GLY E 57 13.56 -8.89 19.93
C GLY E 57 14.25 -10.16 20.31
N GLY E 58 15.39 -10.04 20.99
CA GLY E 58 16.25 -11.18 21.25
C GLY E 58 15.58 -12.24 22.13
N ASN E 59 14.60 -11.82 22.95
CA ASN E 59 13.85 -12.79 23.76
C ASN E 59 13.08 -13.77 22.90
N ILE E 60 12.87 -13.44 21.62
CA ILE E 60 12.00 -14.29 20.82
C ILE E 60 12.77 -14.94 19.69
N PHE E 61 13.62 -14.18 19.03
CA PHE E 61 14.54 -14.75 18.05
C PHE E 61 15.63 -15.57 18.77
N ARG E 62 15.21 -16.62 19.47
CA ARG E 62 16.10 -17.47 20.30
C ARG E 62 16.23 -18.91 19.81
N GLY E 63 17.28 -19.56 20.29
CA GLY E 63 17.48 -20.99 20.06
C GLY E 63 18.30 -21.29 18.83
N ALA E 64 18.83 -22.52 18.80
CA ALA E 64 19.49 -23.05 17.63
C ALA E 64 18.52 -23.03 16.45
N GLY E 65 17.26 -23.34 16.74
CA GLY E 65 16.23 -23.34 15.71
C GLY E 65 16.17 -22.03 14.95
N LEU E 66 16.42 -20.93 15.65
CA LEU E 66 16.31 -19.61 15.05
C LEU E 66 17.68 -18.95 14.88
N ALA E 67 18.29 -18.54 15.99
CA ALA E 67 19.56 -17.80 15.93
C ALA E 67 20.81 -18.62 15.51
N ALA E 68 20.66 -19.91 15.22
CA ALA E 68 21.81 -20.68 14.77
C ALA E 68 22.08 -20.50 13.29
N SER E 69 23.37 -20.64 12.96
CA SER E 69 23.93 -20.36 11.64
C SER E 69 23.13 -20.93 10.47
N GLY E 70 23.68 -20.74 9.27
CA GLY E 70 23.01 -21.15 8.06
C GLY E 70 21.94 -20.12 7.77
N MET E 71 20.96 -20.03 8.66
CA MET E 71 19.88 -19.08 8.53
C MET E 71 20.36 -17.89 7.72
N ASP E 72 19.80 -17.73 6.53
CA ASP E 72 20.11 -16.56 5.72
C ASP E 72 20.06 -15.32 6.62
N ARG E 73 21.19 -14.61 6.70
CA ARG E 73 21.34 -13.38 7.50
C ARG E 73 20.16 -12.42 7.37
N VAL E 74 19.78 -12.11 6.14
CA VAL E 74 18.60 -11.28 5.91
C VAL E 74 17.34 -11.89 6.49
N THR E 75 17.19 -13.20 6.34
CA THR E 75 15.97 -13.81 6.82
C THR E 75 15.88 -13.67 8.35
N GLY E 76 17.02 -13.82 9.02
CA GLY E 76 17.10 -13.75 10.49
C GLY E 76 16.79 -12.36 11.02
N ASP E 77 17.29 -11.34 10.31
CA ASP E 77 16.96 -9.96 10.61
C ASP E 77 15.47 -9.68 10.43
N HIS E 78 14.89 -10.17 9.34
CA HIS E 78 13.44 -10.06 9.15
C HIS E 78 12.71 -10.65 10.35
N MET E 79 13.08 -11.89 10.71
CA MET E 79 12.49 -12.58 11.85
C MET E 79 12.65 -11.73 13.10
N GLY E 80 13.89 -11.30 13.35
CA GLY E 80 14.19 -10.43 14.48
C GLY E 80 13.24 -9.24 14.47
N MET E 81 13.01 -8.66 13.29
CA MET E 81 12.17 -7.49 13.19
C MET E 81 10.74 -7.84 13.58
N LEU E 82 10.28 -9.03 13.20
CA LEU E 82 8.92 -9.47 13.54
C LEU E 82 8.83 -9.60 15.05
N ALA E 83 9.89 -10.19 15.63
CA ALA E 83 10.01 -10.35 17.08
C ALA E 83 9.83 -9.01 17.79
N THR E 84 10.47 -7.95 17.30
CA THR E 84 10.31 -6.64 17.96
C THR E 84 8.87 -6.11 17.82
N VAL E 85 8.13 -6.59 16.82
CA VAL E 85 6.76 -6.16 16.70
C VAL E 85 5.99 -6.85 17.81
N ILE E 86 6.17 -8.15 17.92
CA ILE E 86 5.47 -8.89 18.97
C ILE E 86 5.73 -8.21 20.31
N ASN E 87 7.00 -7.98 20.65
CA ASN E 87 7.30 -7.31 21.91
C ASN E 87 6.55 -5.96 22.04
N ALA E 88 6.66 -5.12 21.02
CA ALA E 88 5.98 -3.82 21.03
C ALA E 88 4.50 -4.00 21.34
N LEU E 89 3.91 -5.05 20.78
CA LEU E 89 2.49 -5.29 21.01
C LEU E 89 2.18 -5.60 22.48
N ALA E 90 3.11 -6.25 23.18
CA ALA E 90 2.89 -6.59 24.59
C ALA E 90 3.03 -5.35 25.49
N MET E 91 3.97 -4.48 25.13
CA MET E 91 4.12 -3.24 25.88
C MET E 91 2.91 -2.37 25.66
N GLN E 92 2.33 -2.46 24.47
CA GLN E 92 1.15 -1.69 24.17
C GLN E 92 0.01 -2.07 25.13
N ASP E 93 -0.24 -3.36 25.29
CA ASP E 93 -1.31 -3.76 26.18
C ASP E 93 -1.00 -3.49 27.64
N ALA E 94 0.11 -4.01 28.12
CA ALA E 94 0.50 -3.77 29.49
C ALA E 94 0.32 -2.29 29.86
N LEU E 95 0.69 -1.39 28.95
CA LEU E 95 0.64 0.05 29.24
C LEU E 95 -0.76 0.63 29.16
N GLU E 96 -1.56 0.19 28.18
CA GLU E 96 -2.89 0.75 27.99
C GLU E 96 -3.80 0.33 29.13
N LYS E 97 -3.69 -0.94 29.51
CA LYS E 97 -4.31 -1.48 30.71
C LYS E 97 -4.05 -0.57 31.89
N LEU E 98 -2.99 0.22 31.83
CA LEU E 98 -2.63 1.11 32.93
C LEU E 98 -2.93 2.58 32.63
N GLY E 99 -3.70 2.84 31.58
CA GLY E 99 -4.23 4.17 31.36
C GLY E 99 -3.55 5.04 30.33
N ALA E 100 -2.39 4.61 29.82
CA ALA E 100 -1.66 5.38 28.83
C ALA E 100 -2.21 5.09 27.46
N LYS E 101 -2.17 6.08 26.57
CA LYS E 101 -2.43 5.81 25.14
C LYS E 101 -1.12 5.48 24.40
N VAL E 102 -1.11 4.35 23.68
CA VAL E 102 0.09 3.84 23.06
C VAL E 102 0.00 3.86 21.55
N ARG E 103 1.10 4.18 20.88
CA ARG E 103 1.15 4.18 19.44
C ARG E 103 2.35 3.38 18.96
N VAL E 104 2.13 2.12 18.67
CA VAL E 104 3.16 1.26 18.13
C VAL E 104 3.39 1.63 16.68
N MET E 105 4.64 1.87 16.30
CA MET E 105 4.95 2.24 14.92
C MET E 105 6.07 1.41 14.33
N SER E 106 5.78 0.80 13.20
CA SER E 106 6.70 -0.16 12.65
C SER E 106 7.47 0.37 11.48
N ALA E 107 8.78 0.13 11.48
CA ALA E 107 9.62 0.52 10.37
C ALA E 107 9.32 -0.24 9.08
N ILE E 108 8.65 -1.39 9.15
CA ILE E 108 8.15 -2.08 7.93
C ILE E 108 6.63 -2.14 7.97
N LYS E 109 5.99 -2.10 6.81
CA LYS E 109 4.52 -2.06 6.77
C LYS E 109 3.85 -3.36 7.24
N ILE E 110 3.07 -3.23 8.30
CA ILE E 110 2.27 -4.30 8.81
C ILE E 110 1.04 -3.59 9.31
N ASN E 111 0.35 -2.95 8.38
CA ASN E 111 -0.74 -2.11 8.79
C ASN E 111 -1.83 -2.78 9.63
N ASP E 112 -2.13 -4.04 9.35
CA ASP E 112 -3.15 -4.70 10.13
C ASP E 112 -2.76 -4.46 11.56
N VAL E 113 -1.51 -4.87 11.92
CA VAL E 113 -1.13 -5.02 13.30
C VAL E 113 -0.77 -3.72 13.99
N CYS E 114 -0.26 -2.74 13.27
CA CYS E 114 0.09 -1.49 13.92
C CYS E 114 0.39 -0.46 12.87
N GLU E 115 0.45 0.80 13.26
CA GLU E 115 0.66 1.83 12.27
C GLU E 115 2.08 1.90 11.69
N ASP E 116 2.20 2.57 10.57
CA ASP E 116 3.50 2.81 9.96
C ASP E 116 4.29 3.90 10.67
N PHE E 117 5.60 3.78 10.71
CA PHE E 117 6.38 4.91 11.16
C PHE E 117 6.34 6.06 10.19
N ILE E 118 5.97 7.24 10.68
CA ILE E 118 6.04 8.42 9.87
C ILE E 118 6.41 9.52 10.82
N ARG E 119 7.60 10.07 10.60
CA ARG E 119 8.18 11.08 11.48
C ARG E 119 7.18 12.13 11.96
N ARG E 120 6.43 12.66 11.02
CA ARG E 120 5.51 13.74 11.37
C ARG E 120 4.38 13.23 12.27
N ARG E 121 3.96 11.98 12.08
CA ARG E 121 2.92 11.43 12.94
C ARG E 121 3.53 11.22 14.32
N ALA E 122 4.69 10.56 14.36
CA ALA E 122 5.32 10.26 15.63
C ALA E 122 5.46 11.51 16.51
N ILE E 123 5.99 12.58 15.94
CA ILE E 123 6.12 13.85 16.67
C ILE E 123 4.77 14.29 17.23
N ARG E 124 3.75 14.27 16.38
CA ARG E 124 2.42 14.63 16.81
C ARG E 124 1.89 13.69 17.89
N HIS E 125 2.28 12.42 17.85
CA HIS E 125 1.87 11.50 18.89
C HIS E 125 2.53 11.82 20.21
N LEU E 126 3.81 12.17 20.15
CA LEU E 126 4.52 12.55 21.35
C LEU E 126 3.91 13.83 21.88
N GLU E 127 3.48 14.70 20.98
CA GLU E 127 3.00 16.00 21.41
C GLU E 127 1.64 15.86 22.07
N LYS E 128 0.91 14.82 21.71
CA LYS E 128 -0.41 14.62 22.28
C LYS E 128 -0.38 13.83 23.60
N GLY E 129 0.82 13.57 24.13
CA GLY E 129 0.94 12.81 25.38
C GLY E 129 0.92 11.28 25.29
N ARG E 130 1.06 10.76 24.07
CA ARG E 130 1.06 9.31 23.85
C ARG E 130 2.47 8.73 23.96
N ILE E 131 2.57 7.45 24.29
CA ILE E 131 3.85 6.74 24.27
C ILE E 131 4.14 6.16 22.85
N ALA E 132 5.30 6.51 22.32
CA ALA E 132 5.70 6.00 21.02
C ALA E 132 6.50 4.74 21.22
N ILE E 133 6.11 3.67 20.54
CA ILE E 133 6.87 2.44 20.61
C ILE E 133 7.29 2.03 19.20
N PHE E 134 8.60 2.02 18.96
CA PHE E 134 9.09 1.75 17.62
C PHE E 134 9.56 0.33 17.49
N ALA E 135 9.31 -0.26 16.33
CA ALA E 135 9.65 -1.65 16.10
C ALA E 135 10.26 -1.80 14.70
N ALA E 136 11.02 -2.87 14.52
CA ALA E 136 11.57 -3.22 13.22
C ALA E 136 12.81 -2.39 12.85
N GLY E 137 13.33 -1.65 13.83
CA GLY E 137 14.61 -0.99 13.68
C GLY E 137 14.57 0.10 12.63
N THR E 138 15.46 0.01 11.64
CA THR E 138 15.58 0.99 10.57
C THR E 138 14.78 0.53 9.38
N GLY E 139 14.47 -0.76 9.35
CA GLY E 139 13.74 -1.30 8.22
C GLY E 139 14.65 -2.08 7.29
N ASN E 140 15.95 -2.02 7.51
CA ASN E 140 16.84 -2.87 6.75
C ASN E 140 17.66 -3.86 7.56
N PRO E 141 18.09 -4.95 6.92
CA PRO E 141 18.97 -5.90 7.58
C PRO E 141 20.36 -5.29 7.67
N PHE E 142 21.21 -5.85 8.53
CA PHE E 142 22.60 -5.41 8.75
C PHE E 142 22.72 -4.19 9.66
N PHE E 143 21.67 -3.88 10.40
CA PHE E 143 21.65 -2.72 11.28
C PHE E 143 21.18 -3.16 12.65
N THR E 144 21.90 -2.78 13.70
CA THR E 144 21.55 -3.25 15.03
C THR E 144 20.36 -2.48 15.57
N THR E 145 19.85 -2.88 16.72
CA THR E 145 18.75 -2.19 17.33
C THR E 145 19.18 -0.78 17.75
N ASP E 146 20.42 -0.63 18.18
CA ASP E 146 20.90 0.69 18.57
C ASP E 146 20.80 1.66 17.37
N SER E 147 21.06 1.17 16.16
CA SER E 147 21.06 2.06 14.99
C SER E 147 19.69 2.65 14.78
N GLY E 148 18.68 1.79 14.88
CA GLY E 148 17.31 2.23 14.63
C GLY E 148 16.86 3.10 15.77
N ALA E 149 17.45 2.86 16.93
CA ALA E 149 17.05 3.54 18.10
C ALA E 149 17.60 4.94 18.01
N ALA E 150 18.86 5.02 17.59
CA ALA E 150 19.54 6.28 17.37
C ALA E 150 18.76 7.10 16.30
N LEU E 151 18.52 6.49 15.14
CA LEU E 151 17.83 7.13 14.03
C LEU E 151 16.54 7.74 14.52
N ARG E 152 15.74 6.92 15.20
CA ARG E 152 14.40 7.34 15.62
C ARG E 152 14.53 8.47 16.60
N ALA E 153 15.46 8.34 17.54
CA ALA E 153 15.73 9.38 18.52
C ALA E 153 16.02 10.70 17.82
N ILE E 154 16.83 10.64 16.79
CA ILE E 154 17.22 11.83 16.07
C ILE E 154 16.06 12.45 15.26
N GLU E 155 15.26 11.57 14.64
CA GLU E 155 14.12 11.99 13.84
C GLU E 155 13.10 12.76 14.69
N ILE E 156 12.74 12.20 15.84
CA ILE E 156 11.74 12.80 16.70
C ILE E 156 12.32 13.97 17.47
N GLY E 157 13.63 14.17 17.35
CA GLY E 157 14.32 15.29 17.97
C GLY E 157 14.39 15.14 19.47
N ALA E 158 14.77 13.96 19.93
CA ALA E 158 14.73 13.68 21.37
C ALA E 158 15.83 14.42 22.13
N ASP E 159 15.57 14.71 23.40
CA ASP E 159 16.52 15.43 24.25
C ASP E 159 17.55 14.45 24.79
N LEU E 160 17.22 13.17 24.79
CA LEU E 160 18.10 12.17 25.38
C LEU E 160 17.77 10.77 24.86
N LEU E 161 18.81 9.99 24.57
CA LEU E 161 18.64 8.59 24.25
C LEU E 161 19.17 7.76 25.41
N LEU E 162 18.29 7.00 26.05
CA LEU E 162 18.67 6.16 27.17
C LEU E 162 18.90 4.73 26.73
N LYS E 163 20.14 4.28 26.82
CA LYS E 163 20.42 2.89 26.53
C LYS E 163 20.62 2.08 27.81
N ALA E 164 19.60 1.32 28.19
CA ALA E 164 19.66 0.50 29.37
C ALA E 164 20.43 -0.81 29.12
N THR E 165 21.55 -0.99 29.83
CA THR E 165 22.36 -2.21 29.71
C THR E 165 22.58 -2.86 31.05
N LYS E 166 23.06 -4.09 31.04
CA LYS E 166 23.28 -4.83 32.29
C LYS E 166 24.14 -4.04 33.27
N VAL E 167 25.31 -3.64 32.80
CA VAL E 167 26.23 -2.75 33.52
C VAL E 167 25.69 -1.32 33.56
N ASP E 168 25.61 -0.74 34.76
CA ASP E 168 25.11 0.62 34.89
C ASP E 168 26.19 1.67 34.57
N GLY E 169 26.23 2.08 33.31
CA GLY E 169 27.16 3.11 32.87
C GLY E 169 28.36 2.53 32.14
N VAL E 170 29.31 3.40 31.81
CA VAL E 170 30.53 2.98 31.17
C VAL E 170 31.66 3.00 32.19
N TYR E 171 32.44 1.93 32.21
CA TYR E 171 33.56 1.83 33.13
C TYR E 171 34.87 1.68 32.37
N ASP E 172 35.97 2.04 33.04
CA ASP E 172 37.31 1.94 32.45
C ASP E 172 37.81 0.49 32.33
N LYS E 173 37.85 -0.20 33.48
CA LYS E 173 38.14 -1.64 33.52
C LYS E 173 36.95 -2.37 34.11
N ASP E 174 36.19 -3.03 33.23
CA ASP E 174 35.07 -3.92 33.57
C ASP E 174 34.70 -3.97 35.07
N PRO E 175 33.42 -3.71 35.39
CA PRO E 175 32.97 -3.79 36.79
C PRO E 175 32.99 -5.23 37.35
N LYS E 176 34.07 -5.95 37.01
CA LYS E 176 34.22 -7.36 37.36
C LYS E 176 35.68 -7.79 37.24
N LYS E 177 36.25 -7.65 36.05
CA LYS E 177 37.70 -7.85 35.84
C LYS E 177 38.48 -6.64 36.41
N HIS E 178 38.13 -6.34 37.65
CA HIS E 178 38.64 -5.22 38.41
C HIS E 178 37.57 -4.92 39.47
N SER E 179 38.02 -4.44 40.62
CA SER E 179 37.14 -4.10 41.73
C SER E 179 37.17 -2.59 41.88
N ASP E 180 38.24 -2.01 41.36
CA ASP E 180 38.57 -0.62 41.53
C ASP E 180 37.95 0.25 40.43
N ALA E 181 37.30 -0.40 39.46
CA ALA E 181 36.70 0.27 38.30
C ALA E 181 35.86 1.50 38.68
N VAL E 182 36.08 2.60 37.97
CA VAL E 182 35.29 3.83 38.19
C VAL E 182 34.35 4.14 37.03
N ARG E 183 33.18 4.66 37.39
CA ARG E 183 32.17 5.01 36.42
C ARG E 183 32.33 6.45 35.94
N TYR E 184 32.65 6.59 34.66
CA TYR E 184 32.70 7.91 34.05
C TYR E 184 31.40 8.65 34.31
N ASP E 185 31.55 9.83 34.88
CA ASP E 185 30.44 10.74 35.12
C ASP E 185 29.91 11.25 33.78
N SER E 186 30.83 11.58 32.87
CA SER E 186 30.46 11.97 31.51
C SER E 186 31.62 11.80 30.54
N LEU E 187 31.30 11.80 29.25
CA LEU E 187 32.27 11.56 28.18
C LEU E 187 31.82 12.28 26.91
N THR E 188 32.76 12.75 26.10
CA THR E 188 32.40 13.26 24.79
C THR E 188 32.47 12.10 23.81
N TYR E 189 31.84 12.28 22.67
CA TYR E 189 31.88 11.27 21.63
C TYR E 189 33.32 10.87 21.35
N ASP E 190 34.21 11.85 21.27
CA ASP E 190 35.62 11.57 20.95
C ASP E 190 36.36 10.87 22.07
N GLU E 191 36.18 11.34 23.29
CA GLU E 191 36.75 10.67 24.44
C GLU E 191 36.45 9.17 24.42
N VAL E 192 35.20 8.82 24.13
CA VAL E 192 34.82 7.43 23.96
C VAL E 192 35.69 6.72 22.92
N ILE E 193 35.71 7.26 21.71
CA ILE E 193 36.40 6.61 20.59
C ILE E 193 37.88 6.55 20.84
N MET E 194 38.44 7.65 21.35
CA MET E 194 39.86 7.74 21.63
C MET E 194 40.25 6.66 22.63
N GLN E 195 39.39 6.44 23.63
CA GLN E 195 39.70 5.50 24.70
C GLN E 195 39.18 4.11 24.39
N GLY E 196 38.90 3.85 23.10
CA GLY E 196 38.45 2.53 22.65
C GLY E 196 37.24 1.97 23.39
N LEU E 197 36.54 2.82 24.13
CA LEU E 197 35.39 2.38 24.88
C LEU E 197 34.26 2.11 23.89
N GLU E 198 33.50 1.05 24.14
CA GLU E 198 32.44 0.69 23.20
C GLU E 198 31.08 0.81 23.85
N VAL E 199 30.21 1.52 23.17
CA VAL E 199 28.87 1.80 23.67
C VAL E 199 27.85 1.17 22.70
N MET E 200 27.85 1.62 21.45
CA MET E 200 27.05 1.00 20.40
C MET E 200 28.00 0.64 19.27
N ASP E 201 27.58 -0.27 18.40
CA ASP E 201 28.38 -0.66 17.24
C ASP E 201 28.76 0.59 16.46
N THR E 202 29.90 0.52 15.76
CA THR E 202 30.43 1.69 15.04
C THR E 202 29.36 2.54 14.35
N ALA E 203 28.60 1.93 13.44
CA ALA E 203 27.60 2.69 12.66
C ALA E 203 26.60 3.43 13.52
N ALA E 204 26.10 2.78 14.55
CA ALA E 204 25.07 3.40 15.38
C ALA E 204 25.66 4.60 16.11
N PHE E 205 26.91 4.46 16.54
CA PHE E 205 27.62 5.50 17.23
C PHE E 205 27.89 6.69 16.32
N ALA E 206 28.31 6.43 15.09
CA ALA E 206 28.55 7.50 14.15
C ALA E 206 27.27 8.32 13.97
N LEU E 207 26.15 7.61 13.81
CA LEU E 207 24.85 8.24 13.56
C LEU E 207 24.51 9.17 14.69
N ALA E 208 24.70 8.69 15.91
CA ALA E 208 24.45 9.50 17.09
C ALA E 208 25.44 10.66 17.22
N ARG E 209 26.68 10.43 16.80
CA ARG E 209 27.75 11.42 16.87
C ARG E 209 27.59 12.52 15.83
N ASP E 210 27.03 12.20 14.67
CA ASP E 210 26.78 13.26 13.66
C ASP E 210 25.72 14.27 14.10
N SER E 211 24.70 13.84 14.85
CA SER E 211 23.68 14.76 15.33
C SER E 211 23.92 15.21 16.76
N ASP E 212 24.96 14.66 17.39
CA ASP E 212 25.26 15.00 18.77
C ASP E 212 24.10 14.64 19.69
N LEU E 213 23.58 13.44 19.54
CA LEU E 213 22.45 12.98 20.33
C LEU E 213 22.97 12.63 21.71
N PRO E 214 22.46 13.33 22.73
CA PRO E 214 22.83 13.02 24.09
C PRO E 214 22.48 11.56 24.39
N LEU E 215 23.50 10.79 24.75
CA LEU E 215 23.31 9.42 25.17
C LEU E 215 23.43 9.30 26.67
N ARG E 216 22.73 8.33 27.24
CA ARG E 216 23.00 7.95 28.63
C ARG E 216 22.92 6.43 28.80
N ILE E 217 24.06 5.82 29.12
CA ILE E 217 24.12 4.38 29.39
C ILE E 217 23.83 4.17 30.89
N PHE E 218 23.03 3.17 31.22
CA PHE E 218 22.63 2.97 32.61
C PHE E 218 21.96 1.63 32.88
N GLY E 219 21.62 1.40 34.16
CA GLY E 219 21.10 0.11 34.66
C GLY E 219 19.64 -0.24 34.41
N MET E 220 18.72 0.39 35.14
CA MET E 220 17.27 0.15 34.94
C MET E 220 16.71 -0.77 36.03
N SER E 221 17.62 -1.45 36.72
CA SER E 221 17.29 -2.35 37.81
C SER E 221 16.47 -1.68 38.90
N GLU E 222 17.00 -0.60 39.47
CA GLU E 222 16.36 0.08 40.60
C GLU E 222 15.18 0.96 40.19
N PRO E 223 14.00 0.77 40.84
CA PRO E 223 12.80 1.52 40.49
C PRO E 223 12.95 3.01 40.79
N GLY E 224 12.22 3.85 40.08
CA GLY E 224 12.37 5.30 40.23
C GLY E 224 13.54 5.92 39.48
N VAL E 225 14.28 5.10 38.72
CA VAL E 225 15.47 5.60 37.99
C VAL E 225 15.13 6.68 36.97
N LEU E 226 14.18 6.40 36.09
CA LEU E 226 13.69 7.39 35.13
C LEU E 226 13.36 8.72 35.80
N LEU E 227 12.58 8.65 36.86
CA LEU E 227 12.23 9.82 37.66
C LEU E 227 13.46 10.59 38.19
N ARG E 228 14.47 9.86 38.64
CA ARG E 228 15.68 10.53 39.11
C ARG E 228 16.39 11.19 37.95
N ILE E 229 16.57 10.43 36.87
CA ILE E 229 17.24 10.90 35.65
C ILE E 229 16.53 12.12 35.07
N LEU E 230 15.21 12.07 34.99
CA LEU E 230 14.45 13.20 34.45
C LEU E 230 14.64 14.44 35.31
N HIS E 231 14.81 14.24 36.61
CA HIS E 231 14.96 15.35 37.55
C HIS E 231 16.39 15.85 37.72
N GLY E 232 17.35 15.19 37.08
CA GLY E 232 18.73 15.69 37.07
C GLY E 232 19.87 14.80 37.55
N ALA E 233 19.56 13.78 38.33
CA ALA E 233 20.58 12.90 38.89
C ALA E 233 21.60 12.39 37.86
N GLN E 234 22.89 12.50 38.20
CA GLN E 234 23.94 11.98 37.33
C GLN E 234 24.00 10.47 37.46
N ILE E 235 23.12 9.78 36.71
CA ILE E 235 23.04 8.33 36.74
C ILE E 235 23.59 7.72 35.46
N GLY E 236 24.35 6.64 35.62
CA GLY E 236 25.09 6.06 34.49
C GLY E 236 26.04 7.07 33.89
N THR E 237 26.56 6.75 32.71
CA THR E 237 27.45 7.65 31.99
C THR E 237 26.60 8.46 31.01
N LEU E 238 27.04 9.66 30.70
CA LEU E 238 26.32 10.52 29.78
C LEU E 238 27.28 10.77 28.65
N VAL E 239 26.88 10.46 27.42
CA VAL E 239 27.73 10.74 26.27
C VAL E 239 27.19 11.93 25.48
N GLN E 240 28.02 12.97 25.33
CA GLN E 240 27.56 14.23 24.77
C GLN E 240 28.73 15.10 24.31
N GLY E 241 28.48 16.02 23.38
CA GLY E 241 29.51 16.94 22.91
C GLY E 241 30.70 16.24 22.25
N ARG E 242 31.53 17.02 21.57
CA ARG E 242 32.66 16.46 20.83
C ARG E 242 34.00 17.15 21.09
N SER E 243 34.78 16.57 22.00
CA SER E 243 36.07 17.16 22.39
C SER E 243 37.07 17.35 21.24
N SER F 5 2.68 -38.02 -11.09
CA SER F 5 1.88 -39.11 -11.76
C SER F 5 1.48 -40.25 -10.81
N GLU F 6 0.27 -40.79 -11.03
CA GLU F 6 -0.30 -41.88 -10.22
C GLU F 6 -0.36 -41.60 -8.72
N LEU F 7 -0.99 -40.48 -8.35
CA LEU F 7 -1.20 -40.17 -6.93
C LEU F 7 -2.70 -40.11 -6.60
N SER F 8 -3.06 -40.46 -5.37
CA SER F 8 -4.43 -40.32 -4.90
C SER F 8 -4.86 -38.86 -4.67
N TYR F 9 -3.88 -37.98 -4.46
CA TYR F 9 -4.17 -36.56 -4.19
C TYR F 9 -3.16 -35.61 -4.85
N ARG F 10 -3.62 -34.79 -5.79
CA ARG F 10 -2.73 -34.00 -6.64
C ARG F 10 -2.29 -32.66 -6.03
N ARG F 11 -3.24 -31.89 -5.51
CA ARG F 11 -2.87 -30.68 -4.78
C ARG F 11 -3.18 -30.86 -3.30
N ILE F 12 -2.17 -30.72 -2.45
CA ILE F 12 -2.37 -30.94 -1.02
C ILE F 12 -1.94 -29.78 -0.15
N LEU F 13 -2.52 -29.70 1.05
CA LEU F 13 -2.16 -28.68 2.02
C LEU F 13 -1.92 -29.36 3.36
N LEU F 14 -0.73 -29.18 3.90
CA LEU F 14 -0.37 -29.86 5.14
C LEU F 14 -0.39 -28.87 6.29
N LYS F 15 -1.19 -29.18 7.31
CA LYS F 15 -1.33 -28.28 8.44
C LYS F 15 -0.71 -28.85 9.71
N LEU F 16 0.18 -28.07 10.32
CA LEU F 16 0.81 -28.43 11.60
C LEU F 16 0.51 -27.40 12.70
N SER F 17 0.47 -27.86 13.94
CA SER F 17 0.18 -26.96 15.07
C SER F 17 1.38 -26.05 15.40
N GLY F 18 2.53 -26.29 14.77
CA GLY F 18 3.68 -25.46 15.07
C GLY F 18 4.29 -25.80 16.43
N GLU F 19 3.45 -25.84 17.47
CA GLU F 19 3.90 -26.34 18.77
C GLU F 19 4.66 -27.63 18.53
N ALA F 20 4.28 -28.31 17.46
CA ALA F 20 4.99 -29.47 16.96
C ALA F 20 6.47 -29.12 16.71
N LEU F 21 6.71 -28.04 15.99
CA LEU F 21 8.07 -27.60 15.67
C LEU F 21 8.96 -27.55 16.91
N MET F 22 8.39 -27.28 18.07
CA MET F 22 9.20 -27.17 19.27
C MET F 22 9.92 -28.47 19.55
N GLY F 23 9.17 -29.59 19.50
CA GLY F 23 9.70 -30.91 19.85
C GLY F 23 10.31 -30.93 21.23
N ASP F 24 11.64 -30.91 21.29
CA ASP F 24 12.38 -31.00 22.55
C ASP F 24 12.23 -29.79 23.43
N GLY F 25 12.65 -28.62 22.91
CA GLY F 25 12.59 -27.36 23.65
C GLY F 25 11.17 -27.11 24.09
N ASP F 26 10.96 -26.10 24.93
CA ASP F 26 9.60 -25.70 25.30
C ASP F 26 9.15 -24.51 24.50
N TYR F 27 10.09 -23.92 23.74
CA TYR F 27 9.80 -22.71 22.99
C TYR F 27 10.57 -22.71 21.66
N GLY F 28 10.28 -21.72 20.80
CA GLY F 28 10.94 -21.63 19.50
C GLY F 28 10.86 -22.93 18.73
N ILE F 29 11.91 -23.24 17.97
CA ILE F 29 11.90 -24.50 17.23
C ILE F 29 13.23 -25.21 17.29
N ASP F 30 13.20 -26.53 17.12
CA ASP F 30 14.43 -27.31 17.12
C ASP F 30 14.71 -27.76 15.71
N PRO F 31 15.96 -27.64 15.27
CA PRO F 31 16.26 -27.92 13.87
C PRO F 31 15.86 -29.34 13.47
N LYS F 32 15.97 -30.28 14.41
CA LYS F 32 15.63 -31.67 14.11
C LYS F 32 14.27 -31.83 13.42
N VAL F 33 13.19 -31.57 14.16
CA VAL F 33 11.86 -31.68 13.58
C VAL F 33 11.66 -30.83 12.32
N ILE F 34 12.49 -29.81 12.12
CA ILE F 34 12.33 -28.94 10.95
C ILE F 34 12.91 -29.62 9.71
N ASN F 35 14.14 -30.09 9.83
CA ASN F 35 14.88 -30.67 8.72
C ASN F 35 14.14 -31.86 8.17
N ARG F 36 13.58 -32.63 9.10
CA ARG F 36 12.94 -33.88 8.76
C ARG F 36 11.60 -33.53 8.12
N LEU F 37 10.96 -32.50 8.66
CA LEU F 37 9.67 -32.10 8.18
C LEU F 37 9.81 -31.56 6.76
N ALA F 38 10.90 -30.84 6.54
CA ALA F 38 11.26 -30.35 5.22
C ALA F 38 11.46 -31.53 4.25
N HIS F 39 12.16 -32.57 4.70
CA HIS F 39 12.37 -33.76 3.88
C HIS F 39 11.07 -34.42 3.44
N GLU F 40 10.23 -34.77 4.42
CA GLU F 40 8.89 -35.27 4.13
C GLU F 40 8.23 -34.45 3.01
N VAL F 41 8.46 -33.12 3.03
CA VAL F 41 7.81 -32.20 2.11
C VAL F 41 8.44 -32.24 0.73
N ILE F 42 9.76 -32.13 0.73
CA ILE F 42 10.51 -32.33 -0.50
C ILE F 42 10.02 -33.59 -1.20
N GLU F 43 9.82 -34.65 -0.41
CA GLU F 43 9.55 -35.96 -0.99
C GLU F 43 8.24 -35.96 -1.76
N ALA F 44 7.23 -35.27 -1.22
CA ALA F 44 5.96 -35.14 -1.91
C ALA F 44 6.13 -34.43 -3.26
N GLN F 45 6.76 -33.26 -3.27
CA GLN F 45 7.01 -32.54 -4.53
C GLN F 45 7.72 -33.46 -5.52
N GLN F 46 8.66 -34.25 -5.00
CA GLN F 46 9.35 -35.26 -5.80
C GLN F 46 8.34 -36.21 -6.45
N ALA F 47 7.48 -36.79 -5.63
CA ALA F 47 6.45 -37.65 -6.17
C ALA F 47 5.76 -36.98 -7.38
N GLY F 48 5.70 -35.65 -7.37
CA GLY F 48 5.01 -34.91 -8.42
C GLY F 48 3.78 -34.17 -7.92
N ALA F 49 3.74 -33.96 -6.61
CA ALA F 49 2.58 -33.34 -5.95
C ALA F 49 2.74 -31.84 -5.79
N GLN F 50 1.60 -31.16 -5.76
CA GLN F 50 1.57 -29.72 -5.53
C GLN F 50 1.30 -29.48 -4.05
N VAL F 51 2.31 -28.99 -3.32
CA VAL F 51 2.20 -28.88 -1.87
C VAL F 51 1.96 -27.50 -1.30
N ALA F 52 1.02 -27.43 -0.35
CA ALA F 52 0.82 -26.21 0.43
C ALA F 52 1.09 -26.47 1.91
N LEU F 53 1.57 -25.45 2.61
CA LEU F 53 1.93 -25.63 3.99
C LEU F 53 1.40 -24.51 4.85
N VAL F 54 0.78 -24.88 5.96
CA VAL F 54 0.28 -23.91 6.92
C VAL F 54 0.70 -24.38 8.31
N ILE F 55 1.32 -23.49 9.08
CA ILE F 55 1.81 -23.85 10.41
C ILE F 55 1.42 -22.83 11.45
N GLY F 56 1.08 -23.32 12.64
CA GLY F 56 0.67 -22.45 13.73
C GLY F 56 1.81 -21.65 14.34
N GLY F 57 1.47 -20.76 15.27
CA GLY F 57 2.48 -19.94 15.91
C GLY F 57 2.61 -20.18 17.40
N GLY F 58 1.79 -21.06 17.95
CA GLY F 58 1.80 -21.33 19.39
C GLY F 58 3.15 -21.76 19.93
N ASN F 59 4.10 -22.08 19.05
CA ASN F 59 5.48 -22.37 19.47
C ASN F 59 6.28 -21.08 19.75
N ILE F 60 5.93 -20.00 19.07
CA ILE F 60 6.57 -18.74 19.33
C ILE F 60 5.67 -17.85 20.17
N PHE F 61 4.36 -18.00 19.99
CA PHE F 61 3.43 -17.21 20.75
C PHE F 61 3.01 -18.03 21.96
N ARG F 62 3.87 -18.03 22.98
CA ARG F 62 3.61 -18.81 24.18
C ARG F 62 4.18 -18.19 25.45
N GLY F 63 4.00 -18.90 26.56
CA GLY F 63 4.48 -18.43 27.85
C GLY F 63 3.50 -17.44 28.45
N ALA F 64 3.63 -17.22 29.75
CA ALA F 64 2.78 -16.31 30.49
C ALA F 64 2.88 -14.87 29.97
N GLY F 65 4.10 -14.38 29.83
CA GLY F 65 4.32 -13.02 29.34
C GLY F 65 3.68 -12.67 27.99
N LEU F 66 3.74 -13.61 27.04
CA LEU F 66 3.20 -13.37 25.71
C LEU F 66 1.73 -13.73 25.59
N ALA F 67 1.41 -14.99 25.85
CA ALA F 67 0.03 -15.46 25.81
C ALA F 67 -0.67 -15.26 27.16
N ALA F 68 -0.60 -14.05 27.69
CA ALA F 68 -1.26 -13.72 28.94
C ALA F 68 -2.75 -14.02 28.85
N SER F 69 -3.31 -14.56 29.94
CA SER F 69 -4.72 -14.94 29.97
C SER F 69 -5.66 -13.74 29.82
N GLY F 70 -5.46 -12.71 30.64
CA GLY F 70 -6.29 -11.50 30.57
C GLY F 70 -5.89 -10.57 29.42
N MET F 71 -5.41 -11.16 28.33
CA MET F 71 -4.91 -10.37 27.22
C MET F 71 -5.93 -10.17 26.12
N ASP F 72 -6.05 -8.90 25.69
CA ASP F 72 -6.82 -8.58 24.49
C ASP F 72 -6.63 -9.67 23.44
N ARG F 73 -7.76 -10.18 22.94
CA ARG F 73 -7.77 -11.25 21.94
C ARG F 73 -7.19 -10.89 20.56
N VAL F 74 -7.50 -9.69 20.06
CA VAL F 74 -6.99 -9.27 18.77
C VAL F 74 -5.47 -9.14 18.88
N THR F 75 -5.05 -8.24 19.75
CA THR F 75 -3.63 -8.05 20.06
C THR F 75 -2.96 -9.41 20.07
N GLY F 76 -3.53 -10.33 20.86
CA GLY F 76 -3.03 -11.69 21.00
C GLY F 76 -3.04 -12.45 19.70
N ASP F 77 -4.06 -12.23 18.87
CA ASP F 77 -4.18 -12.97 17.60
C ASP F 77 -3.21 -12.42 16.60
N HIS F 78 -3.00 -11.11 16.64
CA HIS F 78 -2.02 -10.50 15.77
C HIS F 78 -0.65 -11.13 16.10
N MET F 79 -0.31 -11.12 17.38
CA MET F 79 0.92 -11.75 17.83
C MET F 79 1.08 -13.17 17.29
N GLY F 80 0.00 -13.93 17.29
CA GLY F 80 0.06 -15.31 16.79
C GLY F 80 0.32 -15.30 15.30
N MET F 81 -0.45 -14.46 14.59
CA MET F 81 -0.20 -14.31 13.17
C MET F 81 1.31 -14.08 12.93
N LEU F 82 1.86 -13.05 13.57
CA LEU F 82 3.26 -12.74 13.39
C LEU F 82 4.11 -13.99 13.61
N ALA F 83 3.75 -14.73 14.64
CA ALA F 83 4.52 -15.91 14.99
C ALA F 83 4.53 -16.87 13.81
N THR F 84 3.44 -16.92 13.07
CA THR F 84 3.32 -17.90 12.02
C THR F 84 4.19 -17.51 10.85
N VAL F 85 4.42 -16.21 10.70
CA VAL F 85 5.29 -15.72 9.63
C VAL F 85 6.69 -16.15 9.94
N ILE F 86 7.12 -15.91 11.18
CA ILE F 86 8.43 -16.37 11.61
C ILE F 86 8.63 -17.84 11.26
N ASN F 87 7.71 -18.69 11.69
CA ASN F 87 7.84 -20.13 11.38
C ASN F 87 7.80 -20.35 9.87
N ALA F 88 6.99 -19.56 9.17
CA ALA F 88 6.87 -19.75 7.74
C ALA F 88 8.24 -19.53 7.10
N LEU F 89 8.95 -18.52 7.58
CA LEU F 89 10.24 -18.10 7.00
C LEU F 89 11.29 -19.14 7.28
N ALA F 90 11.24 -19.69 8.49
CA ALA F 90 12.21 -20.69 8.90
C ALA F 90 12.15 -21.85 7.94
N MET F 91 10.93 -22.33 7.69
CA MET F 91 10.67 -23.41 6.73
C MET F 91 11.15 -23.03 5.34
N GLN F 92 10.88 -21.80 4.92
CA GLN F 92 11.36 -21.33 3.62
C GLN F 92 12.88 -21.57 3.55
N ASP F 93 13.61 -21.02 4.52
CA ASP F 93 15.05 -21.14 4.56
C ASP F 93 15.58 -22.57 4.57
N ALA F 94 15.02 -23.40 5.43
CA ALA F 94 15.36 -24.82 5.50
C ALA F 94 15.07 -25.56 4.17
N LEU F 95 13.99 -25.15 3.53
CA LEU F 95 13.50 -25.84 2.32
C LEU F 95 14.39 -25.44 1.14
N GLU F 96 14.83 -24.19 1.14
CA GLU F 96 15.64 -23.67 0.03
C GLU F 96 17.06 -24.24 0.03
N LYS F 97 17.63 -24.40 1.21
CA LYS F 97 18.94 -25.05 1.34
C LYS F 97 18.95 -26.39 0.61
N LEU F 98 17.90 -27.18 0.79
CA LEU F 98 17.76 -28.45 0.11
C LEU F 98 17.37 -28.30 -1.36
N GLY F 99 17.46 -27.08 -1.88
CA GLY F 99 17.24 -26.85 -3.32
C GLY F 99 15.83 -26.61 -3.82
N ALA F 100 14.82 -26.79 -2.96
CA ALA F 100 13.43 -26.59 -3.39
C ALA F 100 13.05 -25.12 -3.62
N LYS F 101 12.07 -24.89 -4.48
CA LYS F 101 11.51 -23.56 -4.67
C LYS F 101 10.30 -23.38 -3.75
N VAL F 102 10.21 -22.24 -3.08
CA VAL F 102 9.10 -21.97 -2.17
C VAL F 102 8.58 -20.55 -2.35
N ARG F 103 7.37 -20.33 -1.85
CA ARG F 103 6.71 -19.03 -1.91
C ARG F 103 5.95 -18.84 -0.59
N VAL F 104 6.50 -18.04 0.31
CA VAL F 104 5.75 -17.74 1.52
C VAL F 104 4.72 -16.67 1.19
N MET F 105 3.47 -16.88 1.62
CA MET F 105 2.44 -15.87 1.35
C MET F 105 1.65 -15.57 2.62
N SER F 106 1.46 -14.27 2.88
CA SER F 106 0.86 -13.80 4.10
C SER F 106 -0.56 -13.25 3.88
N ALA F 107 -1.45 -13.61 4.78
CA ALA F 107 -2.83 -13.13 4.71
C ALA F 107 -2.86 -11.65 5.09
N ILE F 108 -1.89 -11.20 5.90
CA ILE F 108 -1.75 -9.77 6.18
C ILE F 108 -0.48 -9.26 5.47
N LYS F 109 -0.57 -8.09 4.85
CA LYS F 109 0.53 -7.57 4.05
C LYS F 109 1.81 -7.21 4.83
N ILE F 110 2.94 -7.83 4.44
CA ILE F 110 4.24 -7.57 5.03
C ILE F 110 5.24 -7.74 3.91
N ASN F 111 5.10 -6.94 2.87
CA ASN F 111 5.94 -7.14 1.70
C ASN F 111 7.43 -7.16 1.91
N ASP F 112 7.94 -6.46 2.90
CA ASP F 112 9.37 -6.56 3.17
C ASP F 112 9.71 -8.02 3.27
N VAL F 113 8.94 -8.75 4.09
CA VAL F 113 9.28 -10.08 4.57
C VAL F 113 8.87 -11.20 3.62
N CYS F 114 7.75 -10.99 2.91
CA CYS F 114 7.21 -12.00 1.97
C CYS F 114 6.02 -11.45 1.16
N GLU F 115 5.61 -12.18 0.11
CA GLU F 115 4.52 -11.65 -0.73
C GLU F 115 3.16 -11.78 -0.08
N ASP F 116 2.16 -11.16 -0.69
CA ASP F 116 0.79 -11.23 -0.16
C ASP F 116 0.08 -12.42 -0.77
N PHE F 117 -0.78 -13.05 0.01
CA PHE F 117 -1.59 -14.08 -0.56
C PHE F 117 -2.44 -13.47 -1.65
N ILE F 118 -2.25 -13.95 -2.87
CA ILE F 118 -3.14 -13.65 -3.98
C ILE F 118 -3.56 -14.95 -4.64
N ARG F 119 -4.85 -15.25 -4.60
CA ARG F 119 -5.31 -16.57 -4.95
C ARG F 119 -4.81 -17.00 -6.32
N ARG F 120 -5.05 -16.17 -7.32
CA ARG F 120 -4.59 -16.49 -8.67
C ARG F 120 -3.08 -16.69 -8.70
N ARG F 121 -2.36 -16.08 -7.77
CA ARG F 121 -0.90 -16.16 -7.74
C ARG F 121 -0.43 -17.42 -7.04
N ALA F 122 -1.05 -17.72 -5.90
CA ALA F 122 -0.70 -18.92 -5.16
C ALA F 122 -0.90 -20.09 -6.07
N ILE F 123 -2.06 -20.15 -6.71
CA ILE F 123 -2.30 -21.24 -7.64
C ILE F 123 -1.15 -21.30 -8.67
N ARG F 124 -0.97 -20.24 -9.44
CA ARG F 124 0.05 -20.23 -10.48
C ARG F 124 1.37 -20.80 -9.95
N HIS F 125 1.75 -20.40 -8.74
CA HIS F 125 3.00 -20.85 -8.13
C HIS F 125 3.02 -22.35 -7.99
N LEU F 126 1.88 -22.95 -7.66
CA LEU F 126 1.85 -24.41 -7.48
C LEU F 126 2.03 -25.12 -8.81
N GLU F 127 1.49 -24.52 -9.87
CA GLU F 127 1.61 -25.11 -11.20
C GLU F 127 3.07 -25.15 -11.64
N LYS F 128 3.85 -24.16 -11.21
CA LYS F 128 5.27 -24.11 -11.52
C LYS F 128 6.06 -24.96 -10.55
N GLY F 129 5.36 -25.74 -9.74
CA GLY F 129 6.03 -26.67 -8.84
C GLY F 129 6.86 -25.96 -7.80
N ARG F 130 6.24 -25.00 -7.13
CA ARG F 130 6.83 -24.37 -5.96
C ARG F 130 5.96 -24.72 -4.77
N ILE F 131 6.54 -24.66 -3.59
CA ILE F 131 5.83 -24.94 -2.36
C ILE F 131 5.25 -23.65 -1.78
N ALA F 132 3.92 -23.63 -1.64
CA ALA F 132 3.23 -22.49 -1.09
C ALA F 132 3.16 -22.64 0.42
N ILE F 133 3.69 -21.64 1.13
CA ILE F 133 3.69 -21.66 2.59
C ILE F 133 2.88 -20.47 3.08
N PHE F 134 1.69 -20.74 3.61
CA PHE F 134 0.76 -19.67 3.98
C PHE F 134 0.89 -19.30 5.43
N ALA F 135 0.77 -18.00 5.71
CA ALA F 135 0.90 -17.53 7.08
C ALA F 135 -0.15 -16.50 7.42
N ALA F 136 -0.44 -16.39 8.72
CA ALA F 136 -1.29 -15.33 9.25
C ALA F 136 -2.78 -15.69 9.08
N GLY F 137 -3.03 -16.99 8.88
CA GLY F 137 -4.38 -17.53 8.90
C GLY F 137 -5.26 -16.99 7.81
N THR F 138 -6.38 -16.41 8.20
CA THR F 138 -7.28 -15.76 7.24
C THR F 138 -7.01 -14.29 7.29
N GLY F 139 -6.09 -13.89 8.16
CA GLY F 139 -5.79 -12.47 8.36
C GLY F 139 -6.80 -11.76 9.25
N ASN F 140 -7.76 -12.51 9.79
CA ASN F 140 -8.71 -11.98 10.76
C ASN F 140 -8.49 -12.54 12.16
N PRO F 141 -8.83 -11.76 13.18
CA PRO F 141 -8.71 -12.32 14.52
C PRO F 141 -9.97 -13.14 14.82
N PHE F 142 -9.92 -14.00 15.84
CA PHE F 142 -11.05 -14.87 16.22
C PHE F 142 -11.20 -16.09 15.33
N PHE F 143 -10.30 -16.27 14.37
CA PHE F 143 -10.37 -17.45 13.52
C PHE F 143 -9.18 -18.35 13.82
N THR F 144 -9.41 -19.64 13.90
CA THR F 144 -8.32 -20.55 14.27
C THR F 144 -7.39 -20.75 13.07
N THR F 145 -6.22 -21.32 13.35
CA THR F 145 -5.30 -21.73 12.31
C THR F 145 -5.95 -22.78 11.41
N ASP F 146 -6.84 -23.61 11.97
CA ASP F 146 -7.61 -24.53 11.14
C ASP F 146 -8.40 -23.73 10.10
N SER F 147 -9.11 -22.69 10.54
CA SER F 147 -9.92 -21.93 9.61
C SER F 147 -9.09 -21.45 8.42
N GLY F 148 -8.00 -20.75 8.71
CA GLY F 148 -7.12 -20.24 7.66
C GLY F 148 -6.76 -21.35 6.69
N ALA F 149 -6.50 -22.53 7.27
CA ALA F 149 -6.02 -23.70 6.53
C ALA F 149 -7.08 -24.24 5.59
N ALA F 150 -8.31 -24.31 6.08
CA ALA F 150 -9.40 -24.80 5.26
C ALA F 150 -9.63 -23.77 4.17
N LEU F 151 -9.57 -22.50 4.54
CA LEU F 151 -9.85 -21.44 3.60
C LEU F 151 -8.91 -21.53 2.42
N ARG F 152 -7.62 -21.68 2.73
CA ARG F 152 -6.60 -21.70 1.69
C ARG F 152 -6.79 -22.98 0.88
N ALA F 153 -7.15 -24.07 1.56
CA ALA F 153 -7.32 -25.34 0.85
C ALA F 153 -8.40 -25.22 -0.21
N ILE F 154 -9.55 -24.71 0.19
CA ILE F 154 -10.61 -24.46 -0.75
C ILE F 154 -10.12 -23.53 -1.85
N GLU F 155 -9.39 -22.49 -1.45
CA GLU F 155 -8.96 -21.46 -2.38
C GLU F 155 -8.13 -22.01 -3.54
N ILE F 156 -7.18 -22.87 -3.24
CA ILE F 156 -6.29 -23.38 -4.28
C ILE F 156 -6.87 -24.59 -4.97
N GLY F 157 -8.07 -24.96 -4.55
CA GLY F 157 -8.74 -26.13 -5.11
C GLY F 157 -7.98 -27.39 -4.76
N ALA F 158 -7.50 -27.43 -3.52
CA ALA F 158 -6.79 -28.58 -3.00
C ALA F 158 -7.67 -29.85 -3.01
N ASP F 159 -7.08 -30.98 -3.41
CA ASP F 159 -7.78 -32.26 -3.39
C ASP F 159 -7.88 -32.81 -1.96
N LEU F 160 -6.95 -32.41 -1.10
CA LEU F 160 -6.86 -33.02 0.21
C LEU F 160 -6.23 -32.07 1.23
N LEU F 161 -6.93 -31.83 2.33
CA LEU F 161 -6.40 -31.11 3.49
C LEU F 161 -5.86 -32.10 4.52
N LEU F 162 -4.55 -32.06 4.79
CA LEU F 162 -3.96 -32.98 5.75
C LEU F 162 -3.64 -32.29 7.06
N LYS F 163 -4.28 -32.74 8.13
CA LYS F 163 -4.05 -32.15 9.45
C LYS F 163 -3.25 -33.11 10.33
N ALA F 164 -2.00 -32.74 10.61
CA ALA F 164 -1.18 -33.57 11.45
C ALA F 164 -1.34 -33.14 12.90
N THR F 165 -1.83 -34.04 13.74
CA THR F 165 -1.93 -33.72 15.16
C THR F 165 -1.26 -34.74 16.08
N LYS F 166 -1.57 -34.62 17.36
CA LYS F 166 -1.00 -35.48 18.36
C LYS F 166 -1.52 -36.90 18.13
N VAL F 167 -2.83 -37.08 18.34
CA VAL F 167 -3.41 -38.41 18.19
C VAL F 167 -3.36 -38.82 16.72
N ASP F 168 -3.23 -40.12 16.48
CA ASP F 168 -2.99 -40.63 15.13
C ASP F 168 -4.24 -40.61 14.25
N GLY F 169 -5.33 -40.03 14.74
CA GLY F 169 -6.55 -39.93 13.93
C GLY F 169 -7.75 -39.40 14.70
N VAL F 170 -8.89 -40.03 14.45
CA VAL F 170 -10.16 -39.63 15.07
C VAL F 170 -10.74 -40.83 15.81
N TYR F 171 -10.71 -40.74 17.13
CA TYR F 171 -11.09 -41.86 17.96
C TYR F 171 -12.35 -41.52 18.75
N ASP F 172 -13.18 -42.52 19.00
CA ASP F 172 -14.32 -42.34 19.91
C ASP F 172 -13.82 -42.26 21.36
N LYS F 173 -13.76 -41.04 21.91
CA LYS F 173 -13.32 -40.80 23.30
C LYS F 173 -11.81 -40.85 23.53
N ASP F 174 -11.05 -41.26 22.52
CA ASP F 174 -9.58 -41.23 22.60
C ASP F 174 -8.91 -42.58 22.95
N PRO F 175 -7.64 -42.74 22.54
CA PRO F 175 -6.82 -43.92 22.86
C PRO F 175 -6.65 -44.18 24.37
N LYS F 176 -6.69 -45.47 24.74
CA LYS F 176 -6.55 -45.93 26.12
C LYS F 176 -7.90 -45.90 26.81
N LYS F 177 -8.39 -44.68 27.08
CA LYS F 177 -9.58 -44.46 27.89
C LYS F 177 -10.86 -44.99 27.27
N HIS F 178 -11.12 -46.27 27.47
CA HIS F 178 -12.35 -46.92 26.99
C HIS F 178 -12.15 -47.84 25.79
N SER F 179 -11.86 -49.11 26.08
CA SER F 179 -11.59 -50.10 25.06
C SER F 179 -11.07 -49.49 23.76
N ASP F 180 -9.86 -48.92 23.85
CA ASP F 180 -9.13 -48.31 22.73
C ASP F 180 -9.99 -48.10 21.49
N ALA F 181 -10.61 -46.93 21.43
CA ALA F 181 -11.46 -46.53 20.31
C ALA F 181 -10.97 -47.06 18.96
N VAL F 182 -11.90 -47.53 18.13
CA VAL F 182 -11.57 -47.98 16.77
C VAL F 182 -11.48 -46.79 15.79
N ARG F 183 -10.27 -46.56 15.26
CA ARG F 183 -10.02 -45.47 14.31
C ARG F 183 -10.84 -45.58 13.04
N TYR F 184 -11.89 -44.76 12.93
CA TYR F 184 -12.76 -44.80 11.77
C TYR F 184 -11.93 -44.57 10.53
N ASP F 185 -11.84 -45.60 9.68
CA ASP F 185 -11.10 -45.47 8.41
C ASP F 185 -11.78 -44.46 7.48
N SER F 186 -12.77 -43.77 8.01
CA SER F 186 -13.51 -42.76 7.28
C SER F 186 -14.70 -42.34 8.12
N LEU F 187 -15.36 -41.26 7.72
CA LEU F 187 -16.40 -40.65 8.54
C LEU F 187 -16.96 -39.47 7.77
N THR F 188 -18.20 -39.56 7.31
CA THR F 188 -18.82 -38.43 6.62
C THR F 188 -18.84 -37.20 7.54
N TYR F 189 -19.27 -36.06 6.98
CA TYR F 189 -19.31 -34.81 7.71
C TYR F 189 -20.39 -34.80 8.79
N ASP F 190 -21.63 -35.06 8.37
CA ASP F 190 -22.78 -35.07 9.27
C ASP F 190 -22.58 -36.06 10.43
N GLU F 191 -21.88 -37.15 10.14
CA GLU F 191 -21.59 -38.16 11.17
C GLU F 191 -20.80 -37.53 12.31
N VAL F 192 -19.76 -36.77 11.95
CA VAL F 192 -18.95 -36.07 12.92
C VAL F 192 -19.80 -35.14 13.80
N ILE F 193 -20.73 -34.41 13.17
CA ILE F 193 -21.58 -33.53 13.96
C ILE F 193 -22.49 -34.33 14.88
N MET F 194 -23.25 -35.26 14.30
CA MET F 194 -24.15 -36.09 15.10
C MET F 194 -23.42 -36.60 16.33
N GLN F 195 -22.27 -37.24 16.12
CA GLN F 195 -21.54 -37.91 17.21
C GLN F 195 -20.77 -36.96 18.15
N GLY F 196 -20.65 -35.69 17.75
CA GLY F 196 -20.00 -34.68 18.58
C GLY F 196 -18.51 -34.91 18.80
N LEU F 197 -17.87 -35.47 17.78
CA LEU F 197 -16.42 -35.62 17.78
C LEU F 197 -15.76 -34.30 17.38
N GLU F 198 -14.49 -34.17 17.78
CA GLU F 198 -13.69 -32.98 17.51
C GLU F 198 -12.74 -33.23 16.35
N VAL F 199 -12.62 -32.24 15.47
CA VAL F 199 -11.77 -32.33 14.29
C VAL F 199 -11.17 -30.98 14.08
N MET F 200 -12.05 -30.01 13.95
CA MET F 200 -11.71 -28.61 13.93
C MET F 200 -12.86 -27.91 14.63
N ASP F 201 -12.57 -26.70 15.13
CA ASP F 201 -13.61 -25.89 15.74
C ASP F 201 -14.78 -25.71 14.76
N THR F 202 -15.98 -25.52 15.33
CA THR F 202 -17.21 -25.44 14.57
C THR F 202 -17.03 -24.64 13.26
N ALA F 203 -16.55 -23.41 13.38
CA ALA F 203 -16.40 -22.50 12.24
C ALA F 203 -15.50 -23.07 11.13
N ALA F 204 -14.39 -23.68 11.53
CA ALA F 204 -13.45 -24.26 10.56
C ALA F 204 -14.10 -25.46 9.89
N PHE F 205 -14.75 -26.29 10.70
CA PHE F 205 -15.39 -27.48 10.18
C PHE F 205 -16.51 -27.13 9.21
N ALA F 206 -17.21 -26.05 9.52
CA ALA F 206 -18.31 -25.57 8.68
C ALA F 206 -17.79 -25.17 7.32
N LEU F 207 -16.68 -24.43 7.31
CA LEU F 207 -16.10 -24.01 6.04
C LEU F 207 -15.74 -25.27 5.23
N ALA F 208 -15.00 -26.18 5.86
CA ALA F 208 -14.50 -27.37 5.18
C ALA F 208 -15.63 -28.21 4.61
N ARG F 209 -16.72 -28.28 5.37
CA ARG F 209 -17.92 -29.05 5.04
C ARG F 209 -18.61 -28.45 3.83
N ASP F 210 -18.93 -27.17 3.90
CA ASP F 210 -19.65 -26.46 2.83
C ASP F 210 -19.07 -26.62 1.41
N SER F 211 -17.77 -26.82 1.29
CA SER F 211 -17.14 -26.99 -0.02
C SER F 211 -16.82 -28.45 -0.29
N ASP F 212 -17.25 -29.32 0.63
CA ASP F 212 -16.94 -30.77 0.63
C ASP F 212 -15.44 -31.02 0.50
N LEU F 213 -14.67 -30.62 1.49
CA LEU F 213 -13.23 -30.72 1.39
C LEU F 213 -12.72 -31.97 2.10
N PRO F 214 -12.08 -32.87 1.35
CA PRO F 214 -11.53 -34.04 2.03
C PRO F 214 -10.48 -33.67 3.09
N LEU F 215 -10.75 -34.03 4.33
CA LEU F 215 -9.80 -33.80 5.42
C LEU F 215 -8.69 -34.85 5.48
N ARG F 216 -8.66 -35.65 6.53
CA ARG F 216 -7.55 -36.57 6.86
C ARG F 216 -6.77 -36.15 8.09
N ILE F 217 -7.18 -36.66 9.24
CA ILE F 217 -6.53 -36.38 10.51
C ILE F 217 -5.56 -37.50 10.74
N PHE F 218 -4.32 -37.18 11.09
CA PHE F 218 -3.28 -38.21 11.28
C PHE F 218 -2.08 -37.68 12.05
N GLY F 219 -1.15 -38.61 12.34
CA GLY F 219 0.14 -38.24 12.93
C GLY F 219 1.34 -38.43 12.00
N MET F 220 2.23 -37.44 11.96
CA MET F 220 3.49 -37.57 11.23
C MET F 220 4.62 -38.08 12.13
N SER F 221 4.50 -39.27 12.69
CA SER F 221 5.57 -39.78 13.53
C SER F 221 6.64 -40.50 12.71
N GLU F 222 6.22 -41.47 11.90
CA GLU F 222 7.16 -42.20 11.05
C GLU F 222 7.50 -41.44 9.77
N PRO F 223 8.81 -41.38 9.41
CA PRO F 223 9.21 -40.71 8.16
C PRO F 223 8.77 -41.50 6.92
N GLY F 224 8.15 -40.81 5.97
CA GLY F 224 7.63 -41.45 4.78
C GLY F 224 6.12 -41.61 4.81
N VAL F 225 5.50 -41.12 5.89
CA VAL F 225 4.03 -41.25 6.05
C VAL F 225 3.28 -40.48 4.96
N LEU F 226 3.80 -39.30 4.62
CA LEU F 226 3.19 -38.41 3.63
C LEU F 226 3.22 -39.04 2.24
N LEU F 227 4.38 -39.56 1.84
CA LEU F 227 4.53 -40.14 0.51
C LEU F 227 3.52 -41.26 0.33
N ARG F 228 3.34 -42.06 1.38
CA ARG F 228 2.39 -43.16 1.34
C ARG F 228 0.96 -42.65 1.16
N ILE F 229 0.51 -41.74 2.04
CA ILE F 229 -0.87 -41.25 2.03
C ILE F 229 -1.27 -40.83 0.62
N LEU F 230 -0.37 -40.10 -0.04
CA LEU F 230 -0.58 -39.59 -1.39
C LEU F 230 -0.81 -40.73 -2.35
N HIS F 231 0.04 -41.76 -2.26
CA HIS F 231 -0.07 -42.88 -3.20
C HIS F 231 -1.44 -43.51 -3.09
N GLY F 232 -1.79 -43.97 -1.89
CA GLY F 232 -3.14 -44.51 -1.64
C GLY F 232 -3.33 -45.00 -0.22
N ALA F 233 -2.24 -45.04 0.54
CA ALA F 233 -2.28 -45.51 1.93
C ALA F 233 -3.45 -44.93 2.72
N GLN F 234 -4.18 -45.83 3.40
CA GLN F 234 -5.30 -45.45 4.26
C GLN F 234 -4.84 -45.22 5.71
N ILE F 235 -3.98 -44.24 5.94
CA ILE F 235 -3.53 -43.93 7.31
C ILE F 235 -4.50 -42.97 7.98
N GLY F 236 -4.55 -42.96 9.32
CA GLY F 236 -5.43 -42.05 10.06
C GLY F 236 -6.86 -42.09 9.54
N THR F 237 -7.68 -41.12 9.95
CA THR F 237 -9.06 -41.08 9.46
C THR F 237 -9.10 -40.41 8.08
N LEU F 238 -10.30 -40.14 7.58
CA LEU F 238 -10.48 -39.36 6.34
C LEU F 238 -11.92 -38.91 6.39
N VAL F 239 -12.13 -37.59 6.52
CA VAL F 239 -13.49 -37.07 6.62
C VAL F 239 -13.94 -36.62 5.24
N GLN F 240 -15.17 -36.97 4.87
CA GLN F 240 -15.69 -36.70 3.53
C GLN F 240 -17.18 -37.05 3.38
N GLY F 241 -17.80 -36.54 2.31
CA GLY F 241 -19.20 -36.88 1.94
C GLY F 241 -20.30 -36.40 2.87
N ARG F 242 -21.52 -36.90 2.66
CA ARG F 242 -22.71 -36.54 3.46
C ARG F 242 -23.61 -37.73 3.83
N SER F 243 -23.92 -38.54 2.97
#